data_2VOT
#
_entry.id   2VOT
#
_cell.length_a   91.315
_cell.length_b   115.289
_cell.length_c   99.400
_cell.angle_alpha   90.00
_cell.angle_beta   113.14
_cell.angle_gamma   90.00
#
_symmetry.space_group_name_H-M   'P 1 21 1'
#
loop_
_entity.id
_entity.type
_entity.pdbx_description
1 polymer BETA-MANNOSIDASE
2 non-polymer (5R,6R,7S,8R)-6,7,8-trihydroxy-5-(hydroxymethyl)-2-[(phenylamino)methyl]-5,6,7,8-tetrahydro-1H-imidazo[1,2-a]pyridin-4-ium
3 non-polymer 1,2-ETHANEDIOL
4 non-polymer 'BROMIDE ION'
5 non-polymer 'CHLORIDE ION'
6 water water
#
_entity_poly.entity_id   1
_entity_poly.type   'polypeptide(L)'
_entity_poly.pdbx_seq_one_letter_code
;QGNDTSEVMLLDTGWEFSQSGTEKWMPATVPGTVHQDLISHELLPNPFYGMNEKKIQWVENEDWEYRTSFIVSEEQLNRD
GIQLIFEGLDTYADVYLNGSLLLKADNMFVGYTLPVKSVLRKGENHLYIYFHSPIRQTLPQYASNGFNYPADNDHHEKHL
SVFSRKAPYSYGWDWGIRMVTSGVWRPVTLRFYDIATISDYYVRQLSLTDENARLSNELIVNQIVPQKIPAEVRVNVSLN
GTTVTEVKQQVTLQPGINHITLPAEVTNPVRWMPNGWGTPTLYDFSAQIACGDRIVAEQSHRIGLRTIRVVNEKDKDGES
FYFEVNGIPMFAKGANYIPQDALLPNVTTERYQTLFRDMKEANMNMVRIWGGGTYENNLFYDLADENGILVWQDFMFACT
PYPSDPTFLKRVEAEAVYNIRRLRNHASLAMWCGNNEILEALKYWGFEKKFTPEVYQGLMHGYDKLFRELLPSTVKEFDS
DRFYVHSSPYLANWGRPESWGTGDSHNWGVWYGKKPFESLDTDLPRFMSEFGFQSFPEMKTIAAFAAPEDYQIESEVMNA
HQKSSIGNSLIRTYMERDYIIPESFEDFVYVGLVLQGQGMRHGLEAHRRNRPYCMGTLYWQLNDSWPVVSWSSIDYYGNW
KALHYQAKRAFAPVLINPIQQNDSLSVYLISDRLDTMEQMTLEMKVVDFDGKTLGKKIQVHSLEVPANTSKCVYRAKLDG
WLTPEDCRRSFLKLILKDKSGHQVAESVHFFRKTKDLQLPPTSVSYQMKQTDGKCELTLFSSMLAKDIFIETPLQGARYS
DNFFDLLPGERKKVIITSPRIKKGEELPVNIKHIRETYKEHHHHHH
;
_entity_poly.pdbx_strand_id   A,B
#
loop_
_chem_comp.id
_chem_comp.type
_chem_comp.name
_chem_comp.formula
BR non-polymer 'BROMIDE ION' 'Br -1'
CL non-polymer 'CHLORIDE ION' 'Cl -1'
EDO non-polymer 1,2-ETHANEDIOL 'C2 H6 O2'
NHV non-polymer (5R,6R,7S,8R)-6,7,8-trihydroxy-5-(hydroxymethyl)-2-[(phenylamino)methyl]-5,6,7,8-tetrahydro-1H-imidazo[1,2-a]pyridin-4-ium 'C15 H20 N3 O4 1'
#
# COMPACT_ATOMS: atom_id res chain seq x y z
N ASN A 3 1.39 15.06 -18.30
CA ASN A 3 1.24 14.15 -19.48
C ASN A 3 1.38 14.88 -20.82
N ASP A 4 0.80 16.08 -20.88
CA ASP A 4 0.78 16.90 -22.09
C ASP A 4 0.72 18.38 -21.65
N THR A 5 0.56 19.31 -22.61
CA THR A 5 0.52 20.74 -22.28
C THR A 5 -0.82 21.27 -21.75
N SER A 6 -1.85 20.44 -21.65
CA SER A 6 -3.13 20.94 -21.15
C SER A 6 -3.10 21.20 -19.66
N GLU A 7 -4.02 22.03 -19.18
CA GLU A 7 -4.20 22.28 -17.77
C GLU A 7 -5.60 21.85 -17.40
N VAL A 8 -5.72 21.09 -16.31
CA VAL A 8 -7.01 20.64 -15.84
C VAL A 8 -7.36 21.33 -14.53
N MET A 9 -8.52 21.97 -14.51
CA MET A 9 -9.08 22.57 -13.33
CA MET A 9 -9.09 22.58 -13.31
CA MET A 9 -9.08 22.55 -13.30
C MET A 9 -10.22 21.68 -12.79
N LEU A 10 -10.07 21.20 -11.55
CA LEU A 10 -11.12 20.40 -10.98
C LEU A 10 -12.14 21.35 -10.34
N LEU A 11 -13.38 21.30 -10.77
CA LEU A 11 -14.43 22.07 -10.12
C LEU A 11 -15.01 21.27 -8.95
N ASP A 12 -14.23 21.16 -7.87
CA ASP A 12 -14.66 20.45 -6.68
C ASP A 12 -14.81 21.32 -5.42
N THR A 13 -14.75 22.64 -5.56
CA THR A 13 -15.07 23.53 -4.45
C THR A 13 -15.98 24.70 -4.73
N GLY A 14 -16.42 25.30 -3.63
CA GLY A 14 -17.19 26.52 -3.65
C GLY A 14 -18.60 26.27 -4.09
N TRP A 15 -19.05 25.02 -4.03
CA TRP A 15 -20.40 24.70 -4.46
C TRP A 15 -21.37 24.97 -3.33
N GLU A 16 -22.54 25.47 -3.69
CA GLU A 16 -23.66 25.61 -2.80
C GLU A 16 -24.84 25.00 -3.47
N PHE A 17 -25.80 24.57 -2.65
CA PHE A 17 -27.08 24.05 -3.08
C PHE A 17 -28.29 24.77 -2.44
N SER A 18 -29.45 24.58 -3.06
CA SER A 18 -30.73 25.15 -2.55
C SER A 18 -31.89 24.27 -2.89
N GLN A 19 -32.85 24.10 -1.98
CA GLN A 19 -34.13 23.53 -2.35
C GLN A 19 -34.80 24.54 -3.28
N SER A 20 -35.26 24.11 -4.44
CA SER A 20 -35.77 25.07 -5.43
C SER A 20 -36.95 25.80 -4.87
N GLY A 21 -36.87 27.12 -4.98
CA GLY A 21 -37.99 28.00 -4.65
C GLY A 21 -37.86 28.51 -3.24
N THR A 22 -36.77 28.18 -2.55
CA THR A 22 -36.62 28.64 -1.19
C THR A 22 -35.73 29.86 -1.13
N GLU A 23 -34.84 30.00 -2.10
CA GLU A 23 -33.87 31.11 -2.13
C GLU A 23 -32.80 31.05 -1.02
N LYS A 24 -32.81 29.97 -0.25
CA LYS A 24 -31.81 29.73 0.79
C LYS A 24 -30.70 28.82 0.27
N TRP A 25 -29.47 29.29 0.29
CA TRP A 25 -28.32 28.50 -0.20
C TRP A 25 -27.43 28.05 0.96
N MET A 26 -26.94 26.82 0.88
CA MET A 26 -25.95 26.31 1.86
C MET A 26 -24.76 25.64 1.14
N PRO A 27 -23.57 25.60 1.80
CA PRO A 27 -22.40 24.94 1.18
C PRO A 27 -22.67 23.46 0.84
N ALA A 28 -22.09 22.95 -0.23
CA ALA A 28 -22.36 21.57 -0.60
C ALA A 28 -21.03 20.98 -1.00
N THR A 29 -21.02 19.67 -1.12
CA THR A 29 -19.82 18.91 -1.47
C THR A 29 -20.10 18.23 -2.81
N VAL A 30 -19.19 18.41 -3.74
CA VAL A 30 -19.35 17.92 -5.11
C VAL A 30 -18.03 17.30 -5.52
N PRO A 31 -18.03 16.05 -6.02
CA PRO A 31 -19.16 15.14 -6.25
C PRO A 31 -19.90 14.82 -4.95
N GLY A 32 -21.20 14.57 -5.04
CA GLY A 32 -22.03 14.34 -3.87
C GLY A 32 -23.45 14.14 -4.26
N THR A 33 -24.33 14.25 -3.26
CA THR A 33 -25.73 13.93 -3.44
C THR A 33 -26.50 14.96 -2.68
N VAL A 34 -27.74 15.20 -3.08
CA VAL A 34 -28.61 16.13 -2.33
C VAL A 34 -28.75 15.65 -0.88
N HIS A 35 -29.07 14.36 -0.74
CA HIS A 35 -29.24 13.71 0.60
C HIS A 35 -28.03 13.92 1.53
N GLN A 36 -26.82 13.63 1.07
CA GLN A 36 -25.65 13.87 1.90
C GLN A 36 -25.55 15.37 2.25
N ASP A 37 -25.81 16.25 1.29
CA ASP A 37 -25.71 17.70 1.57
C ASP A 37 -26.68 18.12 2.67
N LEU A 38 -27.89 17.57 2.67
CA LEU A 38 -28.91 17.78 3.71
C LEU A 38 -28.48 17.21 5.07
N ILE A 39 -28.07 15.94 5.08
CA ILE A 39 -27.53 15.26 6.28
C ILE A 39 -26.42 16.09 6.92
N SER A 40 -25.50 16.59 6.10
CA SER A 40 -24.40 17.37 6.58
C SER A 40 -24.83 18.70 7.18
N HIS A 41 -26.10 19.08 7.04
CA HIS A 41 -26.61 20.27 7.77
C HIS A 41 -27.74 19.87 8.74
N GLU A 42 -27.80 18.59 9.07
CA GLU A 42 -28.84 18.05 9.93
C GLU A 42 -30.26 18.44 9.45
N LEU A 43 -30.51 18.28 8.15
CA LEU A 43 -31.81 18.57 7.56
C LEU A 43 -32.49 17.28 7.21
N LEU A 44 -31.80 16.17 7.49
CA LEU A 44 -32.38 14.85 7.52
C LEU A 44 -31.84 14.11 8.71
N PRO A 45 -32.63 13.16 9.24
CA PRO A 45 -32.11 12.25 10.25
C PRO A 45 -31.18 11.24 9.56
N ASN A 46 -30.41 10.46 10.33
CA ASN A 46 -29.57 9.38 9.75
C ASN A 46 -30.48 8.44 9.06
N PRO A 47 -30.39 8.43 7.70
CA PRO A 47 -31.41 7.73 6.95
C PRO A 47 -31.39 6.24 7.25
N PHE A 48 -30.26 5.76 7.75
CA PHE A 48 -30.02 4.33 8.02
C PHE A 48 -30.46 3.91 9.42
N TYR A 49 -30.59 4.88 10.34
CA TYR A 49 -30.99 4.65 11.77
C TYR A 49 -32.49 4.41 11.90
N GLY A 50 -32.91 3.28 12.45
CA GLY A 50 -34.30 3.04 12.86
C GLY A 50 -35.47 2.85 11.88
N MET A 51 -36.53 3.64 12.08
CA MET A 51 -37.65 3.69 11.15
C MET A 51 -37.56 4.95 10.24
N ASN A 52 -36.41 5.63 10.24
CA ASN A 52 -36.15 6.87 9.50
C ASN A 52 -36.25 6.84 7.99
N GLU A 53 -36.44 5.66 7.38
CA GLU A 53 -36.57 5.59 5.92
C GLU A 53 -37.78 6.41 5.42
N LYS A 54 -38.91 6.29 6.13
CA LYS A 54 -40.16 7.04 5.80
C LYS A 54 -39.98 8.56 5.97
N LYS A 55 -39.11 8.96 6.89
CA LYS A 55 -38.88 10.35 7.21
C LYS A 55 -37.93 11.07 6.22
N ILE A 56 -37.46 10.37 5.19
CA ILE A 56 -36.53 11.01 4.25
C ILE A 56 -37.10 11.08 2.83
N GLN A 57 -38.25 10.46 2.61
CA GLN A 57 -38.85 10.32 1.33
C GLN A 57 -39.25 11.64 0.62
N TRP A 58 -39.49 12.70 1.39
CA TRP A 58 -39.96 13.98 0.84
C TRP A 58 -38.93 14.60 -0.09
N VAL A 59 -37.65 14.28 0.16
CA VAL A 59 -36.53 14.85 -0.62
C VAL A 59 -36.73 14.64 -2.10
N GLU A 60 -37.20 13.46 -2.48
CA GLU A 60 -37.35 13.04 -3.89
C GLU A 60 -38.46 13.85 -4.57
N ASN A 61 -39.22 14.62 -3.80
CA ASN A 61 -40.31 15.38 -4.37
C ASN A 61 -39.92 16.81 -4.73
N GLU A 62 -38.83 17.30 -4.18
CA GLU A 62 -38.39 18.63 -4.44
C GLU A 62 -37.44 18.66 -5.64
N ASP A 63 -37.24 19.87 -6.17
CA ASP A 63 -36.21 20.13 -7.15
C ASP A 63 -35.05 20.75 -6.43
N TRP A 64 -33.84 20.55 -6.96
CA TRP A 64 -32.63 21.03 -6.28
C TRP A 64 -31.69 21.78 -7.23
N GLU A 65 -31.13 22.89 -6.76
CA GLU A 65 -30.21 23.68 -7.54
C GLU A 65 -28.85 23.67 -6.92
N TYR A 66 -27.82 23.61 -7.78
CA TYR A 66 -26.43 23.73 -7.38
C TYR A 66 -25.74 24.87 -8.12
N ARG A 67 -24.81 25.54 -7.47
CA ARG A 67 -24.10 26.60 -8.16
C ARG A 67 -22.68 26.58 -7.67
N THR A 68 -21.79 27.05 -8.54
CA THR A 68 -20.44 27.39 -8.20
C THR A 68 -19.98 28.51 -9.10
N SER A 69 -18.89 29.17 -8.70
CA SER A 69 -18.24 30.18 -9.51
C SER A 69 -16.77 29.89 -9.57
N PHE A 70 -16.11 30.34 -10.62
CA PHE A 70 -14.68 30.09 -10.79
C PHE A 70 -14.06 31.21 -11.58
N ILE A 71 -12.73 31.34 -11.53
CA ILE A 71 -12.01 32.39 -12.21
C ILE A 71 -11.31 31.83 -13.43
N VAL A 72 -11.33 32.55 -14.54
CA VAL A 72 -10.53 32.20 -15.69
C VAL A 72 -9.63 33.37 -16.03
N SER A 73 -8.38 33.10 -16.35
CA SER A 73 -7.45 34.18 -16.67
C SER A 73 -7.45 34.48 -18.15
N GLU A 74 -6.93 35.64 -18.52
CA GLU A 74 -6.74 36.01 -19.92
C GLU A 74 -5.89 34.97 -20.68
N GLU A 75 -4.92 34.40 -19.97
CA GLU A 75 -4.04 33.40 -20.57
C GLU A 75 -4.78 32.07 -20.82
N GLN A 76 -5.58 31.64 -19.84
CA GLN A 76 -6.39 30.44 -20.06
C GLN A 76 -7.39 30.65 -21.22
N LEU A 77 -8.05 31.80 -21.23
CA LEU A 77 -9.08 32.12 -22.25
C LEU A 77 -8.50 32.14 -23.65
N ASN A 78 -7.20 32.37 -23.77
N ASN A 78 -7.20 32.36 -23.72
CA ASN A 78 -6.51 32.31 -25.04
CA ASN A 78 -6.44 32.37 -24.94
C ASN A 78 -5.86 30.97 -25.38
C ASN A 78 -6.04 30.98 -25.46
N ARG A 79 -6.22 29.92 -24.66
CA ARG A 79 -5.87 28.54 -25.11
C ARG A 79 -6.79 28.23 -26.30
N ASP A 80 -6.39 27.35 -27.20
CA ASP A 80 -7.19 27.00 -28.40
C ASP A 80 -8.55 26.43 -28.06
N GLY A 81 -8.61 25.54 -27.07
CA GLY A 81 -9.87 24.91 -26.68
C GLY A 81 -10.02 24.87 -25.18
N ILE A 82 -11.27 24.90 -24.72
CA ILE A 82 -11.59 24.70 -23.31
C ILE A 82 -12.86 23.85 -23.22
N GLN A 83 -12.79 22.78 -22.46
CA GLN A 83 -13.75 21.69 -22.50
C GLN A 83 -14.17 21.47 -21.05
N LEU A 84 -15.49 21.51 -20.78
CA LEU A 84 -16.08 21.20 -19.49
C LEU A 84 -16.63 19.78 -19.54
N ILE A 85 -16.23 18.95 -18.57
CA ILE A 85 -16.62 17.52 -18.60
C ILE A 85 -17.38 17.16 -17.33
N PHE A 86 -18.56 16.56 -17.50
CA PHE A 86 -19.34 16.05 -16.38
C PHE A 86 -19.24 14.53 -16.48
N GLU A 87 -18.54 13.89 -15.55
CA GLU A 87 -18.47 12.47 -15.54
C GLU A 87 -19.78 11.81 -15.09
N GLY A 88 -20.68 12.59 -14.50
CA GLY A 88 -21.92 12.04 -14.04
C GLY A 88 -22.88 13.07 -13.44
N LEU A 89 -24.11 13.08 -13.93
CA LEU A 89 -25.15 13.95 -13.40
C LEU A 89 -26.35 13.09 -13.13
N ASP A 90 -26.83 13.07 -11.91
CA ASP A 90 -27.99 12.25 -11.58
C ASP A 90 -29.23 13.18 -11.32
N THR A 91 -30.19 13.32 -12.24
CA THR A 91 -30.30 12.69 -13.57
C THR A 91 -30.77 13.71 -14.58
N TYR A 92 -31.92 14.33 -14.27
CA TYR A 92 -32.50 15.35 -15.15
C TYR A 92 -31.94 16.71 -14.74
N ALA A 93 -30.84 17.11 -15.37
CA ALA A 93 -30.10 18.30 -15.00
C ALA A 93 -30.02 19.31 -16.16
N ASP A 94 -30.47 20.54 -15.91
CA ASP A 94 -30.23 21.66 -16.87
C ASP A 94 -28.99 22.40 -16.44
N VAL A 95 -27.99 22.48 -17.30
CA VAL A 95 -26.71 23.03 -16.91
C VAL A 95 -26.57 24.41 -17.57
N TYR A 96 -26.38 25.44 -16.78
CA TYR A 96 -26.21 26.78 -17.31
C TYR A 96 -24.87 27.31 -16.93
N LEU A 97 -24.20 27.96 -17.88
CA LEU A 97 -22.93 28.60 -17.65
C LEU A 97 -22.96 30.02 -18.24
N ASN A 98 -22.90 31.05 -17.40
CA ASN A 98 -22.76 32.46 -17.92
C ASN A 98 -23.89 32.81 -18.89
N GLY A 99 -25.13 32.48 -18.57
CA GLY A 99 -26.30 32.75 -19.41
C GLY A 99 -26.63 31.75 -20.51
N SER A 100 -25.78 30.75 -20.73
CA SER A 100 -25.97 29.73 -21.78
C SER A 100 -26.50 28.43 -21.15
N LEU A 101 -27.60 27.90 -21.68
CA LEU A 101 -28.00 26.50 -21.43
C LEU A 101 -27.00 25.63 -22.19
N LEU A 102 -26.08 24.95 -21.50
CA LEU A 102 -25.10 24.08 -22.19
C LEU A 102 -25.63 22.67 -22.50
N LEU A 103 -26.53 22.18 -21.66
CA LEU A 103 -26.87 20.77 -21.68
C LEU A 103 -28.17 20.55 -20.88
N LYS A 104 -29.06 19.70 -21.40
CA LYS A 104 -30.18 19.17 -20.66
C LYS A 104 -29.91 17.69 -20.51
N ALA A 105 -29.42 17.33 -19.33
CA ALA A 105 -28.85 15.99 -19.12
C ALA A 105 -30.02 15.08 -18.79
N ASP A 106 -29.95 13.80 -19.13
CA ASP A 106 -31.07 12.91 -18.83
C ASP A 106 -30.67 11.45 -18.65
N ASN A 107 -29.41 11.20 -18.30
CA ASN A 107 -28.98 9.80 -18.15
C ASN A 107 -27.84 9.80 -17.16
N MET A 108 -28.07 9.23 -15.99
CA MET A 108 -27.03 9.12 -14.96
C MET A 108 -25.74 8.42 -15.41
N PHE A 109 -25.87 7.51 -16.36
CA PHE A 109 -24.79 6.62 -16.74
C PHE A 109 -23.91 7.14 -17.90
N VAL A 110 -24.09 8.42 -18.27
CA VAL A 110 -23.38 9.02 -19.43
C VAL A 110 -22.53 10.16 -18.96
N GLY A 111 -21.29 10.22 -19.48
CA GLY A 111 -20.45 11.40 -19.21
C GLY A 111 -20.60 12.39 -20.35
N TYR A 112 -20.54 13.69 -20.04
CA TYR A 112 -20.86 14.69 -21.07
C TYR A 112 -19.61 15.55 -21.26
N THR A 113 -19.20 15.73 -22.51
CA THR A 113 -18.07 16.59 -22.82
C THR A 113 -18.55 17.80 -23.60
N LEU A 114 -18.29 19.02 -23.09
CA LEU A 114 -18.91 20.25 -23.58
C LEU A 114 -17.83 21.28 -23.98
N PRO A 115 -17.84 21.74 -25.25
CA PRO A 115 -16.95 22.88 -25.62
C PRO A 115 -17.43 24.18 -25.03
N VAL A 116 -16.60 24.88 -24.25
CA VAL A 116 -17.11 26.08 -23.58
C VAL A 116 -16.26 27.36 -23.79
N LYS A 117 -15.16 27.28 -24.53
CA LYS A 117 -14.31 28.49 -24.66
C LYS A 117 -15.14 29.74 -25.05
N SER A 118 -16.05 29.60 -26.03
CA SER A 118 -16.79 30.75 -26.56
C SER A 118 -17.75 31.34 -25.57
N VAL A 119 -18.05 30.59 -24.51
CA VAL A 119 -18.99 31.01 -23.47
C VAL A 119 -18.34 31.52 -22.15
N LEU A 120 -17.06 31.20 -21.96
CA LEU A 120 -16.31 31.61 -20.75
C LEU A 120 -15.94 33.09 -20.83
N ARG A 121 -15.69 33.69 -19.66
CA ARG A 121 -15.36 35.13 -19.55
C ARG A 121 -14.13 35.31 -18.65
N LYS A 122 -13.34 36.34 -18.95
CA LYS A 122 -12.16 36.63 -18.16
C LYS A 122 -12.72 37.04 -16.82
N GLY A 123 -12.16 36.52 -15.73
CA GLY A 123 -12.70 36.83 -14.39
C GLY A 123 -13.64 35.74 -13.87
N GLU A 124 -14.71 36.16 -13.20
CA GLU A 124 -15.66 35.29 -12.56
C GLU A 124 -16.55 34.65 -13.63
N ASN A 125 -16.80 33.35 -13.48
CA ASN A 125 -17.68 32.56 -14.34
C ASN A 125 -18.66 31.84 -13.43
N HIS A 126 -19.91 31.72 -13.84
CA HIS A 126 -20.96 31.22 -12.98
C HIS A 126 -21.60 30.00 -13.63
N LEU A 127 -21.56 28.90 -12.88
CA LEU A 127 -22.18 27.61 -13.26
C LEU A 127 -23.38 27.32 -12.36
N TYR A 128 -24.54 27.05 -12.94
CA TYR A 128 -25.76 26.74 -12.22
C TYR A 128 -26.35 25.45 -12.77
N ILE A 129 -26.70 24.51 -11.91
CA ILE A 129 -27.31 23.27 -12.37
C ILE A 129 -28.64 23.09 -11.69
N TYR A 130 -29.69 22.92 -12.48
CA TYR A 130 -30.99 22.71 -11.93
C TYR A 130 -31.36 21.22 -12.06
N PHE A 131 -31.56 20.53 -10.94
CA PHE A 131 -32.00 19.11 -10.97
C PHE A 131 -33.52 18.97 -10.76
N HIS A 132 -34.22 18.64 -11.83
CA HIS A 132 -35.63 18.23 -11.72
C HIS A 132 -35.77 16.95 -10.93
N SER A 133 -36.73 16.92 -10.02
CA SER A 133 -37.12 15.70 -9.35
C SER A 133 -37.42 14.59 -10.36
N PRO A 134 -36.73 13.42 -10.20
CA PRO A 134 -36.93 12.35 -11.16
C PRO A 134 -38.33 11.77 -11.01
N ILE A 135 -38.97 12.01 -9.86
CA ILE A 135 -40.37 11.58 -9.68
C ILE A 135 -41.33 12.52 -10.41
N ARG A 136 -41.26 13.81 -10.10
CA ARG A 136 -42.12 14.83 -10.74
C ARG A 136 -41.84 14.97 -12.22
N GLN A 137 -40.58 14.72 -12.62
CA GLN A 137 -40.20 14.69 -14.04
C GLN A 137 -40.93 13.59 -14.82
N THR A 138 -41.21 12.48 -14.15
CA THR A 138 -41.73 11.29 -14.81
C THR A 138 -43.22 11.02 -14.47
N LEU A 139 -43.77 11.75 -13.51
CA LEU A 139 -45.23 11.67 -13.30
C LEU A 139 -46.12 11.86 -14.56
N PRO A 140 -45.84 12.88 -15.40
CA PRO A 140 -46.67 13.03 -16.63
C PRO A 140 -46.42 11.89 -17.62
N GLN A 141 -45.19 11.37 -17.60
CA GLN A 141 -44.85 10.26 -18.47
C GLN A 141 -45.61 8.98 -18.07
N TYR A 142 -45.70 8.75 -16.77
CA TYR A 142 -46.47 7.63 -16.23
C TYR A 142 -47.98 7.76 -16.52
N ALA A 143 -48.50 8.97 -16.37
CA ALA A 143 -49.93 9.22 -16.64
C ALA A 143 -50.29 8.92 -18.11
N SER A 144 -49.38 9.27 -19.02
CA SER A 144 -49.61 9.03 -20.45
C SER A 144 -49.51 7.54 -20.79
N ASN A 145 -48.88 6.74 -19.90
CA ASN A 145 -48.51 5.35 -20.27
C ASN A 145 -49.71 4.43 -20.23
N GLY A 146 -50.65 4.70 -19.34
CA GLY A 146 -51.88 3.92 -19.30
C GLY A 146 -51.78 2.55 -18.62
N PHE A 147 -50.59 2.20 -18.12
CA PHE A 147 -50.36 1.01 -17.29
C PHE A 147 -49.12 1.21 -16.43
N ASN A 148 -48.99 0.36 -15.40
CA ASN A 148 -47.92 0.46 -14.44
C ASN A 148 -46.94 -0.72 -14.72
N TYR A 149 -45.67 -0.43 -14.98
CA TYR A 149 -44.71 -1.51 -15.33
C TYR A 149 -44.56 -2.36 -14.05
N PRO A 150 -44.41 -3.69 -14.19
CA PRO A 150 -44.39 -4.52 -12.93
C PRO A 150 -43.00 -4.55 -12.26
N ALA A 151 -42.51 -3.40 -11.80
CA ALA A 151 -41.22 -3.29 -11.13
C ALA A 151 -41.44 -3.30 -9.63
N ASP A 152 -41.65 -4.50 -9.06
CA ASP A 152 -41.91 -4.63 -7.63
C ASP A 152 -40.85 -4.13 -6.70
N ASN A 153 -39.59 -4.07 -7.15
CA ASN A 153 -38.56 -3.51 -6.28
C ASN A 153 -38.57 -1.99 -6.19
N ASP A 154 -39.38 -1.32 -7.03
CA ASP A 154 -39.53 0.15 -7.01
C ASP A 154 -40.61 0.38 -5.93
N HIS A 155 -40.22 0.93 -4.78
CA HIS A 155 -41.07 0.94 -3.58
C HIS A 155 -41.96 2.20 -3.58
N HIS A 156 -42.95 2.20 -4.46
CA HIS A 156 -43.81 3.36 -4.60
C HIS A 156 -44.98 2.80 -5.32
N GLU A 157 -46.15 3.41 -5.16
CA GLU A 157 -47.33 2.96 -5.86
C GLU A 157 -47.14 2.99 -7.40
N LYS A 158 -46.47 4.04 -7.86
CA LYS A 158 -46.25 4.26 -9.30
C LYS A 158 -44.82 3.86 -9.59
N HIS A 159 -44.61 2.97 -10.55
CA HIS A 159 -43.27 2.42 -10.75
C HIS A 159 -42.57 3.27 -11.82
N LEU A 160 -42.06 4.40 -11.38
CA LEU A 160 -41.42 5.45 -12.22
C LEU A 160 -39.97 5.11 -12.62
N SER A 161 -39.37 4.16 -11.91
CA SER A 161 -37.98 3.79 -12.17
C SER A 161 -37.77 3.46 -13.61
N VAL A 162 -38.74 2.80 -14.21
CA VAL A 162 -38.49 2.24 -15.54
C VAL A 162 -38.34 3.33 -16.62
N PHE A 163 -38.79 4.55 -16.31
CA PHE A 163 -38.81 5.64 -17.29
C PHE A 163 -37.50 6.38 -17.35
N SER A 164 -36.67 6.21 -16.30
CA SER A 164 -35.45 6.98 -16.12
C SER A 164 -34.18 6.12 -16.16
N ARG A 165 -33.16 6.61 -16.86
CA ARG A 165 -31.82 5.96 -16.88
C ARG A 165 -31.11 6.47 -15.65
N LYS A 166 -31.47 5.79 -14.56
CA LYS A 166 -31.03 6.14 -13.22
C LYS A 166 -30.90 4.78 -12.46
N ALA A 167 -29.94 4.66 -11.55
CA ALA A 167 -29.61 3.37 -10.88
C ALA A 167 -30.88 2.73 -10.34
N PRO A 168 -31.26 1.52 -10.83
CA PRO A 168 -32.57 0.94 -10.42
C PRO A 168 -32.74 0.88 -8.89
N TYR A 169 -31.68 0.46 -8.19
CA TYR A 169 -31.73 0.18 -6.72
C TYR A 169 -32.04 1.47 -5.94
N SER A 170 -31.79 2.64 -6.53
CA SER A 170 -32.12 3.93 -5.87
C SER A 170 -33.59 4.09 -5.48
N TYR A 171 -34.50 3.45 -6.21
CA TYR A 171 -35.93 3.49 -5.92
C TYR A 171 -36.35 2.42 -4.89
N GLY A 172 -35.38 1.73 -4.31
CA GLY A 172 -35.57 0.56 -3.41
C GLY A 172 -35.11 -0.75 -4.03
N TRP A 173 -34.79 -1.73 -3.16
CA TRP A 173 -34.66 -3.07 -3.63
C TRP A 173 -34.92 -4.02 -2.45
N ASP A 174 -34.82 -5.32 -2.65
CA ASP A 174 -35.18 -6.28 -1.55
C ASP A 174 -34.07 -6.41 -0.45
N TRP A 175 -33.00 -5.64 -0.59
CA TRP A 175 -31.99 -5.48 0.46
C TRP A 175 -31.69 -4.01 0.62
N GLY A 176 -32.50 -3.13 0.04
CA GLY A 176 -32.07 -1.70 0.01
C GLY A 176 -33.11 -0.67 0.44
N ILE A 177 -32.63 0.44 0.98
CA ILE A 177 -33.40 1.62 1.33
C ILE A 177 -33.77 2.43 0.03
N ARG A 178 -34.96 2.99 -0.02
CA ARG A 178 -35.30 3.95 -1.10
C ARG A 178 -34.78 5.34 -0.78
N MET A 179 -33.79 5.80 -1.54
CA MET A 179 -33.28 7.16 -1.47
C MET A 179 -33.05 7.62 -2.90
N VAL A 180 -34.12 8.15 -3.51
CA VAL A 180 -34.09 8.56 -4.90
C VAL A 180 -33.37 9.91 -4.93
N THR A 181 -32.06 9.89 -5.12
CA THR A 181 -31.22 11.08 -4.86
C THR A 181 -30.89 11.83 -6.16
N SER A 182 -30.18 12.93 -6.05
CA SER A 182 -29.86 13.75 -7.23
C SER A 182 -28.55 14.31 -6.92
N GLY A 183 -27.84 14.78 -7.95
CA GLY A 183 -26.62 15.49 -7.72
C GLY A 183 -25.55 15.26 -8.76
N VAL A 184 -24.43 15.96 -8.60
CA VAL A 184 -23.29 15.81 -9.46
C VAL A 184 -22.50 14.65 -8.84
N TRP A 185 -22.77 13.45 -9.33
CA TRP A 185 -22.35 12.22 -8.64
C TRP A 185 -20.93 11.77 -9.00
N ARG A 186 -20.33 12.33 -10.07
CA ARG A 186 -18.95 12.04 -10.39
C ARG A 186 -18.29 13.37 -10.74
N PRO A 187 -16.98 13.40 -10.91
CA PRO A 187 -16.27 14.68 -10.96
C PRO A 187 -16.62 15.58 -12.16
N VAL A 188 -16.37 16.87 -11.97
CA VAL A 188 -16.51 17.92 -12.99
C VAL A 188 -15.13 18.51 -13.19
N THR A 189 -14.75 18.68 -14.47
N THR A 189 -14.68 18.57 -14.44
CA THR A 189 -13.37 18.93 -14.91
CA THR A 189 -13.37 19.14 -14.74
C THR A 189 -13.34 19.98 -16.04
C THR A 189 -13.50 20.15 -15.86
N LEU A 190 -12.51 21.02 -15.93
CA LEU A 190 -12.38 22.00 -17.00
C LEU A 190 -10.98 21.82 -17.56
N ARG A 191 -10.89 21.52 -18.85
CA ARG A 191 -9.58 21.34 -19.48
C ARG A 191 -9.28 22.46 -20.50
N PHE A 192 -8.17 23.17 -20.30
CA PHE A 192 -7.66 24.22 -21.21
C PHE A 192 -6.53 23.60 -22.01
N TYR A 193 -6.59 23.67 -23.36
CA TYR A 193 -5.63 22.91 -24.15
C TYR A 193 -5.39 23.53 -25.50
N ASP A 194 -4.38 23.05 -26.18
CA ASP A 194 -4.10 23.57 -27.51
C ASP A 194 -4.30 22.45 -28.53
N ILE A 195 -4.75 22.84 -29.73
CA ILE A 195 -4.83 22.00 -30.95
C ILE A 195 -5.96 20.97 -30.90
N ALA A 196 -5.87 20.01 -29.97
CA ALA A 196 -6.74 18.83 -30.03
C ALA A 196 -6.79 18.14 -28.68
N THR A 197 -7.85 17.35 -28.47
CA THR A 197 -7.87 16.36 -27.34
C THR A 197 -8.01 14.97 -27.92
N ILE A 198 -7.53 13.95 -27.18
CA ILE A 198 -7.80 12.55 -27.53
C ILE A 198 -9.18 12.21 -26.95
N SER A 199 -10.19 12.07 -27.81
CA SER A 199 -11.57 11.72 -27.39
CA SER A 199 -11.50 11.76 -27.27
C SER A 199 -11.68 10.26 -26.93
N ASP A 200 -10.87 9.39 -27.53
CA ASP A 200 -10.91 7.99 -27.19
C ASP A 200 -9.61 7.37 -27.63
N TYR A 201 -9.17 6.40 -26.82
CA TYR A 201 -8.00 5.60 -27.18
C TYR A 201 -8.39 4.19 -26.84
N TYR A 202 -8.43 3.34 -27.86
CA TYR A 202 -8.77 1.93 -27.72
C TYR A 202 -7.57 1.09 -28.15
N VAL A 203 -7.06 0.26 -27.25
CA VAL A 203 -5.99 -0.70 -27.55
C VAL A 203 -6.67 -2.00 -27.89
N ARG A 204 -6.80 -2.23 -29.20
CA ARG A 204 -7.50 -3.42 -29.67
C ARG A 204 -6.54 -4.60 -29.86
N GLN A 205 -6.79 -5.71 -29.18
CA GLN A 205 -5.94 -6.87 -29.35
C GLN A 205 -6.38 -7.66 -30.59
N LEU A 206 -5.48 -7.81 -31.56
CA LEU A 206 -5.82 -8.53 -32.81
C LEU A 206 -5.53 -10.00 -32.72
N SER A 207 -4.42 -10.38 -32.07
CA SER A 207 -4.06 -11.75 -31.79
C SER A 207 -3.07 -11.82 -30.63
N LEU A 208 -3.01 -13.00 -30.03
CA LEU A 208 -2.08 -13.27 -28.93
C LEU A 208 -1.69 -14.72 -28.97
N THR A 209 -0.38 -14.95 -29.05
CA THR A 209 0.18 -16.28 -28.84
C THR A 209 1.34 -16.14 -27.83
N ASP A 210 1.98 -17.24 -27.44
CA ASP A 210 3.14 -17.12 -26.56
C ASP A 210 4.27 -16.28 -27.18
N GLU A 211 4.33 -16.21 -28.52
CA GLU A 211 5.41 -15.50 -29.22
C GLU A 211 5.16 -14.03 -29.55
N ASN A 212 3.89 -13.64 -29.71
CA ASN A 212 3.58 -12.33 -30.18
C ASN A 212 2.18 -11.88 -29.79
N ALA A 213 2.09 -10.66 -29.31
CA ALA A 213 0.81 -10.03 -29.16
C ALA A 213 0.73 -9.00 -30.28
N ARG A 214 -0.32 -9.03 -31.08
CA ARG A 214 -0.49 -7.94 -32.05
C ARG A 214 -1.63 -7.02 -31.68
N LEU A 215 -1.37 -5.71 -31.66
CA LEU A 215 -2.36 -4.74 -31.18
C LEU A 215 -2.60 -3.64 -32.22
N SER A 216 -3.80 -3.07 -32.17
CA SER A 216 -4.13 -1.92 -33.02
C SER A 216 -4.52 -0.79 -32.10
N ASN A 217 -3.74 0.27 -32.07
CA ASN A 217 -4.03 1.44 -31.29
C ASN A 217 -4.92 2.35 -32.07
N GLU A 218 -6.16 2.51 -31.60
CA GLU A 218 -7.20 3.27 -32.32
C GLU A 218 -7.47 4.52 -31.54
N LEU A 219 -7.10 5.65 -32.14
CA LEU A 219 -7.35 6.92 -31.53
C LEU A 219 -8.41 7.70 -32.28
N ILE A 220 -9.22 8.42 -31.53
CA ILE A 220 -10.10 9.40 -32.09
C ILE A 220 -9.65 10.72 -31.50
N VAL A 221 -9.31 11.66 -32.38
CA VAL A 221 -8.73 12.98 -31.96
C VAL A 221 -9.67 14.11 -32.37
N ASN A 222 -10.07 14.98 -31.44
CA ASN A 222 -10.97 16.04 -31.80
C ASN A 222 -10.14 17.32 -31.89
N GLN A 223 -9.92 17.82 -33.12
CA GLN A 223 -9.08 19.00 -33.34
CA GLN A 223 -9.06 18.98 -33.35
C GLN A 223 -9.95 20.24 -33.38
N ILE A 224 -9.60 21.23 -32.56
CA ILE A 224 -10.49 22.35 -32.27
C ILE A 224 -10.13 23.68 -32.99
N VAL A 225 -9.03 23.69 -33.74
CA VAL A 225 -8.59 24.94 -34.42
C VAL A 225 -8.99 24.86 -35.95
N PRO A 226 -9.08 26.00 -36.65
CA PRO A 226 -9.53 25.98 -38.06
C PRO A 226 -8.54 25.53 -39.10
N GLN A 227 -7.27 25.41 -38.74
CA GLN A 227 -6.20 25.14 -39.67
C GLN A 227 -5.92 23.67 -39.64
N LYS A 228 -5.30 23.17 -40.69
CA LYS A 228 -4.77 21.82 -40.81
C LYS A 228 -3.41 21.77 -40.08
N ILE A 229 -3.22 20.82 -39.16
CA ILE A 229 -2.03 20.84 -38.26
C ILE A 229 -1.22 19.56 -38.42
N PRO A 230 0.03 19.67 -38.94
CA PRO A 230 0.89 18.48 -38.99
C PRO A 230 1.15 17.98 -37.56
N ALA A 231 1.15 16.67 -37.37
CA ALA A 231 1.35 16.16 -36.01
C ALA A 231 2.03 14.85 -36.17
N GLU A 232 2.68 14.34 -35.11
CA GLU A 232 3.14 12.97 -35.11
C GLU A 232 2.35 12.28 -33.98
N VAL A 233 1.69 11.18 -34.29
CA VAL A 233 1.13 10.30 -33.23
C VAL A 233 2.12 9.27 -32.75
N ARG A 234 2.30 9.19 -31.43
CA ARG A 234 3.25 8.24 -30.88
C ARG A 234 2.58 7.35 -29.85
N VAL A 235 2.91 6.07 -29.89
CA VAL A 235 2.51 5.11 -28.88
C VAL A 235 3.74 4.49 -28.25
N ASN A 236 3.81 4.60 -26.93
CA ASN A 236 4.86 3.94 -26.19
C ASN A 236 4.27 2.83 -25.34
N VAL A 237 4.85 1.63 -25.43
CA VAL A 237 4.44 0.51 -24.61
C VAL A 237 5.55 0.24 -23.62
N SER A 238 5.23 0.27 -22.32
CA SER A 238 6.25 0.04 -21.30
CA SER A 238 6.24 0.05 -21.29
C SER A 238 5.78 -0.96 -20.26
N LEU A 239 6.74 -1.53 -19.54
CA LEU A 239 6.40 -2.43 -18.48
C LEU A 239 7.32 -2.05 -17.36
N ASN A 240 6.74 -1.75 -16.17
CA ASN A 240 7.50 -1.36 -14.96
C ASN A 240 8.47 -0.19 -15.25
N GLY A 241 8.10 0.70 -16.18
CA GLY A 241 8.87 1.95 -16.40
C GLY A 241 9.87 1.83 -17.51
N THR A 242 9.97 0.65 -18.11
CA THR A 242 10.92 0.43 -19.20
C THR A 242 10.20 0.21 -20.51
N THR A 243 10.61 0.95 -21.55
CA THR A 243 9.99 0.84 -22.89
C THR A 243 10.15 -0.54 -23.46
N VAL A 244 9.07 -1.10 -24.01
CA VAL A 244 9.08 -2.40 -24.66
C VAL A 244 9.00 -2.20 -26.16
N THR A 245 8.13 -1.30 -26.61
CA THR A 245 8.11 -0.99 -28.03
C THR A 245 7.55 0.40 -28.22
N GLU A 246 7.84 1.00 -29.37
CA GLU A 246 7.41 2.36 -29.59
C GLU A 246 7.15 2.53 -31.08
N VAL A 247 6.04 3.16 -31.44
CA VAL A 247 5.64 3.37 -32.85
C VAL A 247 5.15 4.79 -33.05
N LYS A 248 5.20 5.25 -34.30
CA LYS A 248 4.83 6.61 -34.61
C LYS A 248 4.21 6.70 -36.01
N GLN A 249 3.53 7.79 -36.26
CA GLN A 249 2.87 7.99 -37.54
C GLN A 249 2.69 9.45 -37.77
N GLN A 250 3.10 9.92 -38.94
CA GLN A 250 2.84 11.30 -39.31
C GLN A 250 1.43 11.49 -39.85
N VAL A 251 0.80 12.59 -39.47
CA VAL A 251 -0.53 12.89 -39.98
C VAL A 251 -0.63 14.35 -40.11
N THR A 252 -1.64 14.83 -40.81
CA THR A 252 -2.04 16.20 -40.69
C THR A 252 -3.45 16.19 -40.16
N LEU A 253 -3.63 16.75 -38.98
CA LEU A 253 -4.92 16.75 -38.33
C LEU A 253 -5.86 17.77 -38.98
N GLN A 254 -7.06 17.30 -39.32
CA GLN A 254 -8.07 18.17 -39.92
C GLN A 254 -8.96 18.71 -38.79
N PRO A 255 -9.56 19.92 -38.98
CA PRO A 255 -10.57 20.37 -38.03
C PRO A 255 -11.64 19.29 -37.77
N GLY A 256 -12.07 19.19 -36.53
CA GLY A 256 -13.03 18.15 -36.19
C GLY A 256 -12.41 16.80 -35.85
N ILE A 257 -13.18 15.71 -36.07
CA ILE A 257 -12.73 14.37 -35.67
C ILE A 257 -11.75 13.76 -36.62
N ASN A 258 -10.70 13.12 -36.10
CA ASN A 258 -9.72 12.44 -36.87
C ASN A 258 -9.61 11.03 -36.36
N HIS A 259 -9.54 10.04 -37.26
CA HIS A 259 -9.34 8.65 -36.82
C HIS A 259 -7.98 8.16 -37.19
N ILE A 260 -7.24 7.64 -36.21
CA ILE A 260 -5.84 7.31 -36.37
C ILE A 260 -5.67 5.90 -35.87
N THR A 261 -5.03 5.05 -36.66
CA THR A 261 -4.73 3.68 -36.25
C THR A 261 -3.24 3.35 -36.33
N LEU A 262 -2.62 2.95 -35.21
CA LEU A 262 -1.19 2.53 -35.23
C LEU A 262 -1.04 1.13 -34.71
N PRO A 263 -0.58 0.19 -35.56
CA PRO A 263 -0.25 -1.14 -35.12
C PRO A 263 0.99 -1.14 -34.19
N ALA A 264 1.01 -2.08 -33.24
CA ALA A 264 2.15 -2.32 -32.38
C ALA A 264 2.20 -3.81 -32.03
N GLU A 265 3.41 -4.34 -31.77
CA GLU A 265 3.50 -5.76 -31.44
C GLU A 265 4.38 -5.88 -30.19
N VAL A 266 4.04 -6.81 -29.31
CA VAL A 266 4.88 -7.10 -28.14
C VAL A 266 5.31 -8.52 -28.36
N THR A 267 6.60 -8.74 -28.62
CA THR A 267 7.08 -10.12 -28.71
C THR A 267 7.27 -10.76 -27.33
N ASN A 268 7.07 -12.08 -27.26
CA ASN A 268 7.12 -12.84 -26.01
C ASN A 268 6.30 -12.17 -24.89
N PRO A 269 5.02 -11.90 -25.17
CA PRO A 269 4.24 -11.08 -24.23
C PRO A 269 4.15 -11.70 -22.83
N VAL A 270 4.12 -10.87 -21.78
CA VAL A 270 3.92 -11.43 -20.42
C VAL A 270 2.42 -11.32 -20.13
N ARG A 271 1.76 -12.48 -20.05
CA ARG A 271 0.30 -12.51 -19.99
C ARG A 271 -0.30 -12.11 -18.66
N TRP A 272 -1.49 -11.52 -18.73
CA TRP A 272 -2.27 -11.18 -17.53
C TRP A 272 -2.94 -12.49 -17.11
N MET A 273 -2.76 -12.89 -15.88
CA MET A 273 -3.43 -14.12 -15.43
C MET A 273 -4.46 -13.80 -14.31
N PRO A 274 -5.53 -14.60 -14.22
CA PRO A 274 -6.52 -14.36 -13.16
C PRO A 274 -6.02 -14.81 -11.76
N ASN A 275 -6.63 -14.24 -10.70
CA ASN A 275 -6.23 -14.56 -9.31
C ASN A 275 -6.24 -16.08 -9.12
N GLY A 276 -5.13 -16.62 -8.64
CA GLY A 276 -5.02 -18.04 -8.42
C GLY A 276 -4.04 -18.66 -9.42
N TRP A 277 -3.90 -18.10 -10.60
CA TRP A 277 -3.10 -18.73 -11.65
C TRP A 277 -1.87 -17.93 -12.03
N GLY A 278 -1.55 -16.87 -11.31
CA GLY A 278 -0.33 -16.14 -11.60
C GLY A 278 -0.50 -14.66 -11.38
N THR A 279 0.31 -13.90 -12.10
CA THR A 279 0.36 -12.46 -11.87
CA THR A 279 0.43 -12.46 -11.91
C THR A 279 -0.54 -11.74 -12.87
N PRO A 280 -1.26 -10.73 -12.38
CA PRO A 280 -2.16 -9.97 -13.27
C PRO A 280 -1.32 -8.85 -13.90
N THR A 281 -0.37 -9.23 -14.73
CA THR A 281 0.57 -8.27 -15.36
C THR A 281 -0.14 -7.23 -16.23
N LEU A 282 0.24 -5.97 -16.05
CA LEU A 282 -0.33 -4.88 -16.81
C LEU A 282 0.81 -4.03 -17.46
N TYR A 283 0.73 -3.90 -18.78
CA TYR A 283 1.56 -2.96 -19.56
C TYR A 283 1.02 -1.57 -19.52
N ASP A 284 1.89 -0.58 -19.68
CA ASP A 284 1.42 0.80 -19.77
C ASP A 284 1.49 1.25 -21.23
N PHE A 285 0.33 1.56 -21.82
CA PHE A 285 0.24 2.04 -23.23
C PHE A 285 -0.08 3.53 -23.16
N SER A 286 0.79 4.35 -23.73
CA SER A 286 0.63 5.79 -23.72
C SER A 286 0.55 6.27 -25.15
N ALA A 287 -0.53 6.98 -25.52
CA ALA A 287 -0.59 7.68 -26.82
C ALA A 287 -0.37 9.15 -26.62
N GLN A 288 0.47 9.72 -27.47
CA GLN A 288 0.68 11.15 -27.48
C GLN A 288 0.45 11.72 -28.87
N ILE A 289 -0.06 12.95 -28.88
CA ILE A 289 -0.10 13.76 -30.08
C ILE A 289 0.92 14.91 -29.98
N ALA A 290 1.93 14.89 -30.85
CA ALA A 290 3.01 15.88 -30.82
C ALA A 290 2.91 16.80 -32.03
N CYS A 291 2.92 18.10 -31.78
CA CYS A 291 2.82 19.15 -32.78
C CYS A 291 4.01 20.03 -32.52
N GLY A 292 4.97 19.98 -33.44
CA GLY A 292 6.21 20.75 -33.30
C GLY A 292 6.97 20.23 -32.10
N ASP A 293 7.30 21.11 -31.16
CA ASP A 293 7.99 20.60 -29.97
C ASP A 293 7.03 19.91 -28.99
N ARG A 294 5.78 20.41 -28.93
CA ARG A 294 4.80 20.21 -27.86
C ARG A 294 4.03 18.86 -27.89
N ILE A 295 3.86 18.24 -26.72
CA ILE A 295 2.92 17.11 -26.64
C ILE A 295 1.60 17.76 -26.29
N VAL A 296 0.71 17.92 -27.28
CA VAL A 296 -0.51 18.67 -27.01
C VAL A 296 -1.57 17.81 -26.35
N ALA A 297 -1.51 16.48 -26.50
CA ALA A 297 -2.52 15.60 -25.91
C ALA A 297 -1.87 14.27 -25.57
N GLU A 298 -2.25 13.64 -24.44
CA GLU A 298 -1.75 12.30 -24.18
C GLU A 298 -2.86 11.54 -23.41
N GLN A 299 -2.95 10.25 -23.60
CA GLN A 299 -3.85 9.36 -22.85
C GLN A 299 -3.13 8.02 -22.73
N SER A 300 -3.25 7.41 -21.54
CA SER A 300 -2.67 6.09 -21.29
CA SER A 300 -2.64 6.11 -21.20
C SER A 300 -3.72 5.13 -20.72
N HIS A 301 -3.45 3.86 -20.88
CA HIS A 301 -4.27 2.79 -20.29
C HIS A 301 -3.27 1.77 -19.79
N ARG A 302 -3.63 1.13 -18.70
CA ARG A 302 -2.98 -0.10 -18.36
C ARG A 302 -3.69 -1.22 -19.09
N ILE A 303 -2.89 -2.10 -19.69
CA ILE A 303 -3.39 -3.16 -20.56
C ILE A 303 -2.91 -4.51 -20.14
N GLY A 304 -3.82 -5.49 -20.04
CA GLY A 304 -3.47 -6.86 -19.77
C GLY A 304 -3.56 -7.66 -21.05
N LEU A 305 -2.53 -8.45 -21.34
CA LEU A 305 -2.51 -9.23 -22.56
C LEU A 305 -3.01 -10.61 -22.18
N ARG A 306 -4.19 -10.98 -22.64
CA ARG A 306 -4.78 -12.29 -22.32
C ARG A 306 -5.90 -12.55 -23.32
N THR A 307 -6.33 -13.80 -23.39
CA THR A 307 -7.55 -14.10 -24.09
C THR A 307 -8.58 -14.53 -23.11
N ILE A 308 -9.80 -14.08 -23.34
CA ILE A 308 -10.98 -14.59 -22.60
C ILE A 308 -12.00 -15.04 -23.62
N ARG A 309 -12.40 -16.30 -23.56
CA ARG A 309 -13.48 -16.74 -24.40
C ARG A 309 -14.56 -17.36 -23.52
N VAL A 310 -15.81 -16.97 -23.75
CA VAL A 310 -16.95 -17.58 -23.04
C VAL A 310 -17.41 -18.62 -24.02
N VAL A 311 -17.47 -19.86 -23.57
CA VAL A 311 -17.86 -20.96 -24.45
C VAL A 311 -19.28 -21.30 -24.03
N ASN A 312 -20.22 -21.14 -24.98
CA ASN A 312 -21.66 -21.32 -24.71
C ASN A 312 -22.16 -22.12 -25.92
N GLU A 313 -22.02 -23.44 -25.82
CA GLU A 313 -22.22 -24.34 -26.97
C GLU A 313 -23.11 -25.51 -26.57
N LYS A 314 -23.92 -25.96 -27.52
CA LYS A 314 -24.66 -27.21 -27.34
C LYS A 314 -23.71 -28.37 -27.08
N ASP A 315 -24.05 -29.22 -26.11
CA ASP A 315 -23.29 -30.43 -25.81
C ASP A 315 -24.25 -31.50 -25.27
N LYS A 316 -23.70 -32.66 -24.91
CA LYS A 316 -24.56 -33.79 -24.50
C LYS A 316 -25.32 -33.51 -23.20
N ASP A 317 -24.86 -32.53 -22.43
CA ASP A 317 -25.55 -32.18 -21.20
C ASP A 317 -26.59 -31.05 -21.34
N GLY A 318 -26.59 -30.37 -22.48
CA GLY A 318 -27.52 -29.29 -22.77
C GLY A 318 -26.79 -28.19 -23.51
N GLU A 319 -26.50 -27.09 -22.81
CA GLU A 319 -25.66 -25.98 -23.34
C GLU A 319 -24.66 -25.49 -22.27
N SER A 320 -23.36 -25.63 -22.59
CA SER A 320 -22.28 -25.21 -21.69
C SER A 320 -22.31 -23.72 -21.45
N PHE A 321 -21.73 -23.32 -20.32
CA PHE A 321 -21.50 -21.90 -20.10
C PHE A 321 -20.24 -21.79 -19.26
N TYR A 322 -19.09 -21.52 -19.86
CA TYR A 322 -17.89 -21.38 -19.05
C TYR A 322 -16.86 -20.40 -19.68
N PHE A 323 -15.89 -20.01 -18.87
CA PHE A 323 -14.81 -19.11 -19.29
C PHE A 323 -13.51 -19.89 -19.55
N GLU A 324 -12.90 -19.64 -20.71
CA GLU A 324 -11.58 -20.12 -21.06
C GLU A 324 -10.65 -18.93 -21.01
N VAL A 325 -9.63 -18.99 -20.16
CA VAL A 325 -8.72 -17.83 -19.97
C VAL A 325 -7.34 -18.29 -20.43
N ASN A 326 -6.76 -17.54 -21.36
CA ASN A 326 -5.44 -17.91 -21.91
C ASN A 326 -5.46 -19.34 -22.41
N GLY A 327 -6.60 -19.72 -22.98
CA GLY A 327 -6.79 -21.06 -23.54
C GLY A 327 -7.14 -22.17 -22.57
N ILE A 328 -7.22 -21.86 -21.28
CA ILE A 328 -7.46 -22.89 -20.28
C ILE A 328 -8.86 -22.73 -19.67
N PRO A 329 -9.70 -23.79 -19.61
CA PRO A 329 -10.97 -23.62 -18.88
C PRO A 329 -10.73 -23.27 -17.42
N MET A 330 -11.40 -22.19 -16.99
CA MET A 330 -11.26 -21.64 -15.65
C MET A 330 -12.60 -21.71 -14.90
N PHE A 331 -12.64 -22.52 -13.86
CA PHE A 331 -13.81 -22.61 -13.04
C PHE A 331 -13.96 -21.25 -12.28
N ALA A 332 -15.11 -20.58 -12.45
CA ALA A 332 -15.33 -19.24 -11.84
C ALA A 332 -15.71 -19.37 -10.37
N LYS A 333 -15.12 -18.53 -9.56
CA LYS A 333 -15.37 -18.52 -8.09
C LYS A 333 -15.56 -17.06 -7.63
N GLY A 334 -16.76 -16.69 -7.23
CA GLY A 334 -16.93 -15.30 -6.87
C GLY A 334 -18.30 -15.05 -6.35
N ALA A 335 -18.77 -13.83 -6.61
CA ALA A 335 -20.01 -13.33 -6.03
C ALA A 335 -20.60 -12.20 -6.89
N ASN A 336 -21.88 -11.94 -6.64
CA ASN A 336 -22.58 -10.80 -7.19
C ASN A 336 -22.36 -9.52 -6.38
N TYR A 337 -21.97 -8.48 -7.07
CA TYR A 337 -21.65 -7.22 -6.45
C TYR A 337 -22.80 -6.21 -6.68
N ILE A 338 -23.17 -5.49 -5.61
CA ILE A 338 -24.24 -4.45 -5.66
C ILE A 338 -23.55 -3.16 -5.23
N PRO A 339 -24.24 -2.00 -5.38
CA PRO A 339 -23.62 -0.74 -5.03
C PRO A 339 -23.20 -0.76 -3.53
N GLN A 340 -22.14 -0.06 -3.15
CA GLN A 340 -21.64 -0.17 -1.79
C GLN A 340 -22.28 0.81 -0.84
N ASP A 341 -23.18 1.65 -1.36
CA ASP A 341 -23.85 2.68 -0.55
C ASP A 341 -25.11 3.15 -1.25
N ALA A 342 -26.11 3.53 -0.45
CA ALA A 342 -27.29 4.23 -0.94
C ALA A 342 -26.90 5.54 -1.66
N LEU A 343 -25.77 6.09 -1.24
CA LEU A 343 -25.24 7.36 -1.73
C LEU A 343 -23.88 7.15 -2.36
N LEU A 344 -23.91 6.86 -3.67
CA LEU A 344 -22.69 6.46 -4.38
C LEU A 344 -21.44 7.28 -4.12
N PRO A 345 -21.52 8.66 -4.14
CA PRO A 345 -20.28 9.40 -3.93
C PRO A 345 -19.73 9.27 -2.49
N ASN A 346 -20.46 8.67 -1.57
CA ASN A 346 -19.87 8.47 -0.19
C ASN A 346 -18.86 7.32 -0.21
N VAL A 347 -18.92 6.47 -1.25
CA VAL A 347 -17.94 5.36 -1.37
C VAL A 347 -16.57 5.87 -1.74
N THR A 348 -15.64 5.74 -0.81
CA THR A 348 -14.32 6.30 -0.91
C THR A 348 -13.32 5.34 -1.60
N THR A 349 -12.19 5.87 -2.05
CA THR A 349 -11.11 5.05 -2.60
C THR A 349 -10.74 3.89 -1.67
N GLU A 350 -10.64 4.16 -0.37
CA GLU A 350 -10.29 3.15 0.62
C GLU A 350 -11.26 1.93 0.68
N ARG A 351 -12.54 2.26 0.59
CA ARG A 351 -13.60 1.27 0.64
C ARG A 351 -13.58 0.40 -0.60
N TYR A 352 -13.33 1.02 -1.77
CA TYR A 352 -13.13 0.20 -2.99
C TYR A 352 -11.89 -0.72 -2.83
N GLN A 353 -10.76 -0.18 -2.37
CA GLN A 353 -9.57 -1.00 -2.19
C GLN A 353 -9.80 -2.18 -1.20
N THR A 354 -10.50 -1.90 -0.11
CA THR A 354 -10.75 -2.93 0.91
C THR A 354 -11.65 -4.00 0.33
N LEU A 355 -12.66 -3.61 -0.43
CA LEU A 355 -13.58 -4.61 -1.02
C LEU A 355 -12.79 -5.56 -1.96
N PHE A 356 -11.82 -5.03 -2.68
CA PHE A 356 -11.05 -5.92 -3.57
C PHE A 356 -10.06 -6.77 -2.84
N ARG A 357 -9.53 -6.26 -1.75
CA ARG A 357 -8.74 -7.09 -0.88
C ARG A 357 -9.62 -8.25 -0.34
N ASP A 358 -10.88 -7.97 -0.02
CA ASP A 358 -11.80 -9.00 0.50
C ASP A 358 -12.09 -10.08 -0.53
N MET A 359 -12.31 -9.72 -1.81
CA MET A 359 -12.45 -10.72 -2.85
C MET A 359 -11.17 -11.54 -3.10
N LYS A 360 -10.05 -10.85 -3.21
CA LYS A 360 -8.78 -11.51 -3.47
C LYS A 360 -8.44 -12.49 -2.31
N GLU A 361 -8.64 -12.04 -1.07
CA GLU A 361 -8.31 -12.88 0.06
C GLU A 361 -9.22 -14.11 0.18
N ALA A 362 -10.45 -13.99 -0.32
CA ALA A 362 -11.37 -15.15 -0.35
C ALA A 362 -11.15 -16.02 -1.61
N ASN A 363 -9.99 -15.88 -2.28
CA ASN A 363 -9.66 -16.68 -3.45
C ASN A 363 -10.58 -16.56 -4.65
N MET A 364 -11.33 -15.48 -4.70
CA MET A 364 -12.17 -15.23 -5.89
C MET A 364 -11.42 -14.88 -7.19
N ASN A 365 -12.02 -15.21 -8.32
CA ASN A 365 -11.47 -14.83 -9.64
C ASN A 365 -12.51 -14.17 -10.52
N MET A 366 -13.71 -13.93 -9.98
CA MET A 366 -14.76 -13.29 -10.79
C MET A 366 -15.75 -12.51 -9.90
N VAL A 367 -16.30 -11.39 -10.43
CA VAL A 367 -17.37 -10.66 -9.76
C VAL A 367 -18.42 -10.29 -10.85
N ARG A 368 -19.70 -10.50 -10.56
CA ARG A 368 -20.73 -9.98 -11.46
C ARG A 368 -21.22 -8.60 -10.95
N ILE A 369 -21.13 -7.56 -11.82
CA ILE A 369 -21.70 -6.26 -11.50
C ILE A 369 -23.15 -6.28 -11.96
N TRP A 370 -24.02 -6.58 -11.00
CA TRP A 370 -25.39 -6.93 -11.30
C TRP A 370 -26.18 -5.69 -11.76
N GLY A 371 -27.12 -5.94 -12.64
CA GLY A 371 -27.84 -4.89 -13.39
C GLY A 371 -28.80 -3.91 -12.70
N GLY A 372 -28.97 -3.98 -11.40
CA GLY A 372 -29.79 -2.95 -10.69
C GLY A 372 -28.97 -1.87 -10.02
N GLY A 373 -27.67 -1.79 -10.33
CA GLY A 373 -26.72 -0.91 -9.63
C GLY A 373 -26.24 0.21 -10.59
N THR A 374 -24.95 0.33 -10.74
CA THR A 374 -24.39 1.23 -11.78
C THR A 374 -23.31 0.53 -12.60
N TYR A 375 -22.98 1.11 -13.78
CA TYR A 375 -21.69 0.76 -14.40
C TYR A 375 -20.64 1.38 -13.48
N GLU A 376 -19.74 0.56 -12.98
CA GLU A 376 -18.93 1.05 -11.87
C GLU A 376 -17.84 2.03 -12.36
N ASN A 377 -17.26 2.71 -11.40
CA ASN A 377 -16.32 3.76 -11.72
C ASN A 377 -15.01 3.15 -12.21
N ASN A 378 -14.14 3.98 -12.74
CA ASN A 378 -12.95 3.48 -13.35
C ASN A 378 -12.07 2.77 -12.31
N LEU A 379 -12.03 3.31 -11.10
CA LEU A 379 -11.25 2.71 -10.00
C LEU A 379 -11.63 1.24 -9.76
N PHE A 380 -12.92 0.96 -9.70
CA PHE A 380 -13.40 -0.44 -9.52
C PHE A 380 -12.70 -1.34 -10.53
N TYR A 381 -12.74 -0.95 -11.80
CA TYR A 381 -12.15 -1.78 -12.86
CA TYR A 381 -12.13 -1.79 -12.84
C TYR A 381 -10.61 -1.83 -12.80
N ASP A 382 -9.97 -0.71 -12.50
CA ASP A 382 -8.51 -0.68 -12.31
C ASP A 382 -8.12 -1.68 -11.20
N LEU A 383 -8.93 -1.74 -10.14
CA LEU A 383 -8.65 -2.68 -9.02
C LEU A 383 -8.90 -4.11 -9.45
N ALA A 384 -9.98 -4.33 -10.19
CA ALA A 384 -10.20 -5.67 -10.77
C ALA A 384 -8.98 -6.08 -11.61
N ASP A 385 -8.49 -5.18 -12.48
CA ASP A 385 -7.32 -5.46 -13.35
C ASP A 385 -6.11 -5.85 -12.46
N GLU A 386 -5.82 -5.05 -11.44
CA GLU A 386 -4.60 -5.36 -10.66
C GLU A 386 -4.72 -6.48 -9.63
N ASN A 387 -5.95 -6.97 -9.41
CA ASN A 387 -6.18 -8.10 -8.52
C ASN A 387 -6.49 -9.40 -9.28
N GLY A 388 -6.50 -9.38 -10.63
CA GLY A 388 -6.80 -10.61 -11.36
C GLY A 388 -8.23 -11.10 -11.25
N ILE A 389 -9.19 -10.17 -11.16
CA ILE A 389 -10.55 -10.58 -10.95
C ILE A 389 -11.28 -10.29 -12.28
N LEU A 390 -11.90 -11.31 -12.87
CA LEU A 390 -12.70 -11.10 -14.09
C LEU A 390 -14.00 -10.39 -13.77
N VAL A 391 -14.49 -9.57 -14.68
CA VAL A 391 -15.69 -8.81 -14.45
C VAL A 391 -16.79 -9.19 -15.46
N TRP A 392 -17.94 -9.70 -14.94
CA TRP A 392 -19.21 -9.87 -15.74
C TRP A 392 -20.04 -8.58 -15.55
N GLN A 393 -20.27 -7.82 -16.62
CA GLN A 393 -20.93 -6.53 -16.48
C GLN A 393 -22.31 -6.61 -17.07
N ASP A 394 -23.35 -6.58 -16.23
CA ASP A 394 -24.73 -6.43 -16.74
C ASP A 394 -24.90 -4.98 -17.27
N PHE A 395 -25.71 -4.78 -18.31
CA PHE A 395 -26.25 -3.43 -18.50
C PHE A 395 -27.28 -3.19 -17.38
N MET A 396 -27.63 -1.93 -17.15
CA MET A 396 -28.35 -1.55 -15.96
C MET A 396 -29.88 -1.67 -16.18
N PHE A 397 -30.33 -2.93 -16.34
CA PHE A 397 -31.74 -3.26 -16.48
C PHE A 397 -31.98 -4.50 -15.58
N ALA A 398 -33.00 -4.49 -14.72
CA ALA A 398 -33.20 -5.61 -13.78
C ALA A 398 -34.66 -5.85 -13.43
N CYS A 399 -35.12 -7.09 -13.65
CA CYS A 399 -36.35 -7.64 -13.07
C CYS A 399 -37.65 -7.13 -13.60
N THR A 400 -37.65 -6.11 -14.44
CA THR A 400 -38.94 -5.65 -15.04
C THR A 400 -38.79 -5.50 -16.53
N PRO A 401 -39.85 -5.73 -17.29
CA PRO A 401 -39.63 -5.19 -18.65
C PRO A 401 -39.53 -3.65 -18.62
N TYR A 402 -38.93 -3.07 -19.66
CA TYR A 402 -38.68 -1.62 -19.76
C TYR A 402 -39.37 -1.09 -21.04
N PRO A 403 -39.57 0.24 -21.12
CA PRO A 403 -40.07 0.87 -22.37
C PRO A 403 -39.10 0.57 -23.52
N SER A 404 -39.53 0.73 -24.74
CA SER A 404 -38.65 0.60 -25.90
C SER A 404 -39.06 1.59 -26.96
N ASP A 405 -39.57 2.75 -26.58
CA ASP A 405 -39.93 3.74 -27.59
C ASP A 405 -38.63 4.37 -28.13
N PRO A 406 -38.69 5.05 -29.28
CA PRO A 406 -37.47 5.56 -29.90
C PRO A 406 -36.64 6.46 -29.02
N THR A 407 -37.26 7.38 -28.30
CA THR A 407 -36.49 8.25 -27.40
C THR A 407 -35.76 7.50 -26.28
N PHE A 408 -36.47 6.52 -25.70
CA PHE A 408 -35.89 5.73 -24.65
C PHE A 408 -34.70 4.95 -25.23
N LEU A 409 -34.85 4.38 -26.42
CA LEU A 409 -33.78 3.54 -26.97
C LEU A 409 -32.55 4.42 -27.38
N LYS A 410 -32.79 5.69 -27.71
CA LYS A 410 -31.68 6.61 -27.97
C LYS A 410 -30.91 6.90 -26.71
N ARG A 411 -31.60 7.12 -25.58
CA ARG A 411 -30.88 7.31 -24.30
C ARG A 411 -30.05 6.10 -23.94
N VAL A 412 -30.61 4.90 -24.13
CA VAL A 412 -29.92 3.66 -23.82
C VAL A 412 -28.71 3.50 -24.75
N GLU A 413 -28.88 3.76 -26.04
CA GLU A 413 -27.77 3.63 -26.95
C GLU A 413 -26.57 4.54 -26.55
N ALA A 414 -26.87 5.80 -26.17
CA ALA A 414 -25.91 6.73 -25.59
C ALA A 414 -25.14 6.16 -24.38
N GLU A 415 -25.85 5.56 -23.43
CA GLU A 415 -25.13 4.96 -22.27
C GLU A 415 -24.37 3.69 -22.68
N ALA A 416 -24.90 2.93 -23.65
CA ALA A 416 -24.20 1.69 -24.03
C ALA A 416 -22.90 2.09 -24.75
N VAL A 417 -22.97 2.96 -25.75
CA VAL A 417 -21.73 3.49 -26.36
C VAL A 417 -20.75 4.10 -25.33
N TYR A 418 -21.24 4.96 -24.46
CA TYR A 418 -20.33 5.63 -23.51
C TYR A 418 -19.58 4.58 -22.61
N ASN A 419 -20.33 3.67 -21.99
CA ASN A 419 -19.72 2.80 -21.04
C ASN A 419 -18.93 1.68 -21.72
N ILE A 420 -19.34 1.22 -22.90
CA ILE A 420 -18.54 0.25 -23.62
C ILE A 420 -17.16 0.89 -23.92
N ARG A 421 -17.13 2.08 -24.49
CA ARG A 421 -15.83 2.72 -24.75
C ARG A 421 -15.03 3.02 -23.51
N ARG A 422 -15.74 3.41 -22.45
CA ARG A 422 -15.11 3.65 -21.12
C ARG A 422 -14.42 2.42 -20.58
N LEU A 423 -15.00 1.22 -20.78
CA LEU A 423 -14.54 0.05 -20.05
C LEU A 423 -13.76 -0.93 -20.91
N ARG A 424 -13.78 -0.74 -22.23
CA ARG A 424 -13.30 -1.82 -23.08
C ARG A 424 -11.82 -2.00 -23.08
N ASN A 425 -11.07 -1.12 -22.42
CA ASN A 425 -9.61 -1.35 -22.35
C ASN A 425 -9.18 -2.11 -21.11
N HIS A 426 -10.13 -2.46 -20.26
CA HIS A 426 -9.78 -3.19 -19.01
C HIS A 426 -9.56 -4.68 -19.18
N ALA A 427 -8.42 -5.16 -18.72
CA ALA A 427 -8.10 -6.59 -18.81
C ALA A 427 -9.20 -7.38 -18.12
N SER A 428 -9.77 -6.80 -17.08
CA SER A 428 -10.71 -7.59 -16.20
C SER A 428 -12.03 -7.83 -16.88
N LEU A 429 -12.41 -6.93 -17.76
CA LEU A 429 -13.73 -7.01 -18.40
C LEU A 429 -13.83 -8.25 -19.25
N ALA A 430 -14.76 -9.14 -18.89
CA ALA A 430 -14.87 -10.49 -19.48
C ALA A 430 -16.13 -10.72 -20.33
N MET A 431 -17.24 -10.06 -19.98
CA MET A 431 -18.48 -10.24 -20.74
C MET A 431 -19.51 -9.17 -20.40
N TRP A 432 -20.55 -9.05 -21.25
CA TRP A 432 -21.66 -8.14 -21.05
C TRP A 432 -22.95 -9.00 -20.99
N CYS A 433 -23.91 -8.55 -20.20
CA CYS A 433 -25.16 -9.31 -20.09
C CYS A 433 -26.28 -8.27 -20.16
N GLY A 434 -27.23 -8.48 -21.05
CA GLY A 434 -28.24 -7.41 -21.33
C GLY A 434 -29.04 -7.00 -20.11
N ASN A 435 -29.40 -7.97 -19.25
CA ASN A 435 -30.20 -7.61 -18.06
C ASN A 435 -30.23 -8.75 -17.04
N ASN A 436 -30.80 -8.47 -15.85
CA ASN A 436 -31.05 -9.43 -14.79
C ASN A 436 -32.50 -9.83 -14.83
N GLU A 437 -32.75 -11.08 -15.22
CA GLU A 437 -34.05 -11.80 -14.99
C GLU A 437 -35.26 -11.28 -15.76
N ILE A 438 -35.05 -10.37 -16.72
CA ILE A 438 -36.22 -9.84 -17.48
C ILE A 438 -36.89 -10.89 -18.36
N LEU A 439 -36.11 -11.74 -19.03
CA LEU A 439 -36.74 -12.81 -19.82
C LEU A 439 -37.50 -13.81 -18.90
N GLU A 440 -36.88 -14.22 -17.81
CA GLU A 440 -37.57 -15.05 -16.79
C GLU A 440 -38.88 -14.42 -16.32
N ALA A 441 -38.79 -13.14 -15.93
CA ALA A 441 -39.95 -12.34 -15.56
C ALA A 441 -41.06 -12.39 -16.57
N LEU A 442 -40.77 -12.13 -17.85
CA LEU A 442 -41.77 -12.17 -18.90
C LEU A 442 -42.37 -13.58 -19.17
N LYS A 443 -41.59 -14.62 -18.93
CA LYS A 443 -42.05 -15.99 -19.17
C LYS A 443 -42.86 -16.59 -18.01
N TYR A 444 -42.45 -16.26 -16.78
CA TYR A 444 -42.80 -17.06 -15.64
C TYR A 444 -43.41 -16.26 -14.52
N TRP A 445 -43.42 -14.92 -14.58
CA TRP A 445 -43.76 -14.24 -13.32
C TRP A 445 -45.21 -13.73 -13.25
N GLY A 446 -46.02 -14.07 -14.26
CA GLY A 446 -47.46 -13.79 -14.19
C GLY A 446 -48.10 -12.79 -15.15
N PHE A 447 -47.30 -12.16 -16.01
CA PHE A 447 -47.75 -10.97 -16.75
C PHE A 447 -48.91 -11.16 -17.70
N GLU A 448 -49.03 -12.30 -18.37
CA GLU A 448 -50.13 -12.54 -19.31
C GLU A 448 -51.53 -12.47 -18.64
N LYS A 449 -51.56 -12.30 -17.32
CA LYS A 449 -52.81 -12.11 -16.55
C LYS A 449 -52.77 -10.89 -15.62
N LYS A 450 -51.87 -9.94 -15.90
CA LYS A 450 -51.76 -8.68 -15.15
C LYS A 450 -51.97 -7.49 -16.10
N PHE A 451 -51.84 -7.73 -17.41
CA PHE A 451 -51.89 -6.69 -18.44
C PHE A 451 -52.72 -7.26 -19.52
N THR A 452 -53.30 -6.38 -20.36
CA THR A 452 -54.04 -6.83 -21.53
C THR A 452 -53.14 -7.63 -22.48
N PRO A 453 -53.74 -8.34 -23.45
CA PRO A 453 -52.92 -9.09 -24.41
C PRO A 453 -52.11 -8.16 -25.32
N GLU A 454 -52.70 -7.02 -25.65
CA GLU A 454 -52.00 -6.02 -26.44
C GLU A 454 -50.76 -5.46 -25.71
N VAL A 455 -50.91 -5.09 -24.43
CA VAL A 455 -49.84 -4.52 -23.64
C VAL A 455 -48.78 -5.60 -23.41
N TYR A 456 -49.19 -6.84 -23.16
CA TYR A 456 -48.23 -7.93 -23.02
C TYR A 456 -47.44 -8.17 -24.31
N GLN A 457 -48.09 -8.10 -25.47
CA GLN A 457 -47.40 -8.27 -26.74
C GLN A 457 -46.40 -7.14 -26.98
N GLY A 458 -46.79 -5.97 -26.52
CA GLY A 458 -45.94 -4.79 -26.67
C GLY A 458 -44.67 -4.98 -25.87
N LEU A 459 -44.81 -5.53 -24.65
CA LEU A 459 -43.69 -5.78 -23.76
C LEU A 459 -42.73 -6.80 -24.36
N MET A 460 -43.27 -7.82 -25.03
CA MET A 460 -42.45 -8.87 -25.66
C MET A 460 -41.69 -8.37 -26.90
N HIS A 461 -42.35 -7.58 -27.76
CA HIS A 461 -41.62 -6.97 -28.87
CA HIS A 461 -41.65 -6.96 -28.86
C HIS A 461 -40.62 -5.93 -28.34
N GLY A 462 -40.96 -5.26 -27.22
CA GLY A 462 -40.06 -4.28 -26.59
C GLY A 462 -38.78 -4.89 -26.03
N TYR A 463 -38.92 -6.08 -25.43
CA TYR A 463 -37.77 -6.91 -25.03
C TYR A 463 -36.77 -7.12 -26.20
N ASP A 464 -37.25 -7.63 -27.32
CA ASP A 464 -36.40 -7.90 -28.45
C ASP A 464 -35.66 -6.65 -28.96
N LYS A 465 -36.38 -5.53 -29.03
CA LYS A 465 -35.82 -4.27 -29.57
C LYS A 465 -34.60 -3.88 -28.80
N LEU A 466 -34.65 -4.06 -27.49
CA LEU A 466 -33.58 -3.59 -26.66
C LEU A 466 -32.49 -4.67 -26.49
N PHE A 467 -32.89 -5.87 -26.05
CA PHE A 467 -31.93 -6.88 -25.57
C PHE A 467 -31.46 -7.84 -26.61
N ARG A 468 -32.21 -7.94 -27.72
CA ARG A 468 -31.83 -8.85 -28.81
C ARG A 468 -31.39 -8.11 -30.07
N GLU A 469 -31.47 -6.77 -30.06
CA GLU A 469 -31.05 -5.99 -31.24
C GLU A 469 -30.12 -4.84 -30.81
N LEU A 470 -30.63 -3.87 -30.08
CA LEU A 470 -29.82 -2.65 -29.79
C LEU A 470 -28.58 -2.98 -28.97
N LEU A 471 -28.74 -3.67 -27.86
CA LEU A 471 -27.52 -3.89 -27.02
C LEU A 471 -26.51 -4.85 -27.69
N PRO A 472 -26.98 -6.03 -28.19
CA PRO A 472 -25.98 -6.86 -28.86
C PRO A 472 -25.34 -6.21 -30.09
N SER A 473 -26.06 -5.35 -30.83
CA SER A 473 -25.44 -4.62 -31.96
CA SER A 473 -25.42 -4.65 -31.96
C SER A 473 -24.36 -3.63 -31.52
N THR A 474 -24.61 -2.96 -30.40
CA THR A 474 -23.68 -1.98 -29.88
C THR A 474 -22.41 -2.72 -29.41
N VAL A 475 -22.59 -3.88 -28.81
CA VAL A 475 -21.43 -4.63 -28.29
C VAL A 475 -20.66 -5.08 -29.51
N LYS A 476 -21.37 -5.58 -30.52
CA LYS A 476 -20.70 -6.07 -31.73
C LYS A 476 -19.90 -4.96 -32.42
N GLU A 477 -20.42 -3.74 -32.39
CA GLU A 477 -19.73 -2.62 -33.01
C GLU A 477 -18.53 -2.12 -32.20
N PHE A 478 -18.69 -1.97 -30.89
CA PHE A 478 -17.65 -1.32 -30.09
C PHE A 478 -16.79 -2.24 -29.23
N ASP A 479 -17.21 -3.50 -29.06
CA ASP A 479 -16.45 -4.44 -28.22
C ASP A 479 -16.55 -5.83 -28.84
N SER A 480 -16.11 -5.93 -30.09
CA SER A 480 -16.50 -7.07 -30.92
C SER A 480 -15.89 -8.40 -30.51
N ASP A 481 -14.87 -8.41 -29.66
CA ASP A 481 -14.36 -9.72 -29.26
C ASP A 481 -14.76 -10.09 -27.84
N ARG A 482 -15.73 -9.37 -27.29
CA ARG A 482 -16.29 -9.72 -25.98
C ARG A 482 -17.68 -10.34 -26.09
N PHE A 483 -17.90 -11.37 -25.29
CA PHE A 483 -19.20 -12.07 -25.19
C PHE A 483 -20.34 -11.18 -24.70
N TYR A 484 -21.50 -11.36 -25.32
CA TYR A 484 -22.75 -10.72 -24.85
C TYR A 484 -23.81 -11.84 -24.76
N VAL A 485 -24.62 -11.82 -23.71
CA VAL A 485 -25.79 -12.71 -23.63
C VAL A 485 -26.98 -11.80 -23.27
N HIS A 486 -28.18 -12.07 -23.79
CA HIS A 486 -29.27 -11.06 -23.61
C HIS A 486 -29.82 -10.98 -22.22
N SER A 487 -29.69 -12.07 -21.44
CA SER A 487 -30.29 -12.06 -20.11
C SER A 487 -29.63 -13.11 -19.25
N SER A 488 -29.62 -12.91 -17.95
CA SER A 488 -29.20 -13.90 -16.96
C SER A 488 -30.36 -14.13 -15.96
N PRO A 489 -30.79 -15.40 -15.82
CA PRO A 489 -30.38 -16.61 -16.52
C PRO A 489 -31.05 -16.59 -17.89
N TYR A 490 -30.34 -17.07 -18.90
CA TYR A 490 -30.89 -16.97 -20.25
C TYR A 490 -31.95 -18.00 -20.61
N LEU A 491 -31.88 -19.16 -19.97
CA LEU A 491 -32.90 -20.21 -20.22
C LEU A 491 -33.35 -20.92 -18.96
N ALA A 492 -32.38 -21.25 -18.10
CA ALA A 492 -32.64 -22.07 -16.92
C ALA A 492 -33.51 -21.36 -15.93
N ASN A 493 -34.45 -22.11 -15.35
CA ASN A 493 -35.39 -21.58 -14.39
C ASN A 493 -35.43 -22.50 -13.19
N TRP A 494 -35.39 -21.94 -11.99
CA TRP A 494 -35.15 -22.77 -10.83
C TRP A 494 -36.27 -23.75 -10.56
N GLY A 495 -37.46 -23.48 -11.08
CA GLY A 495 -38.62 -24.38 -10.85
C GLY A 495 -38.72 -25.52 -11.86
N ARG A 496 -37.79 -25.55 -12.81
CA ARG A 496 -37.88 -26.42 -13.95
C ARG A 496 -36.58 -27.19 -14.18
N PRO A 497 -36.45 -28.36 -13.52
CA PRO A 497 -35.27 -29.23 -13.54
C PRO A 497 -34.81 -29.55 -14.95
N GLU A 498 -35.76 -29.69 -15.88
CA GLU A 498 -35.43 -30.03 -17.24
C GLU A 498 -34.56 -28.95 -17.94
N SER A 499 -34.61 -27.72 -17.43
CA SER A 499 -33.91 -26.58 -18.01
C SER A 499 -32.54 -26.37 -17.40
N TRP A 500 -32.21 -27.06 -16.31
CA TRP A 500 -30.96 -26.79 -15.60
C TRP A 500 -29.67 -27.13 -16.34
N GLY A 501 -29.76 -27.94 -17.38
CA GLY A 501 -28.54 -28.27 -18.15
C GLY A 501 -28.31 -27.27 -19.27
N THR A 502 -29.07 -26.17 -19.28
CA THR A 502 -28.96 -25.23 -20.39
C THR A 502 -28.49 -23.86 -19.91
N GLY A 503 -27.21 -23.53 -20.12
CA GLY A 503 -26.73 -22.23 -19.71
C GLY A 503 -26.62 -21.99 -18.22
N ASP A 504 -26.72 -20.72 -17.82
CA ASP A 504 -26.49 -20.33 -16.43
C ASP A 504 -27.79 -20.37 -15.58
N SER A 505 -27.67 -20.64 -14.27
CA SER A 505 -28.84 -20.72 -13.40
C SER A 505 -28.81 -19.69 -12.32
N HIS A 506 -29.97 -19.08 -12.00
CA HIS A 506 -30.17 -18.42 -10.70
C HIS A 506 -31.01 -19.37 -9.81
N ASN A 507 -30.37 -20.25 -9.05
CA ASN A 507 -31.14 -21.25 -8.32
C ASN A 507 -31.62 -20.71 -6.99
N TRP A 508 -32.85 -20.25 -7.00
CA TRP A 508 -33.38 -19.68 -5.79
C TRP A 508 -34.35 -20.69 -5.15
N GLY A 509 -34.10 -21.97 -5.43
CA GLY A 509 -34.83 -23.05 -4.75
C GLY A 509 -34.50 -22.98 -3.26
N VAL A 510 -33.23 -22.79 -2.97
CA VAL A 510 -32.81 -22.47 -1.61
C VAL A 510 -33.19 -21.00 -1.40
N TRP A 511 -33.72 -20.72 -0.21
CA TRP A 511 -34.33 -19.41 0.16
C TRP A 511 -35.77 -19.32 -0.34
N TYR A 512 -36.00 -18.87 -1.57
CA TYR A 512 -37.38 -18.70 -2.07
C TYR A 512 -38.14 -20.00 -2.21
N GLY A 513 -37.51 -21.08 -2.65
CA GLY A 513 -38.24 -22.34 -2.69
C GLY A 513 -38.23 -23.14 -1.39
N LYS A 514 -37.63 -22.58 -0.34
CA LYS A 514 -37.45 -23.27 0.95
C LYS A 514 -36.72 -24.60 0.91
N LYS A 515 -36.00 -24.87 -0.16
CA LYS A 515 -35.30 -26.15 -0.27
C LYS A 515 -34.14 -26.20 0.74
N PRO A 516 -33.89 -27.39 1.30
CA PRO A 516 -32.74 -27.58 2.18
C PRO A 516 -31.43 -27.36 1.42
N PHE A 517 -30.37 -26.99 2.14
CA PHE A 517 -29.07 -26.77 1.50
C PHE A 517 -28.55 -28.03 0.82
N GLU A 518 -29.02 -29.16 1.32
CA GLU A 518 -28.67 -30.44 0.70
C GLU A 518 -29.13 -30.56 -0.76
N SER A 519 -30.18 -29.83 -1.11
CA SER A 519 -30.63 -29.84 -2.49
C SER A 519 -29.54 -29.34 -3.44
N LEU A 520 -28.58 -28.56 -2.94
CA LEU A 520 -27.54 -28.01 -3.85
C LEU A 520 -26.62 -29.14 -4.33
N ASP A 521 -26.63 -30.30 -3.65
CA ASP A 521 -25.80 -31.47 -4.06
C ASP A 521 -26.44 -32.17 -5.25
N THR A 522 -27.76 -32.09 -5.37
CA THR A 522 -28.44 -32.76 -6.44
C THR A 522 -28.94 -31.83 -7.51
N ASP A 523 -29.19 -30.56 -7.22
CA ASP A 523 -29.83 -29.65 -8.21
C ASP A 523 -28.72 -28.85 -8.89
N LEU A 524 -28.12 -29.43 -9.92
CA LEU A 524 -26.84 -28.86 -10.36
C LEU A 524 -26.97 -28.01 -11.59
N PRO A 525 -26.22 -26.88 -11.66
CA PRO A 525 -26.34 -26.09 -12.84
C PRO A 525 -25.09 -26.23 -13.74
N ARG A 526 -25.15 -25.72 -14.97
CA ARG A 526 -23.92 -25.62 -15.78
C ARG A 526 -23.00 -24.49 -15.28
N PHE A 527 -23.60 -23.47 -14.70
CA PHE A 527 -22.85 -22.33 -14.14
C PHE A 527 -23.84 -21.71 -13.21
N MET A 528 -23.50 -21.56 -11.91
CA MET A 528 -24.41 -20.90 -10.96
C MET A 528 -24.11 -19.41 -10.90
N SER A 529 -24.94 -18.57 -11.51
CA SER A 529 -24.67 -17.12 -11.47
C SER A 529 -25.36 -16.39 -10.32
N GLU A 530 -26.31 -17.08 -9.65
CA GLU A 530 -26.85 -16.59 -8.38
C GLU A 530 -27.37 -17.75 -7.54
N PHE A 531 -27.09 -17.75 -6.23
CA PHE A 531 -27.84 -18.52 -5.26
C PHE A 531 -27.50 -17.87 -3.92
N GLY A 532 -28.35 -17.97 -2.90
CA GLY A 532 -28.05 -17.20 -1.71
C GLY A 532 -28.91 -17.54 -0.49
N PHE A 533 -28.54 -16.95 0.63
CA PHE A 533 -29.23 -17.19 1.89
C PHE A 533 -28.94 -15.98 2.72
N GLN A 534 -29.96 -15.48 3.44
CA GLN A 534 -29.84 -14.28 4.23
C GLN A 534 -29.30 -14.53 5.63
N SER A 535 -28.73 -13.48 6.20
CA SER A 535 -28.45 -13.47 7.65
C SER A 535 -28.54 -12.06 8.19
N PHE A 536 -28.94 -11.93 9.47
CA PHE A 536 -28.75 -10.68 10.22
C PHE A 536 -27.25 -10.45 10.31
N PRO A 537 -26.80 -9.18 10.23
CA PRO A 537 -25.41 -8.87 10.45
C PRO A 537 -25.08 -8.91 11.94
N GLU A 538 -23.79 -8.90 12.28
CA GLU A 538 -23.43 -9.02 13.69
C GLU A 538 -23.92 -7.88 14.54
N MET A 539 -23.83 -8.08 15.86
CA MET A 539 -24.42 -7.16 16.81
C MET A 539 -23.89 -5.72 16.70
N LYS A 540 -22.60 -5.54 16.45
CA LYS A 540 -22.12 -4.18 16.40
C LYS A 540 -22.71 -3.38 15.22
N THR A 541 -23.11 -4.08 14.17
CA THR A 541 -23.83 -3.48 13.02
C THR A 541 -25.31 -3.23 13.38
N ILE A 542 -25.95 -4.22 14.01
CA ILE A 542 -27.33 -4.04 14.54
C ILE A 542 -27.41 -2.79 15.43
N ALA A 543 -26.43 -2.58 16.30
CA ALA A 543 -26.40 -1.41 17.21
C ALA A 543 -26.18 -0.11 16.46
N ALA A 544 -25.74 -0.20 15.20
CA ALA A 544 -25.66 0.99 14.34
C ALA A 544 -27.04 1.47 13.81
N PHE A 545 -28.01 0.52 13.82
N PHE A 545 -28.06 0.68 13.71
CA PHE A 545 -29.42 0.64 13.25
CA PHE A 545 -29.25 1.42 13.37
C PHE A 545 -30.67 0.18 14.09
C PHE A 545 -30.13 1.57 14.58
N ALA A 546 -30.47 -0.47 15.24
N ALA A 546 -29.75 0.91 15.67
CA ALA A 546 -31.60 -0.90 16.09
CA ALA A 546 -30.69 0.71 16.76
C ALA A 546 -31.31 -0.70 17.57
C ALA A 546 -30.11 0.90 18.17
N ALA A 547 -32.36 -0.65 18.39
N ALA A 547 -30.99 1.35 19.05
CA ALA A 547 -32.24 -0.55 19.85
CA ALA A 547 -30.71 1.41 20.47
C ALA A 547 -32.58 -1.88 20.51
C ALA A 547 -30.98 0.04 21.09
N PRO A 548 -32.11 -2.13 21.74
N PRO A 548 -30.37 -0.23 22.26
CA PRO A 548 -32.39 -3.46 22.29
CA PRO A 548 -30.53 -1.57 22.83
C PRO A 548 -33.88 -3.82 22.40
C PRO A 548 -32.01 -1.88 23.09
N GLU A 549 -34.74 -2.82 22.40
N GLU A 549 -32.82 -0.82 23.15
CA GLU A 549 -36.19 -3.03 22.41
CA GLU A 549 -34.24 -0.97 23.36
C GLU A 549 -36.69 -3.67 21.13
C GLU A 549 -34.88 -1.77 22.22
N ASP A 550 -35.92 -3.54 20.05
N ASP A 550 -34.33 -1.63 21.01
CA ASP A 550 -36.40 -4.08 18.79
CA ASP A 550 -34.94 -2.22 19.81
C ASP A 550 -35.75 -5.41 18.42
C ASP A 550 -34.33 -3.54 19.30
N TYR A 551 -35.00 -5.96 19.38
N TYR A 551 -33.52 -4.19 20.14
CA TYR A 551 -34.29 -7.23 19.20
CA TYR A 551 -32.83 -5.45 19.82
C TYR A 551 -35.19 -8.47 19.24
C TYR A 551 -33.74 -6.70 19.89
N GLN A 552 -36.16 -8.57 18.35
N GLN A 552 -34.80 -6.68 19.07
CA GLN A 552 -36.87 -9.83 18.07
CA GLN A 552 -35.66 -7.85 18.89
C GLN A 552 -36.89 -10.00 16.57
C GLN A 552 -35.79 -8.01 17.38
N ILE A 553 -36.99 -11.22 16.07
N ILE A 553 -35.95 -9.25 16.90
CA ILE A 553 -36.82 -11.44 14.63
CA ILE A 553 -36.11 -9.52 15.47
C ILE A 553 -37.87 -10.77 13.75
C ILE A 553 -37.27 -8.75 14.85
N GLU A 554 -39.08 -10.56 14.27
N GLU A 554 -38.27 -8.45 15.65
CA GLU A 554 -40.05 -9.85 13.47
CA GLU A 554 -39.43 -7.85 15.06
C GLU A 554 -40.60 -8.59 14.12
C GLU A 554 -39.78 -6.51 15.68
N SER A 555 -39.78 -7.88 14.87
N SER A 555 -38.81 -5.86 16.31
CA SER A 555 -40.23 -6.60 15.37
CA SER A 555 -39.05 -4.48 16.73
C SER A 555 -40.43 -5.66 14.18
C SER A 555 -39.38 -3.63 15.51
N GLU A 556 -41.00 -4.48 14.45
N GLU A 556 -39.80 -2.39 15.74
CA GLU A 556 -41.19 -3.48 13.42
CA GLU A 556 -40.20 -1.52 14.64
C GLU A 556 -39.84 -3.18 12.77
C GLU A 556 -38.92 -1.12 13.92
N VAL A 557 -38.86 -2.95 13.61
N VAL A 557 -37.93 -0.69 14.70
CA VAL A 557 -37.54 -2.51 13.14
CA VAL A 557 -36.63 -0.33 14.13
C VAL A 557 -36.83 -3.62 12.34
C VAL A 557 -35.98 -1.49 13.38
N MET A 558 -36.84 -4.86 12.81
N MET A 558 -36.09 -2.71 13.91
CA MET A 558 -36.15 -5.91 12.06
CA MET A 558 -35.53 -3.86 13.21
C MET A 558 -36.79 -6.12 10.70
C MET A 558 -36.21 -4.23 11.87
N ASN A 559 -38.11 -6.21 10.66
N ASN A 559 -37.53 -4.14 11.78
CA ASN A 559 -38.85 -6.28 9.40
CA ASN A 559 -38.16 -4.48 10.50
C ASN A 559 -38.71 -5.04 8.49
C ASN A 559 -37.99 -3.38 9.48
N ALA A 560 -38.47 -3.89 9.09
N ALA A 560 -37.56 -2.20 9.94
CA ALA A 560 -38.23 -2.65 8.39
CA ALA A 560 -37.23 -1.14 9.01
C ALA A 560 -36.86 -2.77 7.74
C ALA A 560 -35.89 -1.41 8.32
N HIS A 561 -36.05 -3.67 8.28
N HIS A 561 -35.12 -2.34 8.85
CA HIS A 561 -34.75 -3.96 7.72
CA HIS A 561 -33.82 -2.72 8.29
C HIS A 561 -34.64 -5.31 7.01
C HIS A 561 -33.85 -4.15 7.81
N GLN A 562 -35.71 -5.72 6.35
N GLN A 562 -35.07 -4.64 7.51
CA GLN A 562 -35.80 -6.95 5.57
CA GLN A 562 -35.32 -5.95 6.90
C GLN A 562 -36.68 -6.61 4.37
C GLN A 562 -36.27 -5.73 5.72
N LYS A 563 -36.24 -6.86 3.16
N LYS A 563 -35.73 -5.75 4.51
CA LYS A 563 -37.06 -6.40 2.01
CA LYS A 563 -36.54 -5.33 3.37
C LYS A 563 -37.44 -7.50 1.02
C LYS A 563 -37.25 -6.48 2.65
N SER A 564 -37.08 -8.74 1.34
N SER A 564 -36.95 -7.70 3.06
CA SER A 564 -37.43 -9.86 0.47
CA SER A 564 -37.81 -8.81 2.64
C SER A 564 -38.89 -10.23 0.70
C SER A 564 -38.82 -9.17 3.74
N SER A 565 -39.53 -10.76 -0.33
N SER A 565 -40.10 -9.01 3.44
CA SER A 565 -40.92 -11.14 -0.27
CA SER A 565 -41.19 -9.29 4.39
C SER A 565 -41.11 -12.31 0.69
C SER A 565 -41.24 -10.75 4.75
N ILE A 566 -39.99 -12.94 1.06
N ILE A 566 -40.52 -11.60 4.03
CA ILE A 566 -39.99 -14.01 2.05
CA ILE A 566 -40.54 -13.04 4.35
C ILE A 566 -39.02 -13.58 3.13
C ILE A 566 -39.25 -13.56 4.98
N GLY A 567 -39.54 -13.14 4.28
N GLY A 567 -38.24 -12.71 5.02
CA GLY A 567 -38.73 -12.50 5.34
CA GLY A 567 -36.90 -13.10 5.46
C GLY A 567 -38.01 -13.27 6.44
C GLY A 567 -36.78 -13.61 6.88
N ASN A 568 -37.77 -12.58 7.55
N ASN A 568 -37.31 -12.89 7.84
CA ASN A 568 -37.06 -13.11 8.72
CA ASN A 568 -36.99 -13.20 9.26
C ASN A 568 -37.64 -14.42 9.30
C ASN A 568 -37.42 -14.61 9.59
N SER A 569 -38.89 -14.71 8.98
N SER A 569 -38.70 -14.87 9.40
CA SER A 569 -39.49 -15.96 9.41
CA SER A 569 -39.23 -16.18 9.71
C SER A 569 -38.69 -17.17 8.84
C SER A 569 -38.59 -17.31 8.86
N LEU A 570 -38.30 -17.05 7.58
CA LEU A 570 -37.54 -18.05 6.85
C LEU A 570 -36.19 -18.36 7.48
N ILE A 571 -35.50 -17.36 8.01
CA ILE A 571 -34.24 -17.62 8.72
C ILE A 571 -34.49 -18.62 9.88
N ARG A 572 -35.52 -18.32 10.68
CA ARG A 572 -35.86 -19.24 11.80
C ARG A 572 -36.21 -20.66 11.33
N THR A 573 -36.99 -20.75 10.23
CA THR A 573 -37.41 -22.03 9.64
C THR A 573 -36.20 -22.88 9.29
N TYR A 574 -35.22 -22.28 8.61
CA TYR A 574 -34.04 -23.03 8.20
C TYR A 574 -33.17 -23.34 9.42
N MET A 575 -33.03 -22.38 10.33
CA MET A 575 -32.19 -22.58 11.53
C MET A 575 -32.61 -23.82 12.33
N GLU A 576 -33.93 -23.99 12.42
CA GLU A 576 -34.55 -25.06 13.22
C GLU A 576 -34.20 -26.41 12.64
N ARG A 577 -34.01 -26.48 11.32
CA ARG A 577 -33.66 -27.72 10.68
C ARG A 577 -32.31 -28.23 11.13
N ASP A 578 -31.42 -27.34 11.56
CA ASP A 578 -29.99 -27.70 11.71
C ASP A 578 -29.35 -27.36 13.05
N TYR A 579 -29.97 -26.45 13.79
CA TYR A 579 -29.45 -25.91 15.05
C TYR A 579 -30.57 -25.81 16.05
N ILE A 580 -30.19 -25.82 17.32
CA ILE A 580 -31.13 -25.49 18.37
C ILE A 580 -31.30 -23.98 18.33
N ILE A 581 -32.54 -23.52 18.25
CA ILE A 581 -32.81 -22.10 18.15
C ILE A 581 -32.61 -21.47 19.51
N PRO A 582 -31.68 -20.48 19.63
CA PRO A 582 -31.37 -19.89 20.93
C PRO A 582 -32.50 -19.01 21.39
N GLU A 583 -32.64 -18.87 22.71
CA GLU A 583 -33.60 -17.94 23.31
C GLU A 583 -33.24 -16.49 23.21
N SER A 584 -31.95 -16.14 23.28
CA SER A 584 -31.60 -14.73 23.15
C SER A 584 -31.35 -14.27 21.72
N PHE A 585 -31.63 -12.99 21.50
CA PHE A 585 -31.50 -12.34 20.20
C PHE A 585 -30.04 -12.32 19.76
N GLU A 586 -29.13 -11.95 20.66
CA GLU A 586 -27.69 -11.99 20.36
C GLU A 586 -27.20 -13.37 19.99
N ASP A 587 -27.72 -14.41 20.65
CA ASP A 587 -27.28 -15.77 20.29
C ASP A 587 -27.92 -16.20 18.98
N PHE A 588 -29.17 -15.80 18.77
CA PHE A 588 -29.84 -16.09 17.50
C PHE A 588 -29.06 -15.43 16.31
N VAL A 589 -28.66 -14.19 16.48
CA VAL A 589 -27.81 -13.52 15.43
C VAL A 589 -26.55 -14.33 15.14
N TYR A 590 -25.79 -14.65 16.19
CA TYR A 590 -24.61 -15.52 16.05
C TYR A 590 -24.89 -16.80 15.32
N VAL A 591 -25.89 -17.56 15.75
CA VAL A 591 -26.15 -18.82 15.03
C VAL A 591 -26.64 -18.61 13.57
N GLY A 592 -27.39 -17.56 13.32
CA GLY A 592 -27.79 -17.28 11.94
C GLY A 592 -26.60 -16.94 11.04
N LEU A 593 -25.53 -16.35 11.58
CA LEU A 593 -24.30 -16.18 10.79
C LEU A 593 -23.68 -17.54 10.47
N VAL A 594 -23.58 -18.39 11.49
CA VAL A 594 -23.05 -19.71 11.32
C VAL A 594 -23.87 -20.46 10.28
N LEU A 595 -25.19 -20.41 10.40
CA LEU A 595 -26.12 -21.09 9.48
C LEU A 595 -25.89 -20.69 7.99
N GLN A 596 -25.91 -19.38 7.73
CA GLN A 596 -25.69 -18.85 6.37
C GLN A 596 -24.34 -19.34 5.86
N GLY A 597 -23.30 -19.28 6.70
CA GLY A 597 -21.97 -19.72 6.23
C GLY A 597 -21.91 -21.21 5.92
N GLN A 598 -22.47 -22.05 6.80
CA GLN A 598 -22.38 -23.52 6.60
C GLN A 598 -23.22 -24.01 5.44
N GLY A 599 -24.45 -23.54 5.31
CA GLY A 599 -25.31 -23.93 4.17
C GLY A 599 -24.84 -23.48 2.79
N MET A 600 -24.44 -22.21 2.69
CA MET A 600 -23.87 -21.71 1.44
C MET A 600 -22.54 -22.36 1.04
N ARG A 601 -21.62 -22.57 1.98
CA ARG A 601 -20.40 -23.30 1.59
C ARG A 601 -20.64 -24.73 1.16
N HIS A 602 -21.68 -25.36 1.70
CA HIS A 602 -22.10 -26.69 1.19
C HIS A 602 -22.43 -26.60 -0.30
N GLY A 603 -23.13 -25.55 -0.72
CA GLY A 603 -23.38 -25.37 -2.17
C GLY A 603 -22.14 -25.02 -2.97
N LEU A 604 -21.27 -24.14 -2.44
CA LEU A 604 -20.05 -23.72 -3.19
C LEU A 604 -19.19 -24.96 -3.48
N GLU A 605 -19.18 -25.85 -2.49
CA GLU A 605 -18.42 -27.13 -2.60
C GLU A 605 -19.07 -28.07 -3.60
N ALA A 606 -20.41 -28.18 -3.60
CA ALA A 606 -21.11 -29.00 -4.61
C ALA A 606 -20.77 -28.56 -6.02
N HIS A 607 -20.66 -27.26 -6.21
CA HIS A 607 -20.47 -26.76 -7.58
C HIS A 607 -19.05 -27.08 -8.01
N ARG A 608 -18.08 -26.86 -7.13
CA ARG A 608 -16.68 -27.18 -7.50
C ARG A 608 -16.53 -28.73 -7.65
N ARG A 609 -17.21 -29.47 -6.78
CA ARG A 609 -17.06 -30.96 -6.79
C ARG A 609 -17.56 -31.50 -8.10
N ASN A 610 -18.53 -30.82 -8.69
CA ASN A 610 -19.19 -31.27 -9.92
C ASN A 610 -18.70 -30.64 -11.21
N ARG A 611 -17.48 -30.10 -11.21
CA ARG A 611 -16.83 -29.77 -12.43
C ARG A 611 -16.50 -31.10 -13.17
N PRO A 612 -16.58 -31.15 -14.52
CA PRO A 612 -16.87 -30.06 -15.49
C PRO A 612 -18.34 -29.82 -15.87
N TYR A 613 -19.30 -30.63 -15.36
CA TYR A 613 -20.74 -30.39 -15.59
C TYR A 613 -21.01 -28.94 -15.18
N CYS A 614 -20.55 -28.58 -13.99
CA CYS A 614 -20.68 -27.21 -13.44
C CYS A 614 -19.34 -26.48 -13.58
N MET A 615 -19.35 -25.25 -14.07
CA MET A 615 -18.08 -24.53 -14.37
C MET A 615 -18.02 -23.16 -13.68
N GLY A 616 -18.89 -22.91 -12.73
CA GLY A 616 -18.76 -21.68 -11.99
C GLY A 616 -19.80 -21.47 -10.93
N THR A 617 -19.44 -20.71 -9.90
CA THR A 617 -20.40 -20.33 -8.87
C THR A 617 -20.16 -18.91 -8.42
N LEU A 618 -21.20 -18.08 -8.56
CA LEU A 618 -21.17 -16.71 -8.05
C LEU A 618 -22.35 -16.61 -7.11
N TYR A 619 -22.06 -16.54 -5.81
CA TYR A 619 -23.14 -16.42 -4.87
C TYR A 619 -23.75 -15.03 -4.79
N TRP A 620 -25.02 -15.03 -4.36
CA TRP A 620 -25.78 -13.81 -4.13
C TRP A 620 -25.75 -13.61 -2.58
N GLN A 621 -25.08 -12.60 -2.00
CA GLN A 621 -24.44 -11.49 -2.66
C GLN A 621 -23.17 -11.17 -1.91
N LEU A 622 -22.26 -10.41 -2.55
CA LEU A 622 -21.01 -10.05 -1.86
C LEU A 622 -21.24 -9.09 -0.68
N ASN A 623 -21.96 -7.99 -0.92
CA ASN A 623 -21.76 -6.79 -0.10
C ASN A 623 -23.09 -6.09 0.16
N ASP A 624 -23.09 -5.05 1.01
CA ASP A 624 -24.39 -4.37 1.35
C ASP A 624 -24.30 -2.89 1.03
N SER A 625 -25.44 -2.25 0.74
CA SER A 625 -25.46 -0.79 0.51
C SER A 625 -25.81 0.06 1.74
N TRP A 626 -26.27 -0.62 2.81
CA TRP A 626 -26.67 0.06 4.06
C TRP A 626 -26.81 -1.06 5.13
N PRO A 627 -26.94 -0.68 6.43
CA PRO A 627 -27.13 -1.76 7.46
C PRO A 627 -28.46 -2.40 7.33
N VAL A 628 -28.49 -3.71 7.18
CA VAL A 628 -29.66 -4.39 6.78
C VAL A 628 -29.42 -5.89 6.95
N VAL A 629 -30.49 -6.64 7.02
CA VAL A 629 -30.52 -8.11 6.94
C VAL A 629 -30.58 -8.47 5.45
N SER A 630 -29.68 -9.33 4.97
CA SER A 630 -29.53 -9.55 3.52
C SER A 630 -28.71 -10.84 3.28
N TRP A 631 -28.55 -11.19 2.01
CA TRP A 631 -27.78 -12.33 1.58
C TRP A 631 -26.27 -12.09 1.57
N SER A 632 -25.82 -10.91 2.04
CA SER A 632 -24.41 -10.50 1.84
C SER A 632 -23.46 -11.39 2.66
N SER A 633 -22.21 -11.50 2.24
CA SER A 633 -21.16 -12.19 3.03
C SER A 633 -20.32 -11.18 3.80
N ILE A 634 -20.45 -9.90 3.43
CA ILE A 634 -19.73 -8.81 4.12
C ILE A 634 -20.76 -7.68 4.41
N ASP A 635 -20.94 -7.29 5.68
CA ASP A 635 -21.97 -6.26 5.99
C ASP A 635 -21.54 -4.84 5.58
N TYR A 636 -22.43 -3.86 5.79
CA TYR A 636 -22.16 -2.51 5.31
C TYR A 636 -20.87 -1.89 5.83
N TYR A 637 -20.50 -2.24 7.09
CA TYR A 637 -19.29 -1.73 7.73
C TYR A 637 -18.00 -2.47 7.41
N GLY A 638 -18.05 -3.37 6.44
CA GLY A 638 -16.85 -4.12 6.10
C GLY A 638 -16.63 -5.41 6.92
N ASN A 639 -17.54 -5.76 7.84
CA ASN A 639 -17.28 -6.94 8.69
C ASN A 639 -17.57 -8.19 7.91
N TRP A 640 -16.61 -9.11 7.86
CA TRP A 640 -16.89 -10.40 7.25
C TRP A 640 -17.88 -11.17 8.14
N LYS A 641 -18.96 -11.63 7.53
CA LYS A 641 -19.86 -12.64 8.15
C LYS A 641 -19.18 -13.96 8.07
N ALA A 642 -19.73 -14.99 8.76
CA ALA A 642 -19.17 -16.35 8.56
C ALA A 642 -19.06 -16.78 7.12
N LEU A 643 -20.04 -16.43 6.32
CA LEU A 643 -20.01 -16.77 4.90
C LEU A 643 -18.75 -16.33 4.19
N HIS A 644 -18.21 -15.18 4.55
CA HIS A 644 -17.04 -14.80 3.79
C HIS A 644 -15.85 -15.70 4.12
N TYR A 645 -15.66 -16.01 5.42
CA TYR A 645 -14.59 -16.97 5.79
C TYR A 645 -14.86 -18.29 5.12
N GLN A 646 -16.13 -18.75 5.10
CA GLN A 646 -16.43 -20.04 4.49
C GLN A 646 -16.25 -20.07 2.96
N ALA A 647 -16.56 -18.96 2.30
CA ALA A 647 -16.33 -18.83 0.86
C ALA A 647 -14.80 -18.94 0.60
N LYS A 648 -14.00 -18.28 1.41
CA LYS A 648 -12.51 -18.37 1.29
C LYS A 648 -12.04 -19.84 1.28
N ARG A 649 -12.51 -20.60 2.30
CA ARG A 649 -12.23 -22.02 2.52
C ARG A 649 -12.73 -22.84 1.37
N ALA A 650 -13.98 -22.60 0.93
CA ALA A 650 -14.53 -23.36 -0.20
C ALA A 650 -13.90 -23.05 -1.54
N PHE A 651 -13.28 -21.88 -1.66
CA PHE A 651 -12.67 -21.48 -2.93
C PHE A 651 -11.16 -21.73 -2.93
N ALA A 652 -10.63 -22.26 -1.83
CA ALA A 652 -9.20 -22.56 -1.75
C ALA A 652 -8.71 -23.32 -2.98
N PRO A 653 -7.52 -22.91 -3.51
CA PRO A 653 -7.04 -23.59 -4.74
C PRO A 653 -7.07 -25.14 -4.65
N VAL A 654 -6.66 -25.72 -3.54
CA VAL A 654 -6.81 -27.17 -3.34
C VAL A 654 -7.69 -27.39 -2.14
N LEU A 655 -8.69 -28.24 -2.31
CA LEU A 655 -9.68 -28.44 -1.29
C LEU A 655 -9.94 -29.93 -1.15
N ILE A 656 -9.99 -30.38 0.09
CA ILE A 656 -10.49 -31.73 0.41
C ILE A 656 -11.95 -31.54 0.78
N ASN A 657 -12.82 -32.23 0.03
CA ASN A 657 -14.25 -32.14 0.21
C ASN A 657 -14.87 -33.54 0.54
N PRO A 658 -15.05 -33.84 1.82
CA PRO A 658 -15.82 -34.99 2.30
C PRO A 658 -17.32 -34.68 2.12
N ILE A 659 -18.05 -35.54 1.41
CA ILE A 659 -19.50 -35.36 1.22
C ILE A 659 -20.22 -36.69 1.69
N GLN A 660 -21.13 -36.55 2.62
CA GLN A 660 -21.83 -37.71 3.20
C GLN A 660 -23.28 -37.66 2.76
N GLN A 661 -23.74 -38.74 2.13
CA GLN A 661 -25.14 -38.91 1.71
C GLN A 661 -25.43 -40.40 1.81
N ASN A 662 -26.68 -40.71 2.15
CA ASN A 662 -27.17 -42.11 2.13
C ASN A 662 -26.31 -42.96 3.07
N ASP A 663 -26.03 -42.43 4.26
CA ASP A 663 -25.23 -43.10 5.32
C ASP A 663 -23.85 -43.61 4.83
N SER A 664 -23.28 -42.89 3.86
CA SER A 664 -21.97 -43.19 3.23
C SER A 664 -21.15 -41.90 3.05
N LEU A 665 -19.81 -42.03 3.20
CA LEU A 665 -18.89 -40.90 3.03
C LEU A 665 -18.06 -41.05 1.77
N SER A 666 -18.04 -40.01 0.93
CA SER A 666 -17.03 -39.87 -0.12
C SER A 666 -16.08 -38.74 0.17
N VAL A 667 -14.83 -38.85 -0.31
CA VAL A 667 -13.86 -37.76 -0.18
C VAL A 667 -13.34 -37.39 -1.55
N TYR A 668 -13.55 -36.12 -1.93
CA TYR A 668 -13.13 -35.67 -3.23
C TYR A 668 -11.95 -34.74 -3.06
N LEU A 669 -11.02 -34.81 -4.00
CA LEU A 669 -9.94 -33.82 -3.99
C LEU A 669 -10.13 -32.92 -5.20
N ILE A 670 -10.17 -31.64 -4.91
CA ILE A 670 -10.56 -30.65 -5.90
C ILE A 670 -9.42 -29.62 -6.04
N SER A 671 -8.91 -29.48 -7.25
CA SER A 671 -7.82 -28.55 -7.53
C SER A 671 -8.14 -27.58 -8.65
N ASP A 672 -7.87 -26.29 -8.43
CA ASP A 672 -7.87 -25.27 -9.50
C ASP A 672 -6.43 -24.84 -9.84
N ARG A 673 -5.45 -25.67 -9.45
CA ARG A 673 -4.05 -25.39 -9.77
C ARG A 673 -3.81 -25.67 -11.22
N LEU A 674 -2.88 -24.94 -11.80
CA LEU A 674 -2.42 -25.19 -13.16
C LEU A 674 -1.46 -26.40 -13.26
N ASP A 675 -0.87 -26.83 -12.12
CA ASP A 675 -0.01 -28.03 -12.11
C ASP A 675 -0.69 -29.23 -11.44
N THR A 676 -0.40 -30.42 -11.97
CA THR A 676 -0.81 -31.68 -11.36
C THR A 676 0.05 -32.05 -10.13
N MET A 677 -0.57 -32.55 -9.07
CA MET A 677 0.18 -32.98 -7.92
C MET A 677 0.28 -34.51 -7.93
N GLU A 678 1.48 -35.02 -7.71
CA GLU A 678 1.75 -36.46 -7.78
C GLU A 678 2.18 -37.07 -6.44
N GLN A 679 1.89 -38.35 -6.23
CA GLN A 679 2.37 -39.08 -5.04
C GLN A 679 1.83 -38.52 -3.72
N MET A 680 0.54 -38.26 -3.69
CA MET A 680 -0.10 -37.59 -2.55
C MET A 680 -0.69 -38.65 -1.66
N THR A 681 -0.86 -38.29 -0.39
CA THR A 681 -1.43 -39.16 0.62
C THR A 681 -2.54 -38.39 1.33
N LEU A 682 -3.73 -38.97 1.29
CA LEU A 682 -4.82 -38.50 2.13
C LEU A 682 -4.76 -39.29 3.42
N GLU A 683 -4.82 -38.60 4.55
CA GLU A 683 -4.86 -39.20 5.86
C GLU A 683 -6.04 -38.67 6.68
N MET A 684 -6.81 -39.59 7.28
CA MET A 684 -7.96 -39.23 8.05
C MET A 684 -8.00 -39.94 9.40
N LYS A 685 -8.60 -39.30 10.40
CA LYS A 685 -8.86 -39.98 11.64
C LYS A 685 -10.05 -39.40 12.43
N VAL A 686 -10.74 -40.31 13.13
CA VAL A 686 -11.92 -39.96 13.88
C VAL A 686 -11.45 -39.54 15.27
N VAL A 687 -11.96 -38.42 15.79
CA VAL A 687 -11.51 -37.90 17.05
C VAL A 687 -12.74 -37.52 17.81
N ASP A 688 -12.88 -37.97 19.05
CA ASP A 688 -14.06 -37.57 19.80
C ASP A 688 -13.93 -36.13 20.31
N PHE A 689 -14.97 -35.59 20.96
CA PHE A 689 -14.94 -34.20 21.38
C PHE A 689 -14.00 -33.92 22.57
N ASP A 690 -13.49 -34.96 23.23
CA ASP A 690 -12.47 -34.80 24.30
C ASP A 690 -11.06 -34.86 23.74
N GLY A 691 -10.92 -35.11 22.44
CA GLY A 691 -9.61 -35.17 21.81
C GLY A 691 -8.99 -36.53 21.62
N LYS A 692 -9.71 -37.59 22.01
CA LYS A 692 -9.19 -38.94 21.95
C LYS A 692 -9.53 -39.50 20.62
N THR A 693 -8.52 -40.06 19.95
CA THR A 693 -8.70 -40.73 18.67
C THR A 693 -9.54 -41.98 18.82
N LEU A 694 -10.43 -42.23 17.85
CA LEU A 694 -11.27 -43.43 17.84
C LEU A 694 -10.75 -44.30 16.70
N GLY A 695 -10.27 -45.51 17.01
CA GLY A 695 -9.80 -46.41 15.94
C GLY A 695 -8.40 -46.08 15.49
N LYS A 696 -8.08 -46.39 14.23
CA LYS A 696 -6.77 -46.09 13.71
C LYS A 696 -6.88 -45.02 12.63
N LYS A 697 -5.77 -44.33 12.37
CA LYS A 697 -5.64 -43.48 11.19
C LYS A 697 -5.92 -44.30 9.95
N ILE A 698 -6.56 -43.67 8.97
CA ILE A 698 -6.84 -44.27 7.69
C ILE A 698 -5.90 -43.57 6.71
N GLN A 699 -5.27 -44.34 5.82
CA GLN A 699 -4.28 -43.85 4.88
C GLN A 699 -4.63 -44.23 3.48
N VAL A 700 -4.75 -43.21 2.59
CA VAL A 700 -4.84 -43.45 1.15
C VAL A 700 -3.63 -42.85 0.45
N HIS A 701 -2.71 -43.71 0.00
CA HIS A 701 -1.44 -43.29 -0.55
C HIS A 701 -1.52 -43.28 -2.06
N SER A 702 -0.47 -42.78 -2.70
CA SER A 702 -0.33 -42.86 -4.16
C SER A 702 -1.39 -42.08 -4.97
N LEU A 703 -1.91 -40.99 -4.41
CA LEU A 703 -2.94 -40.22 -5.12
C LEU A 703 -2.36 -39.15 -6.03
N GLU A 704 -2.91 -38.99 -7.21
CA GLU A 704 -2.61 -37.77 -7.94
C GLU A 704 -3.83 -36.83 -8.03
N VAL A 705 -3.53 -35.54 -8.06
CA VAL A 705 -4.58 -34.52 -8.13
C VAL A 705 -4.28 -33.76 -9.40
N PRO A 706 -4.88 -34.15 -10.52
CA PRO A 706 -4.60 -33.41 -11.76
C PRO A 706 -5.02 -31.94 -11.71
N ALA A 707 -4.36 -31.12 -12.52
CA ALA A 707 -4.72 -29.72 -12.65
C ALA A 707 -6.21 -29.59 -13.03
N ASN A 708 -6.89 -28.71 -12.34
CA ASN A 708 -8.21 -28.25 -12.80
C ASN A 708 -9.23 -29.38 -12.85
N THR A 709 -9.32 -30.14 -11.75
CA THR A 709 -10.16 -31.32 -11.68
C THR A 709 -10.68 -31.56 -10.29
N SER A 710 -11.76 -32.31 -10.25
CA SER A 710 -12.39 -32.76 -9.05
C SER A 710 -12.51 -34.28 -9.21
N LYS A 711 -12.00 -35.04 -8.24
CA LYS A 711 -12.00 -36.53 -8.37
C LYS A 711 -12.23 -37.22 -7.02
N CYS A 712 -12.99 -38.32 -7.02
CA CYS A 712 -13.23 -39.10 -5.81
C CYS A 712 -12.02 -40.01 -5.54
N VAL A 713 -11.53 -40.03 -4.31
CA VAL A 713 -10.37 -40.86 -3.97
C VAL A 713 -10.68 -41.78 -2.80
N TYR A 714 -11.89 -41.73 -2.25
CA TYR A 714 -12.18 -42.51 -1.06
C TYR A 714 -13.66 -42.58 -0.77
N ARG A 715 -14.15 -43.80 -0.55
CA ARG A 715 -15.57 -44.01 -0.23
C ARG A 715 -15.64 -45.09 0.84
N ALA A 716 -16.45 -44.87 1.86
CA ALA A 716 -16.71 -45.90 2.85
C ALA A 716 -18.12 -45.75 3.42
N LYS A 717 -18.83 -46.87 3.57
CA LYS A 717 -20.13 -46.86 4.23
C LYS A 717 -19.91 -46.53 5.70
N LEU A 718 -20.86 -45.87 6.35
CA LEU A 718 -20.71 -45.55 7.79
C LEU A 718 -21.01 -46.77 8.68
N ASP A 719 -21.95 -47.59 8.23
CA ASP A 719 -22.34 -48.78 9.00
C ASP A 719 -21.21 -49.83 9.06
N GLY A 720 -20.89 -50.27 10.27
CA GLY A 720 -19.75 -51.16 10.46
C GLY A 720 -18.52 -50.36 10.83
N TRP A 721 -18.57 -49.04 10.62
CA TRP A 721 -17.40 -48.18 10.91
C TRP A 721 -17.66 -47.31 12.13
N LEU A 722 -18.81 -46.63 12.18
CA LEU A 722 -19.15 -45.78 13.32
C LEU A 722 -20.58 -46.06 13.73
N THR A 723 -20.82 -46.09 15.01
CA THR A 723 -22.20 -46.24 15.49
C THR A 723 -22.94 -44.88 15.47
N PRO A 724 -24.30 -44.91 15.45
CA PRO A 724 -25.03 -43.65 15.55
C PRO A 724 -24.54 -42.80 16.71
N GLU A 725 -24.06 -43.46 17.77
CA GLU A 725 -23.55 -42.75 18.94
C GLU A 725 -22.25 -42.03 18.63
N ASP A 726 -21.32 -42.70 17.94
CA ASP A 726 -20.05 -42.07 17.59
C ASP A 726 -20.26 -40.86 16.68
N CYS A 727 -21.24 -40.95 15.77
CA CYS A 727 -21.58 -39.88 14.80
C CYS A 727 -22.01 -38.61 15.48
N ARG A 728 -22.61 -38.76 16.65
CA ARG A 728 -23.03 -37.62 17.44
C ARG A 728 -21.94 -37.06 18.36
N ARG A 729 -20.79 -37.73 18.43
CA ARG A 729 -19.83 -37.46 19.52
C ARG A 729 -18.37 -37.33 19.04
N SER A 730 -18.16 -37.43 17.73
CA SER A 730 -16.84 -37.33 17.13
C SER A 730 -16.89 -36.52 15.80
N PHE A 731 -15.72 -36.30 15.22
CA PHE A 731 -15.62 -35.64 13.92
C PHE A 731 -14.50 -36.32 13.16
N LEU A 732 -14.47 -36.12 11.85
CA LEU A 732 -13.39 -36.60 11.01
C LEU A 732 -12.38 -35.47 10.74
N LYS A 733 -11.09 -35.76 10.95
CA LYS A 733 -10.02 -34.84 10.59
C LYS A 733 -9.39 -35.42 9.31
N LEU A 734 -9.15 -34.59 8.30
CA LEU A 734 -8.60 -35.00 7.00
C LEU A 734 -7.47 -34.05 6.62
N ILE A 735 -6.32 -34.62 6.25
CA ILE A 735 -5.18 -33.89 5.69
C ILE A 735 -4.70 -34.51 4.43
N LEU A 736 -4.18 -33.64 3.58
CA LEU A 736 -3.59 -34.05 2.34
C LEU A 736 -2.13 -33.64 2.35
N LYS A 737 -1.25 -34.57 1.99
CA LYS A 737 0.18 -34.25 2.07
C LYS A 737 0.98 -34.83 0.92
N ASP A 738 2.05 -34.14 0.57
CA ASP A 738 2.90 -34.59 -0.52
C ASP A 738 3.77 -35.81 -0.09
N LYS A 739 4.60 -36.33 -1.00
CA LYS A 739 5.37 -37.56 -0.77
C LYS A 739 6.15 -37.49 0.55
N SER A 740 6.74 -36.33 0.81
CA SER A 740 7.58 -36.10 2.00
C SER A 740 6.87 -35.75 3.32
N GLY A 741 5.53 -35.74 3.33
CA GLY A 741 4.75 -35.41 4.53
C GLY A 741 4.43 -33.93 4.76
N HIS A 742 4.63 -33.08 3.75
CA HIS A 742 4.22 -31.66 3.88
C HIS A 742 2.74 -31.45 3.56
N GLN A 743 2.03 -30.85 4.49
CA GLN A 743 0.59 -30.70 4.38
C GLN A 743 0.26 -29.68 3.30
N VAL A 744 -0.59 -30.04 2.37
CA VAL A 744 -1.06 -29.05 1.39
C VAL A 744 -2.52 -28.61 1.62
N ALA A 745 -3.27 -29.32 2.45
CA ALA A 745 -4.69 -29.03 2.68
C ALA A 745 -5.15 -29.81 3.89
N GLU A 746 -6.21 -29.31 4.51
CA GLU A 746 -6.86 -30.01 5.60
C GLU A 746 -8.34 -29.65 5.63
N SER A 747 -9.13 -30.56 6.20
CA SER A 747 -10.55 -30.37 6.32
CA SER A 747 -10.56 -30.35 6.34
C SER A 747 -11.03 -31.00 7.63
N VAL A 748 -12.17 -30.53 8.16
CA VAL A 748 -12.87 -31.29 9.21
CA VAL A 748 -12.88 -31.25 9.23
C VAL A 748 -14.28 -31.67 8.74
N HIS A 749 -14.73 -32.88 9.10
CA HIS A 749 -16.09 -33.33 8.76
C HIS A 749 -16.92 -33.72 10.01
N PHE A 750 -18.16 -33.25 10.07
CA PHE A 750 -19.08 -33.71 11.12
C PHE A 750 -20.12 -34.60 10.46
N PHE A 751 -20.57 -35.63 11.20
CA PHE A 751 -21.40 -36.72 10.62
C PHE A 751 -22.87 -36.54 10.86
N ARG A 752 -23.21 -35.60 11.73
CA ARG A 752 -24.58 -35.24 12.06
C ARG A 752 -24.74 -33.74 12.02
N LYS A 753 -26.00 -33.32 11.89
CA LYS A 753 -26.38 -31.93 12.02
C LYS A 753 -26.01 -31.42 13.39
N THR A 754 -25.65 -30.14 13.45
CA THR A 754 -25.15 -29.55 14.65
C THR A 754 -26.13 -29.73 15.83
N LYS A 755 -27.44 -29.61 15.57
CA LYS A 755 -28.42 -29.74 16.63
C LYS A 755 -28.38 -31.15 17.26
N ASP A 756 -27.82 -32.12 16.53
CA ASP A 756 -27.83 -33.54 16.92
C ASP A 756 -26.51 -33.96 17.54
N LEU A 757 -25.54 -33.04 17.56
CA LEU A 757 -24.25 -33.27 18.20
C LEU A 757 -24.34 -33.15 19.73
N GLN A 758 -23.64 -34.06 20.40
CA GLN A 758 -23.55 -34.03 21.85
C GLN A 758 -22.37 -33.19 22.25
N LEU A 759 -22.53 -31.87 22.13
CA LEU A 759 -21.47 -30.93 22.41
C LEU A 759 -21.25 -30.77 23.91
N PRO A 760 -20.00 -30.96 24.36
CA PRO A 760 -19.67 -30.76 25.77
C PRO A 760 -19.66 -29.29 26.16
N PRO A 761 -20.15 -28.97 27.37
CA PRO A 761 -19.94 -27.64 27.87
C PRO A 761 -18.45 -27.36 28.01
N THR A 762 -18.02 -26.16 27.58
CA THR A 762 -16.62 -25.86 27.57
C THR A 762 -16.25 -24.38 27.67
N SER A 763 -15.02 -24.18 28.11
CA SER A 763 -14.44 -22.88 28.38
C SER A 763 -13.36 -22.64 27.30
N VAL A 764 -13.62 -21.76 26.34
CA VAL A 764 -12.55 -21.32 25.45
C VAL A 764 -11.76 -20.19 26.15
N SER A 765 -10.52 -20.50 26.52
CA SER A 765 -9.69 -19.48 27.17
C SER A 765 -8.75 -18.88 26.15
N TYR A 766 -8.25 -17.69 26.44
CA TYR A 766 -7.35 -17.05 25.51
C TYR A 766 -6.28 -16.22 26.22
N GLN A 767 -5.08 -16.19 25.65
CA GLN A 767 -4.05 -15.21 26.01
C GLN A 767 -4.07 -14.14 24.90
N MET A 768 -3.70 -12.90 25.24
CA MET A 768 -3.67 -11.80 24.24
C MET A 768 -2.38 -11.00 24.31
N LYS A 769 -1.85 -10.66 23.15
CA LYS A 769 -0.67 -9.79 23.09
C LYS A 769 -1.04 -8.60 22.19
N GLN A 770 -1.33 -7.45 22.80
CA GLN A 770 -1.88 -6.28 22.11
C GLN A 770 -0.85 -5.19 21.98
N THR A 771 -0.71 -4.70 20.76
CA THR A 771 0.18 -3.58 20.46
C THR A 771 -0.64 -2.62 19.59
N ASP A 772 -0.03 -1.53 19.14
CA ASP A 772 -0.77 -0.60 18.26
C ASP A 772 -1.10 -1.28 16.92
N GLY A 773 -2.38 -1.21 16.56
CA GLY A 773 -2.87 -1.76 15.31
C GLY A 773 -3.14 -3.25 15.29
N LYS A 774 -2.77 -3.96 16.36
CA LYS A 774 -2.71 -5.44 16.35
C LYS A 774 -3.02 -6.12 17.69
N CYS A 775 -3.80 -7.21 17.63
CA CYS A 775 -3.98 -8.11 18.78
C CYS A 775 -3.69 -9.53 18.34
N GLU A 776 -2.81 -10.21 19.06
CA GLU A 776 -2.56 -11.61 18.78
C GLU A 776 -3.17 -12.33 19.94
N LEU A 777 -4.16 -13.19 19.65
CA LEU A 777 -4.81 -14.07 20.63
C LEU A 777 -4.41 -15.52 20.38
N THR A 778 -4.17 -16.25 21.47
CA THR A 778 -3.94 -17.69 21.42
C THR A 778 -5.13 -18.28 22.17
N LEU A 779 -5.87 -19.15 21.46
CA LEU A 779 -7.08 -19.77 22.02
C LEU A 779 -6.86 -21.25 22.27
N PHE A 780 -7.52 -21.74 23.31
CA PHE A 780 -7.39 -23.11 23.76
C PHE A 780 -8.68 -23.57 24.39
N SER A 781 -9.08 -24.80 24.06
CA SER A 781 -10.17 -25.44 24.79
C SER A 781 -9.85 -26.93 24.86
N SER A 782 -9.91 -27.51 26.05
CA SER A 782 -9.57 -28.95 26.13
C SER A 782 -10.54 -29.81 25.28
N MET A 783 -11.77 -29.33 25.08
CA MET A 783 -12.84 -30.02 24.35
C MET A 783 -13.31 -29.19 23.13
N LEU A 784 -13.92 -29.86 22.15
CA LEU A 784 -14.43 -29.15 20.97
C LEU A 784 -15.31 -27.96 21.34
N ALA A 785 -15.02 -26.83 20.70
CA ALA A 785 -15.93 -25.68 20.73
C ALA A 785 -16.32 -25.43 19.26
N LYS A 786 -17.63 -25.46 18.98
CA LYS A 786 -18.13 -25.56 17.61
C LYS A 786 -18.33 -24.13 17.02
N ASP A 787 -17.89 -23.87 15.80
CA ASP A 787 -18.20 -22.61 15.12
C ASP A 787 -17.94 -21.37 15.97
N ILE A 788 -16.74 -21.23 16.50
CA ILE A 788 -16.46 -20.10 17.41
C ILE A 788 -16.50 -18.78 16.63
N PHE A 789 -17.08 -17.78 17.30
CA PHE A 789 -17.12 -16.40 16.81
C PHE A 789 -16.36 -15.55 17.83
N ILE A 790 -15.30 -14.91 17.38
CA ILE A 790 -14.52 -14.00 18.22
C ILE A 790 -15.04 -12.64 17.85
N GLU A 791 -15.79 -12.07 18.78
CA GLU A 791 -16.51 -10.84 18.59
C GLU A 791 -15.84 -9.69 19.36
N THR A 792 -15.59 -8.59 18.65
CA THR A 792 -15.01 -7.37 19.21
C THR A 792 -15.92 -6.20 18.82
N PRO A 793 -15.97 -5.13 19.61
CA PRO A 793 -16.90 -4.05 19.27
C PRO A 793 -16.36 -3.09 18.18
N LEU A 794 -15.16 -3.36 17.71
CA LEU A 794 -14.40 -2.43 16.86
C LEU A 794 -14.83 -2.57 15.40
N GLN A 795 -15.47 -1.55 14.82
CA GLN A 795 -15.99 -1.66 13.46
C GLN A 795 -14.90 -1.89 12.41
N GLY A 796 -15.17 -2.83 11.52
CA GLY A 796 -14.24 -3.19 10.44
C GLY A 796 -12.88 -3.81 10.85
N ALA A 797 -12.77 -4.31 12.08
CA ALA A 797 -11.54 -5.03 12.52
C ALA A 797 -11.36 -6.26 11.63
N ARG A 798 -10.12 -6.60 11.31
CA ARG A 798 -9.87 -7.75 10.42
C ARG A 798 -9.27 -8.88 11.23
N TYR A 799 -9.62 -10.08 10.85
CA TYR A 799 -9.23 -11.30 11.57
C TYR A 799 -8.44 -12.24 10.63
N SER A 800 -7.35 -12.85 11.08
CA SER A 800 -6.72 -13.90 10.27
C SER A 800 -7.67 -15.09 10.06
N ASP A 801 -8.55 -15.33 11.03
CA ASP A 801 -9.59 -16.37 10.89
C ASP A 801 -10.68 -16.13 11.92
N ASN A 802 -11.85 -16.70 11.67
CA ASN A 802 -13.01 -16.54 12.55
C ASN A 802 -14.02 -17.56 12.07
N PHE A 803 -15.02 -17.84 12.89
CA PHE A 803 -16.06 -18.82 12.53
C PHE A 803 -15.51 -20.15 12.11
N PHE A 804 -14.73 -20.73 13.02
CA PHE A 804 -14.02 -22.01 12.77
C PHE A 804 -14.24 -22.89 14.01
N ASP A 805 -14.04 -24.19 13.86
CA ASP A 805 -14.21 -25.13 15.00
C ASP A 805 -12.87 -25.12 15.72
N LEU A 806 -12.88 -24.82 17.02
CA LEU A 806 -11.68 -24.95 17.84
C LEU A 806 -11.58 -26.42 18.31
N LEU A 807 -10.57 -27.11 17.83
CA LEU A 807 -10.54 -28.56 18.03
C LEU A 807 -9.94 -28.85 19.40
N PRO A 808 -10.38 -29.97 20.02
CA PRO A 808 -10.07 -30.27 21.43
C PRO A 808 -8.57 -30.29 21.68
N GLY A 809 -8.14 -29.48 22.64
CA GLY A 809 -6.76 -29.48 23.10
C GLY A 809 -5.77 -28.94 22.09
N GLU A 810 -6.24 -28.24 21.07
CA GLU A 810 -5.35 -27.82 19.98
C GLU A 810 -5.27 -26.30 19.89
N ARG A 811 -4.13 -25.73 20.26
CA ARG A 811 -3.98 -24.27 20.31
C ARG A 811 -4.21 -23.62 18.92
N LYS A 812 -4.75 -22.41 18.90
CA LYS A 812 -5.03 -21.70 17.64
C LYS A 812 -4.69 -20.23 17.81
N LYS A 813 -3.75 -19.75 17.02
CA LYS A 813 -3.39 -18.32 16.97
C LYS A 813 -4.32 -17.55 16.01
N VAL A 814 -4.83 -16.40 16.45
CA VAL A 814 -5.68 -15.50 15.62
C VAL A 814 -5.14 -14.06 15.78
N ILE A 815 -4.89 -13.40 14.67
CA ILE A 815 -4.43 -12.02 14.71
C ILE A 815 -5.61 -11.09 14.38
N ILE A 816 -5.85 -10.08 15.22
CA ILE A 816 -6.87 -9.08 14.91
C ILE A 816 -6.16 -7.75 14.62
N THR A 817 -6.53 -7.10 13.53
CA THR A 817 -5.91 -5.80 13.18
C THR A 817 -6.96 -4.75 12.95
N SER A 818 -6.61 -3.52 13.27
CA SER A 818 -7.44 -2.33 13.06
C SER A 818 -6.57 -1.12 13.38
N PRO A 819 -6.71 -0.01 12.62
CA PRO A 819 -5.88 1.18 12.93
C PRO A 819 -6.19 1.72 14.31
N ARG A 820 -7.33 1.33 14.86
CA ARG A 820 -7.84 1.88 16.11
C ARG A 820 -7.52 0.98 17.31
N ILE A 821 -6.62 0.00 17.12
CA ILE A 821 -6.12 -0.79 18.25
C ILE A 821 -4.94 -0.08 18.89
N LYS A 822 -5.14 0.40 20.12
CA LYS A 822 -4.11 1.17 20.83
C LYS A 822 -3.45 0.27 21.88
N LYS A 823 -2.12 0.32 21.98
CA LYS A 823 -1.44 -0.36 23.11
C LYS A 823 -1.94 0.21 24.45
N GLY A 824 -2.30 -0.68 25.37
CA GLY A 824 -2.71 -0.28 26.71
C GLY A 824 -4.17 0.10 26.86
N GLU A 825 -4.94 0.08 25.76
CA GLU A 825 -6.41 0.16 25.85
C GLU A 825 -7.01 -1.16 25.29
N GLU A 826 -6.97 -2.20 26.15
CA GLU A 826 -7.18 -3.60 25.76
C GLU A 826 -8.49 -3.84 25.02
N LEU A 827 -8.42 -4.72 24.03
CA LEU A 827 -9.55 -4.94 23.12
C LEU A 827 -10.60 -5.85 23.77
N PRO A 828 -11.85 -5.35 23.91
CA PRO A 828 -12.92 -6.23 24.29
C PRO A 828 -13.05 -7.40 23.32
N VAL A 829 -13.10 -8.60 23.88
CA VAL A 829 -13.21 -9.85 23.12
C VAL A 829 -14.25 -10.71 23.81
N ASN A 830 -15.25 -11.16 23.04
CA ASN A 830 -16.30 -12.07 23.50
C ASN A 830 -16.25 -13.31 22.60
N ILE A 831 -15.92 -14.48 23.13
CA ILE A 831 -15.83 -15.64 22.28
C ILE A 831 -17.15 -16.45 22.42
N LYS A 832 -17.84 -16.69 21.30
CA LYS A 832 -19.10 -17.42 21.37
C LYS A 832 -18.87 -18.74 20.70
N HIS A 833 -19.66 -19.73 21.11
CA HIS A 833 -19.67 -21.03 20.45
C HIS A 833 -21.01 -21.75 20.65
N ILE A 834 -21.24 -22.80 19.89
CA ILE A 834 -22.59 -23.25 19.69
C ILE A 834 -23.19 -23.68 21.04
N ARG A 835 -22.44 -24.50 21.78
CA ARG A 835 -22.95 -25.10 23.02
C ARG A 835 -23.43 -24.08 24.05
N GLU A 836 -22.83 -22.89 24.04
CA GLU A 836 -23.16 -21.82 24.94
C GLU A 836 -24.53 -21.24 24.70
N THR A 837 -25.12 -21.54 23.54
CA THR A 837 -26.37 -20.85 23.13
C THR A 837 -27.66 -21.46 23.68
N TYR A 838 -27.53 -22.65 24.27
CA TYR A 838 -28.66 -23.36 24.88
C TYR A 838 -28.25 -24.09 26.15
N LYS A 839 -29.24 -24.49 26.93
CA LYS A 839 -28.98 -25.13 28.26
C LYS A 839 -29.01 -26.66 28.24
N ASN B 3 12.32 -22.24 -6.24
CA ASN B 3 13.63 -21.88 -6.89
C ASN B 3 14.59 -23.08 -7.09
N ASP B 4 14.68 -23.96 -6.10
CA ASP B 4 15.52 -25.16 -6.19
C ASP B 4 14.92 -26.26 -5.31
N THR B 5 15.61 -27.41 -5.17
CA THR B 5 15.01 -28.56 -4.49
C THR B 5 15.27 -28.53 -2.99
N SER B 6 15.95 -27.49 -2.50
CA SER B 6 16.15 -27.38 -1.06
C SER B 6 14.85 -27.05 -0.33
N GLU B 7 14.79 -27.38 0.94
CA GLU B 7 13.67 -26.97 1.73
C GLU B 7 14.19 -26.06 2.84
N VAL B 8 13.51 -24.95 3.10
CA VAL B 8 13.89 -24.07 4.21
C VAL B 8 12.84 -24.12 5.31
N MET B 9 13.27 -24.34 6.54
CA MET B 9 12.42 -24.28 7.71
C MET B 9 12.85 -23.02 8.47
N LEU B 10 11.90 -22.12 8.71
CA LEU B 10 12.20 -20.89 9.42
C LEU B 10 12.10 -21.22 10.90
N LEU B 11 13.06 -20.85 11.74
CA LEU B 11 12.88 -21.12 13.16
C LEU B 11 12.41 -19.86 13.84
N ASP B 12 11.14 -19.53 13.63
CA ASP B 12 10.61 -18.23 14.06
C ASP B 12 9.50 -18.35 15.12
N THR B 13 9.17 -19.56 15.53
CA THR B 13 8.15 -19.71 16.56
C THR B 13 8.60 -20.68 17.66
N GLY B 14 7.87 -20.69 18.78
CA GLY B 14 8.18 -21.59 19.87
C GLY B 14 9.41 -21.29 20.70
N TRP B 15 9.91 -20.05 20.69
CA TRP B 15 11.15 -19.72 21.39
C TRP B 15 10.77 -19.27 22.75
N GLU B 16 11.66 -19.43 23.72
CA GLU B 16 11.47 -18.99 25.10
C GLU B 16 12.76 -18.41 25.56
N PHE B 17 12.74 -17.60 26.62
CA PHE B 17 13.91 -17.00 27.10
C PHE B 17 13.91 -16.96 28.59
N SER B 18 15.08 -16.71 29.17
CA SER B 18 15.25 -16.78 30.61
C SER B 18 16.44 -15.93 31.03
N GLN B 19 16.24 -15.12 32.06
CA GLN B 19 17.33 -14.48 32.75
C GLN B 19 18.12 -15.60 33.39
N SER B 20 19.39 -15.66 33.02
CA SER B 20 20.21 -16.78 33.39
C SER B 20 20.42 -16.82 34.93
N GLY B 21 20.29 -18.03 35.49
CA GLY B 21 20.38 -18.19 36.95
C GLY B 21 19.02 -18.35 37.60
N THR B 22 17.94 -17.93 36.92
CA THR B 22 16.61 -17.97 37.53
C THR B 22 15.78 -19.24 37.23
N GLU B 23 16.10 -19.96 36.16
CA GLU B 23 15.38 -21.20 35.80
C GLU B 23 13.90 -20.94 35.42
N LYS B 24 13.56 -19.67 35.23
CA LYS B 24 12.20 -19.22 34.84
C LYS B 24 12.19 -18.86 33.37
N TRP B 25 11.40 -19.57 32.58
CA TRP B 25 11.29 -19.38 31.14
C TRP B 25 9.97 -18.70 30.75
N MET B 26 9.98 -17.93 29.66
CA MET B 26 8.80 -17.20 29.20
CA MET B 26 8.82 -17.14 29.22
C MET B 26 8.84 -17.06 27.69
N PRO B 27 7.65 -16.92 27.05
CA PRO B 27 7.64 -16.85 25.57
C PRO B 27 8.49 -15.68 25.09
N ALA B 28 9.21 -15.88 24.00
CA ALA B 28 10.04 -14.84 23.42
C ALA B 28 9.66 -14.75 21.97
N THR B 29 10.06 -13.65 21.32
CA THR B 29 9.82 -13.44 19.90
C THR B 29 11.19 -13.34 19.20
N VAL B 30 11.33 -14.11 18.12
CA VAL B 30 12.60 -14.19 17.41
C VAL B 30 12.29 -14.07 15.91
N PRO B 31 13.01 -13.18 15.20
CA PRO B 31 14.06 -12.26 15.69
C PRO B 31 13.50 -11.30 16.71
N GLY B 32 14.30 -10.88 17.65
CA GLY B 32 13.85 -9.96 18.69
C GLY B 32 15.02 -9.61 19.55
N THR B 33 14.72 -9.02 20.70
CA THR B 33 15.73 -8.56 21.64
C THR B 33 15.25 -8.93 23.04
N VAL B 34 16.20 -9.03 23.96
CA VAL B 34 15.91 -9.26 25.35
C VAL B 34 14.96 -8.18 25.89
N HIS B 35 15.29 -6.92 25.60
CA HIS B 35 14.47 -5.77 26.07
C HIS B 35 13.07 -5.84 25.59
N GLN B 36 12.84 -6.16 24.31
CA GLN B 36 11.48 -6.26 23.84
C GLN B 36 10.74 -7.47 24.48
N ASP B 37 11.41 -8.61 24.59
CA ASP B 37 10.80 -9.78 25.23
C ASP B 37 10.39 -9.42 26.70
N LEU B 38 11.26 -8.73 27.42
CA LEU B 38 10.95 -8.18 28.75
C LEU B 38 9.81 -7.15 28.76
N ILE B 39 9.83 -6.19 27.83
CA ILE B 39 8.68 -5.27 27.67
C ILE B 39 7.36 -6.01 27.38
N SER B 40 7.39 -7.02 26.54
CA SER B 40 6.19 -7.81 26.19
CA SER B 40 6.17 -7.72 26.19
C SER B 40 5.51 -8.42 27.42
N HIS B 41 6.27 -8.64 28.48
CA HIS B 41 5.70 -9.26 29.69
C HIS B 41 5.65 -8.26 30.82
N GLU B 42 5.73 -6.98 30.48
CA GLU B 42 5.78 -5.89 31.48
C GLU B 42 6.86 -6.07 32.55
N LEU B 43 8.01 -6.63 32.18
CA LEU B 43 9.13 -6.77 33.11
C LEU B 43 10.09 -5.61 32.97
N LEU B 44 9.78 -4.70 32.03
CA LEU B 44 10.42 -3.40 31.92
C LEU B 44 9.36 -2.34 31.69
N PRO B 45 9.61 -1.10 32.16
CA PRO B 45 8.73 0.03 31.83
C PRO B 45 8.97 0.45 30.38
N ASN B 46 8.02 1.17 29.76
CA ASN B 46 8.24 1.79 28.46
C ASN B 46 9.59 2.50 28.54
N PRO B 47 10.62 1.97 27.89
CA PRO B 47 11.96 2.58 28.09
C PRO B 47 12.10 4.02 27.53
N PHE B 48 11.21 4.43 26.62
CA PHE B 48 11.33 5.76 25.98
C PHE B 48 10.58 6.82 26.80
N TYR B 49 9.70 6.39 27.71
CA TYR B 49 8.91 7.35 28.52
C TYR B 49 9.71 8.02 29.64
N GLY B 50 9.62 9.34 29.76
CA GLY B 50 10.01 10.02 31.00
C GLY B 50 11.45 9.91 31.48
N MET B 51 11.66 9.34 32.67
CA MET B 51 13.04 9.20 33.21
C MET B 51 13.44 7.69 33.20
N ASN B 52 12.75 6.89 32.39
CA ASN B 52 12.89 5.42 32.41
C ASN B 52 14.24 4.87 31.95
N GLU B 53 15.10 5.71 31.37
CA GLU B 53 16.39 5.18 30.82
C GLU B 53 17.26 4.56 31.93
N LYS B 54 17.35 5.27 33.06
CA LYS B 54 18.09 4.82 34.26
C LYS B 54 17.53 3.47 34.76
N LYS B 55 16.25 3.26 34.52
CA LYS B 55 15.48 2.12 35.06
C LYS B 55 15.59 0.82 34.29
N ILE B 56 16.18 0.87 33.10
CA ILE B 56 16.25 -0.35 32.25
C ILE B 56 17.70 -0.82 32.10
N GLN B 57 18.60 -0.12 32.74
CA GLN B 57 20.01 -0.37 32.59
C GLN B 57 20.47 -1.72 33.17
N TRP B 58 19.73 -2.25 34.15
CA TRP B 58 20.08 -3.51 34.81
C TRP B 58 20.27 -4.69 33.84
N VAL B 59 19.50 -4.66 32.75
CA VAL B 59 19.41 -5.76 31.80
C VAL B 59 20.79 -6.09 31.24
N GLU B 60 21.60 -5.07 30.96
CA GLU B 60 22.92 -5.19 30.33
C GLU B 60 23.92 -5.95 31.19
N ASN B 61 23.62 -6.08 32.48
CA ASN B 61 24.51 -6.81 33.40
C ASN B 61 24.10 -8.28 33.65
N GLU B 62 23.00 -8.75 33.08
CA GLU B 62 22.58 -10.15 33.25
C GLU B 62 22.95 -10.92 31.99
N ASP B 63 23.03 -12.25 32.11
CA ASP B 63 23.17 -13.12 30.95
C ASP B 63 21.78 -13.62 30.66
N TRP B 64 21.54 -13.97 29.40
CA TRP B 64 20.22 -14.29 28.92
C TRP B 64 20.28 -15.55 28.09
N GLU B 65 19.30 -16.45 28.33
CA GLU B 65 19.21 -17.72 27.60
C GLU B 65 17.96 -17.80 26.73
N TYR B 66 18.10 -18.34 25.51
CA TYR B 66 17.00 -18.57 24.58
C TYR B 66 16.94 -20.01 24.26
N ARG B 67 15.74 -20.54 24.05
CA ARG B 67 15.60 -21.92 23.59
C ARG B 67 14.38 -22.07 22.72
N THR B 68 14.50 -23.03 21.80
CA THR B 68 13.40 -23.50 20.99
C THR B 68 13.62 -25.03 20.73
N SER B 69 12.55 -25.73 20.35
CA SER B 69 12.66 -27.10 19.81
CA SER B 69 12.65 -27.10 19.81
C SER B 69 11.98 -27.19 18.44
N PHE B 70 12.28 -28.23 17.67
CA PHE B 70 11.72 -28.38 16.34
C PHE B 70 11.76 -29.86 15.93
N ILE B 71 10.90 -30.27 15.02
CA ILE B 71 10.84 -31.65 14.55
C ILE B 71 11.55 -31.82 13.26
N VAL B 72 12.30 -32.92 13.15
CA VAL B 72 12.92 -33.27 11.87
C VAL B 72 12.43 -34.68 11.47
N SER B 73 12.09 -34.84 10.19
CA SER B 73 11.52 -36.07 9.71
C SER B 73 12.62 -36.97 9.17
N GLU B 74 12.29 -38.25 9.00
CA GLU B 74 13.13 -39.21 8.33
C GLU B 74 13.53 -38.70 6.95
N GLU B 75 12.58 -38.12 6.22
CA GLU B 75 12.88 -37.65 4.87
C GLU B 75 13.93 -36.50 4.92
N GLN B 76 13.67 -35.56 5.82
CA GLN B 76 14.58 -34.43 6.05
C GLN B 76 15.97 -34.89 6.49
N LEU B 77 16.04 -35.86 7.40
CA LEU B 77 17.34 -36.49 7.74
C LEU B 77 18.06 -37.23 6.63
N ASN B 78 17.35 -37.57 5.55
CA ASN B 78 17.98 -38.22 4.43
C ASN B 78 18.50 -37.32 3.36
N ARG B 79 18.35 -35.99 3.54
CA ARG B 79 18.97 -35.07 2.59
C ARG B 79 20.50 -35.14 2.73
N ASP B 80 21.20 -34.86 1.64
CA ASP B 80 22.65 -34.83 1.60
C ASP B 80 23.26 -33.90 2.66
N GLY B 81 22.62 -32.74 2.87
CA GLY B 81 23.25 -31.70 3.70
C GLY B 81 22.15 -30.99 4.44
N ILE B 82 22.42 -30.58 5.68
CA ILE B 82 21.53 -29.72 6.47
C ILE B 82 22.33 -28.60 7.17
N GLN B 83 21.93 -27.33 6.92
CA GLN B 83 22.65 -26.16 7.45
C GLN B 83 21.78 -25.40 8.40
N LEU B 84 22.37 -24.93 9.49
CA LEU B 84 21.68 -24.02 10.38
C LEU B 84 22.28 -22.60 10.15
N ILE B 85 21.45 -21.64 9.78
CA ILE B 85 21.97 -20.33 9.41
C ILE B 85 21.46 -19.22 10.37
N PHE B 86 22.39 -18.45 10.95
CA PHE B 86 22.03 -17.35 11.82
C PHE B 86 22.43 -16.11 11.09
N GLU B 87 21.44 -15.34 10.64
CA GLU B 87 21.75 -14.08 9.96
C GLU B 87 22.25 -13.00 10.92
N GLY B 88 22.07 -13.20 12.23
CA GLY B 88 22.61 -12.26 13.22
C GLY B 88 22.39 -12.68 14.67
N LEU B 89 23.47 -12.67 15.44
CA LEU B 89 23.46 -12.92 16.88
C LEU B 89 24.15 -11.73 17.57
N ASP B 90 23.46 -11.08 18.48
CA ASP B 90 23.96 -9.91 19.20
C ASP B 90 24.18 -10.35 20.69
N THR B 91 25.40 -10.68 21.12
CA THR B 91 26.70 -10.72 20.38
C THR B 91 27.54 -11.92 20.79
N TYR B 92 27.85 -12.02 22.08
CA TYR B 92 28.62 -13.17 22.59
C TYR B 92 27.67 -14.30 22.95
N ALA B 93 27.39 -15.20 21.99
CA ALA B 93 26.36 -16.24 22.08
C ALA B 93 26.98 -17.62 21.83
N ASP B 94 26.81 -18.54 22.77
CA ASP B 94 27.22 -19.94 22.63
C ASP B 94 26.01 -20.70 22.22
N VAL B 95 26.12 -21.35 21.06
CA VAL B 95 25.00 -21.97 20.41
C VAL B 95 25.13 -23.53 20.54
N TYR B 96 24.16 -24.12 21.22
CA TYR B 96 24.13 -25.58 21.51
C TYR B 96 22.93 -26.24 20.85
N LEU B 97 23.17 -27.33 20.12
CA LEU B 97 22.09 -28.07 19.49
C LEU B 97 22.29 -29.56 19.88
N ASN B 98 21.31 -30.14 20.58
CA ASN B 98 21.32 -31.57 20.91
C ASN B 98 22.61 -31.98 21.59
N GLY B 99 23.05 -31.16 22.54
CA GLY B 99 24.32 -31.37 23.30
C GLY B 99 25.67 -31.11 22.64
N SER B 100 25.66 -30.54 21.43
CA SER B 100 26.86 -30.13 20.71
C SER B 100 26.99 -28.61 20.78
N LEU B 101 28.18 -28.12 21.12
CA LEU B 101 28.44 -26.67 21.03
C LEU B 101 28.78 -26.36 19.59
N LEU B 102 27.87 -25.70 18.87
CA LEU B 102 28.08 -25.47 17.42
C LEU B 102 28.97 -24.26 17.09
N LEU B 103 28.97 -23.26 17.96
CA LEU B 103 29.45 -21.93 17.59
C LEU B 103 29.59 -21.10 18.88
N LYS B 104 30.74 -20.43 19.05
CA LYS B 104 30.84 -19.32 20.01
C LYS B 104 30.87 -18.07 19.15
N ALA B 105 29.71 -17.42 19.02
CA ALA B 105 29.56 -16.23 18.11
C ALA B 105 30.15 -15.00 18.85
N ASP B 106 30.74 -14.04 18.12
CA ASP B 106 31.38 -12.88 18.72
C ASP B 106 31.33 -11.64 17.84
N ASN B 107 30.38 -11.61 16.91
CA ASN B 107 30.30 -10.42 16.04
C ASN B 107 28.89 -10.24 15.60
N MET B 108 28.24 -9.18 16.07
CA MET B 108 26.82 -8.94 15.73
C MET B 108 26.62 -8.81 14.21
N PHE B 109 27.68 -8.41 13.52
CA PHE B 109 27.64 -8.04 12.12
C PHE B 109 27.90 -9.17 11.10
N VAL B 110 28.05 -10.40 11.59
CA VAL B 110 28.45 -11.57 10.74
C VAL B 110 27.29 -12.61 10.74
N GLY B 111 26.99 -13.18 9.58
CA GLY B 111 25.93 -14.22 9.49
C GLY B 111 26.74 -15.50 9.59
N TYR B 112 26.20 -16.53 10.23
CA TYR B 112 26.99 -17.76 10.39
C TYR B 112 26.19 -18.89 9.74
N THR B 113 26.88 -19.78 9.04
CA THR B 113 26.26 -20.93 8.39
C THR B 113 26.95 -22.18 8.92
N LEU B 114 26.16 -23.07 9.54
CA LEU B 114 26.67 -24.19 10.36
C LEU B 114 26.14 -25.54 9.83
N PRO B 115 27.06 -26.47 9.45
CA PRO B 115 26.57 -27.78 8.98
C PRO B 115 26.08 -28.54 10.19
N VAL B 116 24.87 -29.09 10.15
CA VAL B 116 24.32 -29.76 11.33
C VAL B 116 23.70 -31.17 11.07
N LYS B 117 23.79 -31.68 9.86
CA LYS B 117 23.12 -32.98 9.58
C LYS B 117 23.54 -34.02 10.63
N SER B 118 24.83 -34.15 10.98
CA SER B 118 25.21 -35.26 11.84
C SER B 118 24.87 -35.01 13.32
N VAL B 119 24.45 -33.80 13.70
CA VAL B 119 23.99 -33.62 15.05
C VAL B 119 22.46 -33.65 15.21
N LEU B 120 21.74 -33.64 14.07
CA LEU B 120 20.28 -33.62 14.18
C LEU B 120 19.74 -35.03 14.52
N ARG B 121 18.54 -35.07 15.08
CA ARG B 121 17.90 -36.34 15.41
C ARG B 121 16.50 -36.41 14.76
N LYS B 122 16.03 -37.62 14.43
CA LYS B 122 14.66 -37.79 13.99
C LYS B 122 13.79 -37.49 15.18
N GLY B 123 12.71 -36.76 14.95
CA GLY B 123 11.86 -36.33 16.03
C GLY B 123 12.29 -34.98 16.60
N GLU B 124 12.21 -34.85 17.93
CA GLU B 124 12.55 -33.64 18.69
CA GLU B 124 12.55 -33.58 18.57
C GLU B 124 14.04 -33.26 18.64
N ASN B 125 14.32 -31.96 18.42
CA ASN B 125 15.68 -31.37 18.43
C ASN B 125 15.65 -30.13 19.32
N HIS B 126 16.70 -29.87 20.08
CA HIS B 126 16.69 -28.80 21.09
C HIS B 126 17.82 -27.86 20.82
N LEU B 127 17.47 -26.58 20.67
CA LEU B 127 18.44 -25.51 20.35
C LEU B 127 18.45 -24.60 21.57
N TYR B 128 19.62 -24.37 22.16
CA TYR B 128 19.73 -23.47 23.28
C TYR B 128 20.81 -22.46 22.91
N ILE B 129 20.59 -21.19 23.23
CA ILE B 129 21.64 -20.20 22.96
C ILE B 129 21.85 -19.40 24.23
N TYR B 130 23.12 -19.31 24.65
CA TYR B 130 23.49 -18.59 25.83
C TYR B 130 24.12 -17.26 25.40
N PHE B 131 23.46 -16.15 25.74
CA PHE B 131 24.04 -14.78 25.52
C PHE B 131 24.73 -14.25 26.74
N HIS B 132 26.06 -14.21 26.66
CA HIS B 132 26.85 -13.53 27.67
C HIS B 132 26.64 -12.02 27.62
N SER B 133 26.39 -11.40 28.77
CA SER B 133 26.46 -9.96 28.90
C SER B 133 27.69 -9.36 28.14
N PRO B 134 27.43 -8.46 27.16
CA PRO B 134 28.56 -7.83 26.50
C PRO B 134 29.37 -6.94 27.46
N ILE B 135 28.73 -6.51 28.56
CA ILE B 135 29.43 -5.75 29.62
C ILE B 135 30.34 -6.69 30.44
N ARG B 136 29.73 -7.71 31.06
CA ARG B 136 30.52 -8.59 31.89
C ARG B 136 31.51 -9.36 31.07
N GLN B 137 31.17 -9.60 29.81
CA GLN B 137 32.14 -10.25 28.92
C GLN B 137 33.44 -9.47 28.74
N THR B 138 33.38 -8.12 28.68
CA THR B 138 34.52 -7.31 28.34
C THR B 138 35.15 -6.58 29.54
N LEU B 139 34.57 -6.74 30.71
CA LEU B 139 35.18 -6.20 31.92
C LEU B 139 36.62 -6.69 32.10
N PRO B 140 36.88 -8.03 31.93
CA PRO B 140 38.27 -8.44 32.11
C PRO B 140 39.15 -7.90 31.06
N GLN B 141 38.61 -7.80 29.84
CA GLN B 141 39.36 -7.22 28.75
C GLN B 141 39.77 -5.77 29.02
N TYR B 142 38.81 -5.00 29.51
CA TYR B 142 39.05 -3.61 29.89
C TYR B 142 40.10 -3.50 31.05
N ALA B 143 39.89 -4.30 32.08
CA ALA B 143 40.85 -4.39 33.18
C ALA B 143 42.28 -4.70 32.65
N SER B 144 42.42 -5.57 31.66
CA SER B 144 43.77 -5.87 31.15
C SER B 144 44.41 -4.76 30.29
N ASN B 145 43.61 -3.81 29.84
CA ASN B 145 44.07 -2.87 28.80
C ASN B 145 44.95 -1.75 29.36
N GLY B 146 44.70 -1.35 30.60
CA GLY B 146 45.53 -0.32 31.20
C GLY B 146 45.25 1.14 30.80
N PHE B 147 44.15 1.39 30.09
CA PHE B 147 43.66 2.76 29.78
C PHE B 147 42.23 2.60 29.28
N ASN B 148 41.46 3.70 29.29
CA ASN B 148 40.08 3.73 28.85
C ASN B 148 40.07 4.40 27.47
N TYR B 149 39.56 3.72 26.43
CA TYR B 149 39.49 4.32 25.09
C TYR B 149 38.58 5.54 25.19
N PRO B 150 38.84 6.58 24.40
CA PRO B 150 38.00 7.81 24.57
C PRO B 150 36.72 7.80 23.74
N ALA B 151 35.85 6.84 23.99
CA ALA B 151 34.56 6.77 23.35
C ALA B 151 33.58 7.52 24.22
N ASP B 152 33.48 8.83 24.04
CA ASP B 152 32.63 9.67 24.86
C ASP B 152 31.14 9.45 24.64
N ASN B 153 30.76 8.87 23.49
CA ASN B 153 29.36 8.53 23.29
C ASN B 153 28.97 7.18 23.93
N ASP B 154 29.91 6.46 24.53
CA ASP B 154 29.66 5.21 25.27
C ASP B 154 29.33 5.66 26.69
N HIS B 155 28.06 5.62 27.06
CA HIS B 155 27.58 6.31 28.24
C HIS B 155 27.77 5.46 29.51
N HIS B 156 29.02 5.24 29.90
CA HIS B 156 29.36 4.40 31.04
C HIS B 156 30.71 4.86 31.47
N GLU B 157 31.05 4.69 32.74
CA GLU B 157 32.40 4.99 33.22
C GLU B 157 33.46 4.28 32.39
N LYS B 158 33.20 3.04 32.04
CA LYS B 158 34.18 2.24 31.34
C LYS B 158 33.71 2.12 29.89
N HIS B 159 34.56 2.43 28.94
CA HIS B 159 34.07 2.46 27.54
C HIS B 159 34.34 1.13 26.88
N LEU B 160 33.41 0.22 27.12
CA LEU B 160 33.54 -1.21 26.72
C LEU B 160 33.13 -1.47 25.26
N SER B 161 32.38 -0.56 24.67
CA SER B 161 31.96 -0.75 23.28
C SER B 161 33.08 -1.04 22.35
N VAL B 162 34.23 -0.38 22.50
CA VAL B 162 35.31 -0.54 21.52
C VAL B 162 35.89 -1.97 21.46
N PHE B 163 35.61 -2.77 22.49
CA PHE B 163 36.11 -4.14 22.47
C PHE B 163 35.19 -5.09 21.69
N SER B 164 33.92 -4.68 21.52
CA SER B 164 32.92 -5.56 20.93
C SER B 164 32.48 -5.10 19.55
N ARG B 165 32.36 -6.06 18.63
CA ARG B 165 31.83 -5.82 17.32
C ARG B 165 30.33 -5.90 17.50
N LYS B 166 29.76 -4.75 17.89
CA LYS B 166 28.38 -4.61 18.31
C LYS B 166 28.00 -3.16 17.96
N ALA B 167 26.77 -2.90 17.53
CA ALA B 167 26.35 -1.58 17.06
C ALA B 167 26.78 -0.50 18.07
N PRO B 168 27.71 0.41 17.68
CA PRO B 168 28.21 1.43 18.65
C PRO B 168 27.15 2.19 19.38
N TYR B 169 26.10 2.63 18.68
CA TYR B 169 25.03 3.47 19.24
C TYR B 169 24.26 2.74 20.35
N SER B 170 24.33 1.40 20.43
CA SER B 170 23.57 0.69 21.50
C SER B 170 24.11 1.09 22.89
N TYR B 171 25.34 1.58 22.92
CA TYR B 171 25.99 2.01 24.17
C TYR B 171 25.65 3.46 24.56
N GLY B 172 24.83 4.08 23.73
CA GLY B 172 24.44 5.51 23.85
C GLY B 172 25.01 6.27 22.65
N TRP B 173 24.49 7.47 22.42
CA TRP B 173 25.10 8.40 21.50
C TRP B 173 24.49 9.77 21.85
N ASP B 174 24.86 10.83 21.13
CA ASP B 174 24.42 12.20 21.47
C ASP B 174 23.00 12.54 20.96
N TRP B 175 22.31 11.53 20.40
CA TRP B 175 20.87 11.60 20.09
C TRP B 175 20.21 10.34 20.56
N GLY B 176 20.96 9.51 21.30
CA GLY B 176 20.49 8.14 21.57
C GLY B 176 20.42 7.65 23.02
N ILE B 177 19.50 6.74 23.28
CA ILE B 177 19.34 6.08 24.57
C ILE B 177 20.33 4.91 24.65
N ARG B 178 20.80 4.65 25.87
CA ARG B 178 21.60 3.46 26.10
C ARG B 178 20.70 2.26 26.36
N MET B 179 20.73 1.32 25.41
CA MET B 179 20.04 0.04 25.54
CA MET B 179 20.05 0.06 25.55
C MET B 179 20.97 -1.03 24.97
N VAL B 180 21.89 -1.48 25.80
CA VAL B 180 22.88 -2.51 25.39
C VAL B 180 22.13 -3.85 25.40
N THR B 181 21.56 -4.20 24.25
CA THR B 181 20.67 -5.34 24.16
C THR B 181 21.43 -6.59 23.67
N SER B 182 20.69 -7.69 23.53
CA SER B 182 21.21 -8.98 23.14
C SER B 182 20.11 -9.72 22.48
N GLY B 183 20.45 -10.79 21.76
CA GLY B 183 19.47 -11.62 21.15
C GLY B 183 19.68 -12.03 19.72
N VAL B 184 18.70 -12.76 19.20
CA VAL B 184 18.78 -13.29 17.86
C VAL B 184 18.11 -12.21 17.02
N TRP B 185 18.92 -11.26 16.54
CA TRP B 185 18.38 -10.01 16.00
C TRP B 185 18.03 -10.07 14.50
N ARG B 186 18.39 -11.16 13.82
CA ARG B 186 17.98 -11.39 12.45
C ARG B 186 17.61 -12.90 12.33
N PRO B 187 16.96 -13.31 11.22
CA PRO B 187 16.29 -14.64 11.20
C PRO B 187 17.23 -15.87 11.33
N VAL B 188 16.66 -17.01 11.77
CA VAL B 188 17.40 -18.27 11.93
C VAL B 188 16.63 -19.24 11.06
N THR B 189 17.36 -19.98 10.22
CA THR B 189 16.82 -20.82 9.20
CA THR B 189 16.75 -20.90 9.27
C THR B 189 17.53 -22.20 9.21
N LEU B 190 16.83 -23.24 8.78
CA LEU B 190 17.45 -24.56 8.54
C LEU B 190 17.23 -24.86 7.10
N ARG B 191 18.29 -25.23 6.41
CA ARG B 191 18.19 -25.52 5.00
C ARG B 191 18.57 -26.99 4.79
N PHE B 192 17.64 -27.74 4.18
CA PHE B 192 17.82 -29.15 3.83
C PHE B 192 18.00 -29.24 2.32
N TYR B 193 19.09 -29.83 1.89
CA TYR B 193 19.42 -29.74 0.48
C TYR B 193 20.17 -30.96 -0.04
N ASP B 194 20.16 -31.13 -1.35
CA ASP B 194 21.02 -32.15 -1.93
C ASP B 194 22.25 -31.60 -2.61
N ILE B 195 23.36 -32.36 -2.50
CA ILE B 195 24.53 -32.20 -3.34
C ILE B 195 25.37 -30.96 -2.97
N ALA B 196 24.77 -29.75 -3.07
CA ALA B 196 25.56 -28.51 -2.89
C ALA B 196 24.66 -27.31 -2.63
N THR B 197 25.24 -26.24 -2.05
CA THR B 197 24.61 -24.92 -1.97
C THR B 197 25.51 -23.93 -2.74
N ILE B 198 24.91 -22.86 -3.26
CA ILE B 198 25.66 -21.75 -3.79
C ILE B 198 25.96 -20.85 -2.57
N SER B 199 27.20 -20.82 -2.08
CA SER B 199 27.42 -19.99 -0.88
CA SER B 199 27.53 -20.01 -0.89
C SER B 199 27.65 -18.53 -1.27
N ASP B 200 27.96 -18.24 -2.53
CA ASP B 200 28.03 -16.81 -2.98
C ASP B 200 27.77 -16.71 -4.47
N TYR B 201 27.11 -15.63 -4.91
CA TYR B 201 26.99 -15.35 -6.33
C TYR B 201 27.22 -13.88 -6.53
N TYR B 202 28.21 -13.56 -7.33
CA TYR B 202 28.61 -12.20 -7.57
C TYR B 202 28.48 -11.90 -9.04
N VAL B 203 27.63 -10.94 -9.37
CA VAL B 203 27.58 -10.47 -10.74
C VAL B 203 28.53 -9.32 -10.96
N ARG B 204 29.68 -9.60 -11.58
CA ARG B 204 30.69 -8.60 -11.75
C ARG B 204 30.51 -7.90 -13.07
N GLN B 205 30.35 -6.59 -13.01
CA GLN B 205 30.27 -5.82 -14.22
C GLN B 205 31.70 -5.53 -14.75
N LEU B 206 31.96 -5.97 -15.97
CA LEU B 206 33.30 -5.81 -16.60
C LEU B 206 33.38 -4.55 -17.41
N SER B 207 32.33 -4.24 -18.16
CA SER B 207 32.29 -2.97 -18.86
C SER B 207 30.83 -2.66 -19.15
N LEU B 208 30.55 -1.39 -19.41
CA LEU B 208 29.19 -0.99 -19.78
C LEU B 208 29.27 0.13 -20.78
N THR B 209 28.65 -0.01 -21.96
CA THR B 209 28.49 1.08 -22.87
C THR B 209 27.03 1.12 -23.27
N ASP B 210 26.57 2.14 -23.99
CA ASP B 210 25.19 2.10 -24.49
C ASP B 210 24.89 0.87 -25.36
N GLU B 211 25.92 0.28 -25.97
CA GLU B 211 25.75 -0.87 -26.89
C GLU B 211 25.80 -2.25 -26.23
N ASN B 212 26.53 -2.37 -25.13
CA ASN B 212 26.76 -3.69 -24.59
C ASN B 212 27.18 -3.61 -23.12
N ALA B 213 26.68 -4.54 -22.30
CA ALA B 213 27.17 -4.72 -20.95
C ALA B 213 27.84 -6.09 -20.89
N ARG B 214 29.05 -6.18 -20.35
CA ARG B 214 29.74 -7.45 -20.18
C ARG B 214 29.84 -7.77 -18.71
N LEU B 215 29.31 -8.94 -18.34
CA LEU B 215 29.27 -9.40 -16.96
C LEU B 215 30.06 -10.68 -16.77
N SER B 216 30.53 -10.90 -15.55
CA SER B 216 31.11 -12.16 -15.23
C SER B 216 30.35 -12.65 -14.01
N ASN B 217 29.73 -13.81 -14.16
CA ASN B 217 28.97 -14.43 -13.10
C ASN B 217 29.91 -15.29 -12.29
N GLU B 218 30.17 -14.92 -11.04
CA GLU B 218 31.10 -15.64 -10.19
C GLU B 218 30.34 -16.37 -9.14
N LEU B 219 30.47 -17.70 -9.17
CA LEU B 219 29.81 -18.54 -8.19
C LEU B 219 30.77 -19.30 -7.33
N ILE B 220 30.52 -19.33 -6.03
CA ILE B 220 31.22 -20.24 -5.14
C ILE B 220 30.22 -21.29 -4.70
N VAL B 221 30.46 -22.55 -5.03
CA VAL B 221 29.51 -23.67 -4.77
C VAL B 221 30.13 -24.64 -3.78
N ASN B 222 29.45 -24.88 -2.66
CA ASN B 222 29.98 -25.78 -1.65
C ASN B 222 29.30 -27.14 -1.69
N GLN B 223 30.05 -28.15 -2.12
CA GLN B 223 29.50 -29.46 -2.32
C GLN B 223 29.73 -30.31 -1.09
N ILE B 224 28.65 -30.94 -0.62
CA ILE B 224 28.66 -31.67 0.63
C ILE B 224 28.89 -33.20 0.47
N VAL B 225 28.80 -33.70 -0.75
CA VAL B 225 28.86 -35.17 -0.96
C VAL B 225 30.28 -35.56 -1.41
N PRO B 226 30.70 -36.82 -1.12
CA PRO B 226 32.08 -37.25 -1.43
C PRO B 226 32.43 -37.48 -2.90
N GLN B 227 31.46 -37.85 -3.72
CA GLN B 227 31.81 -38.23 -5.08
C GLN B 227 31.91 -37.02 -6.00
N LYS B 228 32.62 -37.13 -7.13
CA LYS B 228 32.67 -36.06 -8.12
C LYS B 228 31.27 -36.03 -8.73
N ILE B 229 30.76 -34.84 -9.09
CA ILE B 229 29.34 -34.74 -9.52
C ILE B 229 29.28 -33.95 -10.80
N PRO B 230 28.81 -34.60 -11.88
CA PRO B 230 28.52 -33.86 -13.11
C PRO B 230 27.31 -32.92 -12.90
N ALA B 231 27.45 -31.71 -13.41
CA ALA B 231 26.46 -30.67 -13.22
C ALA B 231 26.55 -29.72 -14.38
N GLU B 232 25.52 -28.88 -14.48
CA GLU B 232 25.44 -27.88 -15.49
C GLU B 232 25.08 -26.60 -14.72
N VAL B 233 25.93 -25.57 -14.85
CA VAL B 233 25.61 -24.24 -14.28
C VAL B 233 24.86 -23.44 -15.34
N ARG B 234 23.72 -22.83 -14.95
CA ARG B 234 22.94 -22.05 -15.90
C ARG B 234 22.71 -20.64 -15.32
N VAL B 235 22.94 -19.64 -16.15
CA VAL B 235 22.61 -18.25 -15.74
C VAL B 235 21.56 -17.71 -16.66
N ASN B 236 20.43 -17.32 -16.06
CA ASN B 236 19.37 -16.68 -16.85
C ASN B 236 19.32 -15.22 -16.44
N VAL B 237 19.35 -14.34 -17.44
CA VAL B 237 19.23 -12.90 -17.25
C VAL B 237 17.90 -12.48 -17.91
N SER B 238 17.01 -11.87 -17.11
CA SER B 238 15.70 -11.45 -17.56
CA SER B 238 15.74 -11.42 -17.64
C SER B 238 15.41 -10.00 -17.16
N LEU B 239 14.51 -9.35 -17.90
CA LEU B 239 14.06 -7.99 -17.53
C LEU B 239 12.56 -8.00 -17.56
N ASN B 240 11.94 -7.78 -16.41
CA ASN B 240 10.50 -7.66 -16.35
C ASN B 240 9.82 -8.91 -16.94
N GLY B 241 10.38 -10.06 -16.65
CA GLY B 241 9.65 -11.31 -16.86
C GLY B 241 9.93 -11.92 -18.24
N THR B 242 10.83 -11.28 -18.97
CA THR B 242 11.26 -11.84 -20.24
C THR B 242 12.80 -12.07 -20.31
N THR B 243 13.19 -13.29 -20.64
CA THR B 243 14.61 -13.64 -20.81
C THR B 243 15.32 -12.77 -21.85
N VAL B 244 16.43 -12.14 -21.45
CA VAL B 244 17.24 -11.37 -22.40
C VAL B 244 18.51 -12.14 -22.82
N THR B 245 19.10 -12.89 -21.88
CA THR B 245 20.17 -13.85 -22.21
C THR B 245 20.28 -15.04 -21.28
N GLU B 246 20.78 -16.17 -21.82
CA GLU B 246 20.95 -17.41 -21.06
C GLU B 246 22.30 -18.03 -21.37
N VAL B 247 23.09 -18.35 -20.35
CA VAL B 247 24.39 -18.99 -20.60
C VAL B 247 24.42 -20.22 -19.71
N LYS B 248 25.21 -21.20 -20.14
CA LYS B 248 25.36 -22.47 -19.45
C LYS B 248 26.77 -22.99 -19.62
N GLN B 249 27.16 -23.87 -18.71
CA GLN B 249 28.47 -24.42 -18.69
C GLN B 249 28.38 -25.78 -17.98
N GLN B 250 29.03 -26.79 -18.58
CA GLN B 250 29.19 -28.10 -17.96
C GLN B 250 30.31 -27.99 -16.99
N VAL B 251 30.13 -28.54 -15.79
CA VAL B 251 31.22 -28.58 -14.82
C VAL B 251 31.17 -29.92 -14.12
N THR B 252 32.25 -30.26 -13.42
CA THR B 252 32.32 -31.41 -12.54
C THR B 252 32.63 -30.86 -11.16
N LEU B 253 31.72 -31.03 -10.22
CA LEU B 253 31.92 -30.47 -8.89
C LEU B 253 32.73 -31.43 -8.01
N GLN B 254 33.64 -30.90 -7.20
CA GLN B 254 34.39 -31.74 -6.27
C GLN B 254 33.88 -31.50 -4.87
N PRO B 255 34.13 -32.41 -3.94
CA PRO B 255 33.67 -32.07 -2.61
C PRO B 255 34.33 -30.78 -2.08
N GLY B 256 33.57 -30.02 -1.30
CA GLY B 256 34.07 -28.77 -0.73
C GLY B 256 33.84 -27.62 -1.68
N ILE B 257 34.74 -26.62 -1.60
CA ILE B 257 34.64 -25.38 -2.36
C ILE B 257 34.95 -25.52 -3.85
N ASN B 258 34.01 -25.05 -4.66
CA ASN B 258 34.20 -24.92 -6.09
C ASN B 258 34.06 -23.45 -6.54
N HIS B 259 34.95 -23.01 -7.44
CA HIS B 259 34.82 -21.70 -8.04
C HIS B 259 34.43 -21.84 -9.49
N ILE B 260 33.34 -21.18 -9.88
CA ILE B 260 32.83 -21.24 -11.24
C ILE B 260 32.63 -19.83 -11.76
N THR B 261 33.03 -19.58 -13.02
CA THR B 261 32.81 -18.28 -13.65
C THR B 261 32.24 -18.43 -15.06
N LEU B 262 31.14 -17.74 -15.37
CA LEU B 262 30.52 -17.77 -16.71
C LEU B 262 30.27 -16.35 -17.13
N PRO B 263 30.81 -15.94 -18.29
CA PRO B 263 30.57 -14.63 -18.86
C PRO B 263 29.11 -14.51 -19.34
N ALA B 264 28.56 -13.32 -19.32
CA ALA B 264 27.27 -13.05 -20.02
C ALA B 264 27.27 -11.63 -20.54
N GLU B 265 26.56 -11.36 -21.64
CA GLU B 265 26.52 -9.99 -22.14
C GLU B 265 25.07 -9.58 -22.34
N VAL B 266 24.77 -8.32 -22.07
CA VAL B 266 23.44 -7.81 -22.35
C VAL B 266 23.61 -6.72 -23.40
N THR B 267 23.00 -6.91 -24.59
CA THR B 267 23.09 -5.96 -25.70
C THR B 267 22.12 -4.81 -25.45
N ASN B 268 22.53 -3.59 -25.79
CA ASN B 268 21.71 -2.35 -25.62
C ASN B 268 21.12 -2.28 -24.21
N PRO B 269 22.00 -2.39 -23.21
CA PRO B 269 21.48 -2.54 -21.81
C PRO B 269 20.62 -1.34 -21.41
N VAL B 270 19.63 -1.63 -20.58
CA VAL B 270 18.75 -0.57 -20.04
C VAL B 270 19.34 -0.15 -18.67
N ARG B 271 19.88 1.05 -18.61
CA ARG B 271 20.64 1.44 -17.42
C ARG B 271 19.75 1.73 -16.20
N TRP B 272 20.35 1.55 -15.02
CA TRP B 272 19.74 1.93 -13.76
C TRP B 272 20.11 3.40 -13.62
N MET B 273 19.08 4.22 -13.34
N MET B 273 19.14 4.29 -13.43
CA MET B 273 19.21 5.65 -13.15
CA MET B 273 19.45 5.69 -13.20
C MET B 273 19.02 6.01 -11.68
C MET B 273 19.04 6.07 -11.78
N PRO B 274 19.75 7.05 -11.19
CA PRO B 274 19.41 7.54 -9.84
C PRO B 274 18.13 8.39 -9.80
N ASN B 275 17.51 8.46 -8.61
CA ASN B 275 16.23 9.18 -8.43
C ASN B 275 16.34 10.55 -9.05
N GLY B 276 15.44 10.84 -9.99
CA GLY B 276 15.39 12.13 -10.60
C GLY B 276 15.87 12.07 -12.05
N TRP B 277 16.62 11.02 -12.40
CA TRP B 277 17.27 10.92 -13.70
C TRP B 277 16.65 9.77 -14.51
N GLY B 278 15.61 9.15 -14.00
CA GLY B 278 14.94 8.14 -14.79
C GLY B 278 14.61 6.94 -13.96
N THR B 279 14.53 5.79 -14.61
CA THR B 279 14.00 4.58 -13.99
C THR B 279 15.17 3.86 -13.34
N PRO B 280 14.99 3.40 -12.09
CA PRO B 280 16.04 2.59 -11.44
C PRO B 280 15.90 1.12 -11.93
N THR B 281 16.22 0.91 -13.21
CA THR B 281 15.96 -0.35 -13.89
C THR B 281 16.76 -1.48 -13.29
N LEU B 282 16.10 -2.62 -12.99
CA LEU B 282 16.72 -3.74 -12.35
C LEU B 282 16.45 -5.00 -13.18
N TYR B 283 17.53 -5.66 -13.60
CA TYR B 283 17.46 -6.95 -14.23
C TYR B 283 17.41 -8.10 -13.18
N ASP B 284 16.84 -9.23 -13.52
CA ASP B 284 16.90 -10.37 -12.63
C ASP B 284 17.97 -11.33 -13.18
N PHE B 285 18.99 -11.58 -12.35
CA PHE B 285 20.07 -12.54 -12.72
C PHE B 285 19.88 -13.75 -11.86
N SER B 286 19.64 -14.93 -12.47
CA SER B 286 19.39 -16.15 -11.68
C SER B 286 20.47 -17.20 -12.06
N ALA B 287 21.13 -17.77 -11.06
CA ALA B 287 22.13 -18.82 -11.33
C ALA B 287 21.58 -20.13 -10.78
N GLN B 288 21.68 -21.19 -11.56
CA GLN B 288 21.19 -22.47 -11.05
C GLN B 288 22.30 -23.54 -11.16
N ILE B 289 22.27 -24.51 -10.25
CA ILE B 289 23.14 -25.73 -10.36
C ILE B 289 22.20 -26.90 -10.66
N ALA B 290 22.31 -27.42 -11.89
CA ALA B 290 21.48 -28.54 -12.33
C ALA B 290 22.27 -29.87 -12.27
N CYS B 291 21.68 -30.86 -11.62
CA CYS B 291 22.23 -32.21 -11.54
C CYS B 291 21.14 -33.10 -12.03
N GLY B 292 21.29 -33.55 -13.27
CA GLY B 292 20.21 -34.19 -14.00
C GLY B 292 19.21 -33.13 -14.30
N ASP B 293 17.95 -33.42 -14.05
CA ASP B 293 16.97 -32.37 -14.17
C ASP B 293 16.54 -31.81 -12.76
N ARG B 294 17.37 -32.02 -11.74
CA ARG B 294 17.15 -31.45 -10.40
C ARG B 294 17.94 -30.15 -10.35
N ILE B 295 17.27 -29.03 -10.12
CA ILE B 295 17.94 -27.78 -9.74
C ILE B 295 18.21 -27.89 -8.24
N VAL B 296 19.41 -28.29 -7.88
CA VAL B 296 19.74 -28.56 -6.49
C VAL B 296 20.01 -27.25 -5.75
N ALA B 297 20.42 -26.23 -6.50
CA ALA B 297 20.76 -24.92 -5.86
C ALA B 297 20.42 -23.81 -6.79
N GLU B 298 19.80 -22.74 -6.26
CA GLU B 298 19.59 -21.56 -7.11
C GLU B 298 19.77 -20.29 -6.29
N GLN B 299 20.34 -19.25 -6.89
CA GLN B 299 20.50 -17.92 -6.22
C GLN B 299 20.25 -16.81 -7.23
N SER B 300 19.53 -15.76 -6.81
CA SER B 300 19.12 -14.63 -7.70
C SER B 300 19.48 -13.32 -7.05
N HIS B 301 19.74 -12.32 -7.90
CA HIS B 301 19.97 -10.93 -7.48
C HIS B 301 19.30 -10.08 -8.50
N ARG B 302 18.77 -8.96 -8.03
CA ARG B 302 18.35 -7.90 -8.92
C ARG B 302 19.60 -7.05 -9.22
N ILE B 303 19.81 -6.71 -10.49
CA ILE B 303 21.05 -6.07 -10.83
C ILE B 303 20.72 -4.82 -11.56
N GLY B 304 21.41 -3.75 -11.19
CA GLY B 304 21.30 -2.49 -11.91
C GLY B 304 22.56 -2.32 -12.74
N LEU B 305 22.41 -2.08 -14.05
CA LEU B 305 23.55 -1.83 -14.93
C LEU B 305 23.81 -0.32 -14.95
N ARG B 306 24.87 0.12 -14.28
CA ARG B 306 25.24 1.51 -14.32
C ARG B 306 26.73 1.57 -13.97
N THR B 307 27.39 2.69 -14.29
CA THR B 307 28.69 2.96 -13.70
C THR B 307 28.58 4.02 -12.61
N ILE B 308 29.33 3.79 -11.53
CA ILE B 308 29.48 4.79 -10.48
C ILE B 308 30.98 4.96 -10.25
N ARG B 309 31.46 6.19 -10.39
CA ARG B 309 32.87 6.46 -10.19
C ARG B 309 32.91 7.63 -9.20
N VAL B 310 33.60 7.46 -8.06
CA VAL B 310 33.88 8.57 -7.17
C VAL B 310 35.16 9.22 -7.65
N VAL B 311 35.08 10.50 -8.01
CA VAL B 311 36.25 11.24 -8.50
C VAL B 311 36.85 12.06 -7.35
N ASN B 312 38.06 11.71 -6.94
CA ASN B 312 38.73 12.35 -5.79
C ASN B 312 40.15 12.68 -6.32
N GLU B 313 40.31 13.89 -6.83
CA GLU B 313 41.50 14.24 -7.59
C GLU B 313 41.99 15.62 -7.23
N LYS B 314 43.31 15.80 -7.29
CA LYS B 314 43.88 17.12 -7.16
C LYS B 314 43.38 18.02 -8.25
N ASP B 315 42.95 19.23 -7.90
CA ASP B 315 42.51 20.19 -8.92
C ASP B 315 42.86 21.59 -8.46
N LYS B 316 42.48 22.61 -9.22
CA LYS B 316 42.90 23.99 -8.89
C LYS B 316 42.42 24.45 -7.53
N ASP B 317 41.37 23.81 -7.01
CA ASP B 317 40.72 24.25 -5.81
C ASP B 317 41.11 23.45 -4.60
N GLY B 318 41.85 22.38 -4.82
CA GLY B 318 42.34 21.55 -3.75
C GLY B 318 42.22 20.08 -4.14
N GLU B 319 41.23 19.36 -3.56
CA GLU B 319 40.95 17.93 -4.00
C GLU B 319 39.45 17.72 -4.14
N SER B 320 38.97 17.38 -5.35
CA SER B 320 37.54 17.23 -5.64
C SER B 320 37.04 16.01 -4.87
N PHE B 321 35.72 15.95 -4.66
CA PHE B 321 35.09 14.75 -4.12
C PHE B 321 33.69 14.70 -4.69
N TYR B 322 33.48 13.94 -5.77
CA TYR B 322 32.14 13.84 -6.35
C TYR B 322 31.83 12.51 -7.03
N PHE B 323 30.54 12.31 -7.30
CA PHE B 323 30.02 11.10 -7.92
C PHE B 323 29.68 11.33 -9.40
N GLU B 324 30.19 10.42 -10.22
N GLU B 324 30.18 10.42 -10.23
CA GLU B 324 29.88 10.39 -11.63
CA GLU B 324 29.89 10.41 -11.65
C GLU B 324 29.05 9.14 -11.85
C GLU B 324 29.05 9.15 -11.87
N VAL B 325 27.81 9.34 -12.31
CA VAL B 325 26.86 8.23 -12.49
C VAL B 325 26.49 8.09 -13.98
N ASN B 326 26.81 6.92 -14.55
CA ASN B 326 26.66 6.67 -15.99
C ASN B 326 27.36 7.76 -16.76
N GLY B 327 28.49 8.17 -16.24
CA GLY B 327 29.35 9.16 -16.89
C GLY B 327 29.03 10.62 -16.67
N ILE B 328 27.97 10.92 -15.94
CA ILE B 328 27.50 12.27 -15.73
C ILE B 328 27.75 12.65 -14.26
N PRO B 329 28.46 13.79 -14.01
CA PRO B 329 28.64 14.27 -12.63
C PRO B 329 27.30 14.56 -12.01
N MET B 330 27.03 13.94 -10.85
CA MET B 330 25.76 13.99 -10.19
C MET B 330 25.94 14.69 -8.84
N PHE B 331 25.29 15.82 -8.69
CA PHE B 331 25.39 16.57 -7.46
C PHE B 331 24.57 15.76 -6.44
N ALA B 332 25.16 15.43 -5.30
CA ALA B 332 24.46 14.52 -4.33
C ALA B 332 23.55 15.30 -3.39
N LYS B 333 22.36 14.76 -3.09
CA LYS B 333 21.36 15.43 -2.25
C LYS B 333 20.78 14.37 -1.34
N GLY B 334 21.01 14.49 -0.05
CA GLY B 334 20.44 13.51 0.79
C GLY B 334 20.80 13.79 2.23
N ALA B 335 20.95 12.73 2.99
CA ALA B 335 21.06 12.83 4.47
C ALA B 335 21.82 11.62 5.04
N ASN B 336 22.25 11.77 6.29
CA ASN B 336 22.88 10.72 7.05
C ASN B 336 21.82 9.92 7.78
N TYR B 337 21.86 8.60 7.59
CA TYR B 337 20.93 7.69 8.19
C TYR B 337 21.54 7.03 9.46
N ILE B 338 20.72 6.95 10.51
CA ILE B 338 21.09 6.25 11.78
C ILE B 338 20.06 5.13 11.97
N PRO B 339 20.26 4.24 12.95
CA PRO B 339 19.25 3.17 13.11
C PRO B 339 17.87 3.73 13.45
N GLN B 340 16.80 3.03 13.03
CA GLN B 340 15.42 3.57 13.17
C GLN B 340 14.83 3.29 14.53
N ASP B 341 15.60 2.59 15.34
CA ASP B 341 15.09 2.19 16.65
C ASP B 341 16.25 1.72 17.49
N ALA B 342 16.12 1.91 18.82
CA ALA B 342 17.01 1.31 19.84
C ALA B 342 16.92 -0.23 19.82
N LEU B 343 15.76 -0.76 19.47
CA LEU B 343 15.58 -2.21 19.28
C LEU B 343 15.35 -2.57 17.81
N LEU B 344 16.45 -2.93 17.15
CA LEU B 344 16.44 -3.13 15.67
C LEU B 344 15.42 -4.04 15.10
N PRO B 345 15.21 -5.25 15.71
CA PRO B 345 14.14 -6.13 15.16
C PRO B 345 12.73 -5.54 15.28
N ASN B 346 12.55 -4.47 16.06
CA ASN B 346 11.25 -3.76 16.12
C ASN B 346 10.91 -3.04 14.85
N VAL B 347 11.92 -2.78 14.01
CA VAL B 347 11.63 -2.05 12.83
C VAL B 347 11.02 -2.92 11.71
N THR B 348 9.78 -2.63 11.35
CA THR B 348 9.00 -3.51 10.47
C THR B 348 9.31 -3.22 8.99
N THR B 349 8.93 -4.13 8.13
CA THR B 349 8.97 -3.89 6.68
C THR B 349 8.31 -2.57 6.25
N GLU B 350 7.13 -2.33 6.80
CA GLU B 350 6.43 -1.08 6.52
C GLU B 350 7.21 0.18 6.88
N ARG B 351 7.93 0.14 8.01
CA ARG B 351 8.71 1.27 8.44
C ARG B 351 9.90 1.55 7.52
N TYR B 352 10.58 0.49 7.03
CA TYR B 352 11.61 0.68 6.02
C TYR B 352 11.01 1.28 4.73
N GLN B 353 9.91 0.72 4.25
CA GLN B 353 9.27 1.25 3.05
C GLN B 353 8.91 2.76 3.23
N THR B 354 8.41 3.13 4.41
CA THR B 354 7.97 4.52 4.58
C THR B 354 9.14 5.46 4.62
N LEU B 355 10.24 5.02 5.20
CA LEU B 355 11.45 5.84 5.21
C LEU B 355 11.97 6.12 3.80
N PHE B 356 12.01 5.09 2.95
CA PHE B 356 12.39 5.29 1.55
C PHE B 356 11.40 6.16 0.80
N ARG B 357 10.13 6.03 1.13
CA ARG B 357 9.15 6.96 0.53
C ARG B 357 9.55 8.41 0.95
N ASP B 358 9.86 8.61 2.22
CA ASP B 358 10.27 9.95 2.72
C ASP B 358 11.51 10.50 2.00
N MET B 359 12.54 9.65 1.75
CA MET B 359 13.68 10.11 0.95
C MET B 359 13.33 10.42 -0.49
N LYS B 360 12.60 9.50 -1.12
CA LYS B 360 12.27 9.67 -2.52
C LYS B 360 11.45 10.95 -2.73
N GLU B 361 10.48 11.18 -1.85
CA GLU B 361 9.59 12.33 -1.97
C GLU B 361 10.29 13.64 -1.68
N ALA B 362 11.38 13.60 -0.92
CA ALA B 362 12.14 14.83 -0.66
C ALA B 362 13.23 14.99 -1.73
N ASN B 363 13.13 14.23 -2.84
CA ASN B 363 13.99 14.46 -4.02
C ASN B 363 15.45 14.06 -3.77
N MET B 364 15.67 13.18 -2.79
CA MET B 364 17.04 12.75 -2.50
C MET B 364 17.58 11.75 -3.51
N ASN B 365 18.91 11.71 -3.67
CA ASN B 365 19.54 10.67 -4.48
C ASN B 365 20.64 9.96 -3.77
N MET B 366 20.81 10.19 -2.45
CA MET B 366 21.93 9.53 -1.75
C MET B 366 21.59 9.44 -0.27
N VAL B 367 21.99 8.36 0.38
CA VAL B 367 21.97 8.28 1.84
C VAL B 367 23.32 7.75 2.33
N ARG B 368 23.79 8.27 3.48
CA ARG B 368 25.02 7.75 4.10
C ARG B 368 24.59 6.90 5.27
N ILE B 369 24.99 5.62 5.27
CA ILE B 369 24.73 4.74 6.42
C ILE B 369 25.92 4.97 7.35
N TRP B 370 25.72 5.88 8.31
CA TRP B 370 26.79 6.30 9.17
C TRP B 370 27.32 5.15 10.16
N GLY B 371 28.60 5.16 10.40
CA GLY B 371 29.34 4.06 11.03
C GLY B 371 29.12 3.82 12.52
N GLY B 372 28.20 4.52 13.19
CA GLY B 372 27.86 4.08 14.57
C GLY B 372 26.61 3.21 14.65
N GLY B 373 26.06 2.79 13.49
CA GLY B 373 24.84 1.98 13.51
C GLY B 373 25.02 0.49 13.18
N THR B 374 24.35 0.02 12.14
CA THR B 374 24.61 -1.34 11.61
C THR B 374 24.80 -1.30 10.11
N TYR B 375 25.51 -2.30 9.55
CA TYR B 375 25.37 -2.59 8.12
C TYR B 375 23.87 -2.95 7.94
N GLU B 376 23.13 -2.19 7.17
CA GLU B 376 21.70 -2.41 7.12
C GLU B 376 21.24 -3.71 6.50
N ASN B 377 20.01 -4.07 6.75
CA ASN B 377 19.55 -5.34 6.32
C ASN B 377 19.35 -5.35 4.81
N ASN B 378 19.14 -6.52 4.25
CA ASN B 378 19.05 -6.63 2.81
C ASN B 378 17.85 -5.80 2.27
N LEU B 379 16.75 -5.78 3.00
CA LEU B 379 15.58 -4.93 2.57
C LEU B 379 15.92 -3.45 2.30
N PHE B 380 16.67 -2.86 3.23
CA PHE B 380 17.15 -1.48 3.12
C PHE B 380 17.79 -1.25 1.74
N TYR B 381 18.77 -2.08 1.41
CA TYR B 381 19.46 -1.96 0.13
CA TYR B 381 19.46 -1.92 0.13
C TYR B 381 18.57 -2.29 -1.08
N ASP B 382 17.66 -3.27 -0.94
CA ASP B 382 16.68 -3.58 -2.03
C ASP B 382 15.80 -2.32 -2.28
N LEU B 383 15.42 -1.66 -1.19
CA LEU B 383 14.62 -0.43 -1.32
C LEU B 383 15.41 0.73 -1.94
N ALA B 384 16.66 0.87 -1.56
CA ALA B 384 17.51 1.87 -2.23
C ALA B 384 17.62 1.53 -3.70
N ASP B 385 17.82 0.25 -4.05
CA ASP B 385 17.94 -0.16 -5.46
C ASP B 385 16.71 0.30 -6.29
N GLU B 386 15.53 0.01 -5.75
CA GLU B 386 14.32 0.29 -6.47
C GLU B 386 13.82 1.76 -6.36
N ASN B 387 14.46 2.59 -5.53
CA ASN B 387 14.07 4.01 -5.46
C ASN B 387 15.19 4.89 -6.01
N GLY B 388 16.24 4.26 -6.52
CA GLY B 388 17.31 5.06 -7.21
C GLY B 388 18.11 5.89 -6.22
N ILE B 389 18.31 5.36 -5.01
CA ILE B 389 19.06 6.14 -4.05
CA ILE B 389 19.02 6.10 -3.97
C ILE B 389 20.43 5.50 -3.86
N LEU B 390 21.50 6.27 -4.14
CA LEU B 390 22.88 5.78 -3.93
C LEU B 390 23.15 5.65 -2.44
N VAL B 391 23.95 4.65 -2.08
CA VAL B 391 24.25 4.39 -0.70
C VAL B 391 25.76 4.53 -0.43
N TRP B 392 26.13 5.40 0.52
CA TRP B 392 27.50 5.50 1.02
C TRP B 392 27.56 4.65 2.30
N GLN B 393 28.35 3.58 2.32
CA GLN B 393 28.32 2.67 3.48
C GLN B 393 29.60 2.84 4.30
N ASP B 394 29.46 3.42 5.50
CA ASP B 394 30.60 3.42 6.47
C ASP B 394 30.79 1.96 6.97
N PHE B 395 32.03 1.55 7.25
CA PHE B 395 32.20 0.41 8.17
C PHE B 395 31.79 0.88 9.56
N MET B 396 31.42 -0.06 10.42
CA MET B 396 30.83 0.30 11.73
C MET B 396 31.91 0.65 12.77
N PHE B 397 32.68 1.73 12.49
CA PHE B 397 33.59 2.34 13.45
C PHE B 397 33.29 3.84 13.50
N ALA B 398 33.20 4.42 14.67
CA ALA B 398 32.80 5.84 14.75
C ALA B 398 33.41 6.54 15.98
N CYS B 399 34.18 7.60 15.73
CA CYS B 399 34.48 8.66 16.75
C CYS B 399 35.46 8.28 17.89
N THR B 400 36.07 7.10 17.85
CA THR B 400 37.10 6.77 18.81
C THR B 400 38.12 5.93 18.07
N PRO B 401 39.40 6.01 18.47
CA PRO B 401 40.25 4.95 17.96
C PRO B 401 39.79 3.60 18.51
N TYR B 402 40.21 2.53 17.85
CA TYR B 402 39.77 1.18 18.23
C TYR B 402 41.02 0.33 18.51
N PRO B 403 40.86 -0.82 19.21
CA PRO B 403 41.96 -1.79 19.29
C PRO B 403 42.43 -2.24 17.89
N SER B 404 43.61 -2.87 17.83
CA SER B 404 44.13 -3.34 16.57
C SER B 404 45.00 -4.60 16.76
N ASP B 405 44.74 -5.34 17.84
CA ASP B 405 45.47 -6.58 18.11
C ASP B 405 44.99 -7.64 17.09
N PRO B 406 45.79 -8.69 16.83
CA PRO B 406 45.44 -9.70 15.84
C PRO B 406 44.01 -10.30 15.98
N THR B 407 43.59 -10.71 17.17
CA THR B 407 42.28 -11.32 17.28
CA THR B 407 42.25 -11.29 17.37
C THR B 407 41.14 -10.33 16.94
N PHE B 408 41.25 -9.07 17.41
CA PHE B 408 40.28 -8.06 17.04
C PHE B 408 40.29 -7.87 15.51
N LEU B 409 41.48 -7.77 14.90
CA LEU B 409 41.54 -7.55 13.45
C LEU B 409 40.94 -8.78 12.70
N LYS B 410 41.07 -9.94 13.31
CA LYS B 410 40.48 -11.16 12.71
C LYS B 410 38.96 -11.10 12.71
N ARG B 411 38.36 -10.66 13.80
CA ARG B 411 36.94 -10.39 13.88
C ARG B 411 36.49 -9.35 12.84
N VAL B 412 37.22 -8.25 12.71
CA VAL B 412 36.86 -7.25 11.70
C VAL B 412 37.00 -7.79 10.31
N GLU B 413 38.01 -8.61 10.04
CA GLU B 413 38.12 -9.19 8.71
C GLU B 413 36.87 -10.00 8.35
N ALA B 414 36.40 -10.81 9.29
CA ALA B 414 35.24 -11.66 9.06
C ALA B 414 34.03 -10.77 8.72
N GLU B 415 33.86 -9.69 9.45
CA GLU B 415 32.71 -8.82 9.19
C GLU B 415 32.85 -8.02 7.91
N ALA B 416 34.05 -7.60 7.56
CA ALA B 416 34.24 -6.87 6.31
C ALA B 416 33.91 -7.84 5.16
N VAL B 417 34.55 -9.02 5.16
CA VAL B 417 34.30 -9.99 4.07
C VAL B 417 32.79 -10.32 4.00
N TYR B 418 32.14 -10.57 5.15
CA TYR B 418 30.76 -11.06 5.16
C TYR B 418 29.84 -9.98 4.57
N ASN B 419 30.01 -8.75 5.05
CA ASN B 419 29.09 -7.71 4.57
C ASN B 419 29.41 -7.23 3.15
N ILE B 420 30.69 -7.25 2.76
CA ILE B 420 31.03 -6.88 1.38
C ILE B 420 30.35 -7.86 0.47
N ARG B 421 30.50 -9.15 0.73
CA ARG B 421 29.90 -10.12 -0.18
C ARG B 421 28.38 -10.01 -0.13
N ARG B 422 27.84 -9.77 1.06
CA ARG B 422 26.36 -9.61 1.19
C ARG B 422 25.82 -8.41 0.36
N LEU B 423 26.59 -7.32 0.25
CA LEU B 423 26.05 -6.05 -0.29
C LEU B 423 26.50 -5.74 -1.73
N ARG B 424 27.51 -6.48 -2.20
CA ARG B 424 28.20 -5.95 -3.38
C ARG B 424 27.42 -6.08 -4.66
N ASN B 425 26.29 -6.81 -4.67
CA ASN B 425 25.47 -6.90 -5.90
C ASN B 425 24.38 -5.81 -6.01
N HIS B 426 24.28 -4.95 -5.01
CA HIS B 426 23.29 -3.86 -5.05
C HIS B 426 23.67 -2.72 -5.93
N ALA B 427 22.79 -2.42 -6.91
CA ALA B 427 22.93 -1.22 -7.76
C ALA B 427 23.21 0.05 -6.94
N SER B 428 22.54 0.12 -5.79
CA SER B 428 22.58 1.36 -4.97
C SER B 428 23.92 1.54 -4.27
N LEU B 429 24.65 0.45 -3.98
CA LEU B 429 25.91 0.64 -3.23
C LEU B 429 26.95 1.40 -4.04
N ALA B 430 27.35 2.56 -3.55
CA ALA B 430 28.22 3.46 -4.31
C ALA B 430 29.65 3.52 -3.75
N MET B 431 29.83 3.25 -2.44
CA MET B 431 31.18 3.45 -1.90
C MET B 431 31.19 2.98 -0.48
N TRP B 432 32.42 2.74 0.02
CA TRP B 432 32.67 2.30 1.40
C TRP B 432 33.53 3.38 2.06
N CYS B 433 33.35 3.54 3.36
CA CYS B 433 34.16 4.54 4.09
C CYS B 433 34.60 3.84 5.37
N GLY B 434 35.89 3.94 5.67
CA GLY B 434 36.44 3.19 6.81
C GLY B 434 35.87 3.49 8.15
N ASN B 435 35.54 4.78 8.40
CA ASN B 435 35.03 5.14 9.72
C ASN B 435 34.44 6.55 9.71
N ASN B 436 33.69 6.88 10.77
CA ASN B 436 33.31 8.27 10.99
C ASN B 436 34.28 8.96 11.94
N GLU B 437 35.03 9.97 11.46
CA GLU B 437 35.73 11.00 12.29
C GLU B 437 36.86 10.46 13.16
N ILE B 438 37.35 9.27 12.89
CA ILE B 438 38.46 8.76 13.76
C ILE B 438 39.80 9.51 13.50
N LEU B 439 40.17 9.75 12.25
CA LEU B 439 41.41 10.47 11.99
C LEU B 439 41.27 11.87 12.61
N GLU B 440 40.11 12.48 12.44
CA GLU B 440 39.82 13.80 13.01
C GLU B 440 40.00 13.77 14.55
N ALA B 441 39.45 12.75 15.19
CA ALA B 441 39.57 12.56 16.64
C ALA B 441 41.03 12.46 17.04
N LEU B 442 41.80 11.64 16.33
CA LEU B 442 43.21 11.47 16.58
C LEU B 442 44.01 12.75 16.41
N LYS B 443 43.67 13.57 15.39
CA LYS B 443 44.41 14.78 15.09
C LYS B 443 43.93 15.99 15.89
N TYR B 444 42.64 16.12 16.15
CA TYR B 444 42.10 17.36 16.66
C TYR B 444 41.38 17.33 17.99
N TRP B 445 41.15 16.16 18.59
CA TRP B 445 40.26 16.21 19.75
C TRP B 445 40.98 16.12 21.11
N GLY B 446 42.31 16.22 21.08
CA GLY B 446 43.14 16.41 22.28
C GLY B 446 43.53 15.16 23.07
N PHE B 447 43.75 14.06 22.35
CA PHE B 447 44.21 12.82 23.01
C PHE B 447 45.69 12.85 23.38
N GLU B 448 46.51 13.61 22.66
CA GLU B 448 47.92 13.78 23.05
C GLU B 448 48.06 14.11 24.56
N LYS B 449 47.06 14.79 25.15
CA LYS B 449 47.10 15.13 26.58
C LYS B 449 46.40 14.07 27.43
N LYS B 450 45.59 13.23 26.81
CA LYS B 450 44.77 12.25 27.54
C LYS B 450 45.51 10.93 27.79
N PHE B 451 46.56 10.69 27.02
CA PHE B 451 47.25 9.41 27.04
C PHE B 451 48.74 9.62 27.10
N THR B 452 49.43 8.67 27.72
CA THR B 452 50.90 8.58 27.64
C THR B 452 51.32 8.57 26.20
N PRO B 453 52.52 9.05 25.89
CA PRO B 453 52.92 9.16 24.47
C PRO B 453 53.02 7.79 23.77
N GLU B 454 53.44 6.80 24.55
CA GLU B 454 53.47 5.43 24.13
C GLU B 454 52.06 4.91 23.73
N VAL B 455 51.04 5.17 24.55
CA VAL B 455 49.65 4.74 24.26
C VAL B 455 49.13 5.48 23.03
N TYR B 456 49.35 6.78 22.99
CA TYR B 456 48.99 7.58 21.79
C TYR B 456 49.66 7.12 20.45
N GLN B 457 50.96 6.81 20.45
CA GLN B 457 51.58 6.24 19.26
C GLN B 457 51.06 4.84 18.83
N GLY B 458 50.65 4.06 19.82
CA GLY B 458 50.04 2.78 19.56
C GLY B 458 48.67 2.97 18.92
N LEU B 459 47.93 3.98 19.37
CA LEU B 459 46.65 4.33 18.73
C LEU B 459 46.86 4.73 17.26
N MET B 460 47.87 5.57 16.97
CA MET B 460 48.21 5.96 15.61
C MET B 460 48.57 4.80 14.70
N HIS B 461 49.44 3.91 15.18
CA HIS B 461 49.82 2.74 14.41
C HIS B 461 48.65 1.77 14.20
N GLY B 462 47.81 1.64 15.20
CA GLY B 462 46.64 0.77 15.09
C GLY B 462 45.61 1.30 14.12
N TYR B 463 45.47 2.62 14.02
CA TYR B 463 44.62 3.28 13.00
C TYR B 463 45.03 2.82 11.63
N ASP B 464 46.31 2.95 11.29
CA ASP B 464 46.76 2.50 9.97
C ASP B 464 46.50 1.03 9.71
N LYS B 465 46.71 0.19 10.73
CA LYS B 465 46.56 -1.25 10.55
C LYS B 465 45.14 -1.59 10.14
N LEU B 466 44.17 -0.86 10.70
CA LEU B 466 42.77 -1.19 10.45
C LEU B 466 42.29 -0.42 9.19
N PHE B 467 42.50 0.89 9.19
CA PHE B 467 41.81 1.76 8.19
C PHE B 467 42.61 2.04 6.93
N ARG B 468 43.93 1.89 7.02
CA ARG B 468 44.73 2.09 5.83
C ARG B 468 45.31 0.80 5.26
N GLU B 469 45.05 -0.33 5.92
CA GLU B 469 45.58 -1.61 5.44
CA GLU B 469 45.58 -1.60 5.42
C GLU B 469 44.47 -2.65 5.34
N LEU B 470 43.99 -3.11 6.46
CA LEU B 470 43.01 -4.24 6.47
C LEU B 470 41.74 -3.87 5.68
N LEU B 471 41.05 -2.78 6.07
CA LEU B 471 39.80 -2.50 5.34
C LEU B 471 39.98 -2.22 3.84
N PRO B 472 40.93 -1.32 3.45
CA PRO B 472 41.05 -1.13 1.99
C PRO B 472 41.48 -2.37 1.23
N SER B 473 42.36 -3.20 1.82
CA SER B 473 42.76 -4.45 1.15
CA SER B 473 42.77 -4.46 1.16
C SER B 473 41.57 -5.36 0.96
N THR B 474 40.64 -5.36 1.92
CA THR B 474 39.47 -6.21 1.80
CA THR B 474 39.45 -6.20 1.81
C THR B 474 38.52 -5.71 0.70
N VAL B 475 38.32 -4.39 0.61
CA VAL B 475 37.52 -3.83 -0.49
C VAL B 475 38.19 -4.07 -1.84
N LYS B 476 39.51 -3.92 -1.87
CA LYS B 476 40.25 -4.16 -3.13
C LYS B 476 40.07 -5.60 -3.61
N GLU B 477 40.10 -6.54 -2.66
CA GLU B 477 39.97 -7.95 -3.01
C GLU B 477 38.50 -8.32 -3.40
N PHE B 478 37.53 -7.80 -2.65
CA PHE B 478 36.16 -8.28 -2.81
C PHE B 478 35.19 -7.28 -3.46
N ASP B 479 35.60 -6.03 -3.68
CA ASP B 479 34.68 -5.08 -4.35
C ASP B 479 35.55 -4.09 -5.11
N SER B 480 36.32 -4.63 -6.07
CA SER B 480 37.44 -3.92 -6.69
CA SER B 480 37.45 -3.89 -6.63
C SER B 480 37.04 -2.72 -7.54
N ASP B 481 35.78 -2.65 -7.93
CA ASP B 481 35.37 -1.53 -8.75
C ASP B 481 34.66 -0.45 -7.91
N ARG B 482 34.66 -0.57 -6.57
CA ARG B 482 34.02 0.43 -5.74
C ARG B 482 35.05 1.22 -4.95
N PHE B 483 34.79 2.51 -4.80
CA PHE B 483 35.65 3.42 -4.10
C PHE B 483 35.69 3.16 -2.60
N TYR B 484 36.89 3.25 -1.99
CA TYR B 484 37.02 3.24 -0.50
C TYR B 484 37.73 4.51 -0.08
N VAL B 485 37.34 5.10 1.03
CA VAL B 485 38.13 6.18 1.60
C VAL B 485 38.30 5.84 3.09
N HIS B 486 39.48 6.11 3.66
CA HIS B 486 39.77 5.59 5.01
C HIS B 486 38.96 6.20 6.14
N SER B 487 38.47 7.43 5.97
CA SER B 487 37.69 8.07 7.02
C SER B 487 36.87 9.21 6.42
N SER B 488 35.83 9.62 7.13
CA SER B 488 35.05 10.80 6.81
C SER B 488 34.95 11.70 8.04
N PRO B 489 35.43 13.00 7.96
CA PRO B 489 36.03 13.64 6.78
C PRO B 489 37.47 13.19 6.68
N TYR B 490 37.98 13.00 5.48
CA TYR B 490 39.30 12.39 5.39
C TYR B 490 40.43 13.40 5.62
N LEU B 491 40.19 14.71 5.38
CA LEU B 491 41.20 15.69 5.78
CA LEU B 491 41.21 15.75 5.64
C LEU B 491 40.65 17.02 6.28
N ALA B 492 39.56 17.52 5.67
CA ALA B 492 39.00 18.81 6.04
C ALA B 492 38.53 18.76 7.46
N ASN B 493 38.75 19.87 8.14
CA ASN B 493 38.31 20.05 9.55
C ASN B 493 37.57 21.38 9.67
N TRP B 494 36.41 21.38 10.32
CA TRP B 494 35.55 22.58 10.32
C TRP B 494 36.24 23.81 10.98
N GLY B 495 37.32 23.56 11.74
CA GLY B 495 38.11 24.60 12.44
C GLY B 495 39.33 25.09 11.68
N ARG B 496 39.61 24.51 10.51
CA ARG B 496 40.79 24.80 9.69
C ARG B 496 40.34 25.29 8.31
N PRO B 497 40.10 26.62 8.16
CA PRO B 497 39.51 27.06 6.89
C PRO B 497 40.35 26.72 5.69
N GLU B 498 41.65 26.54 5.90
CA GLU B 498 42.51 26.32 4.77
C GLU B 498 42.33 24.89 4.25
N SER B 499 41.61 24.06 5.04
CA SER B 499 41.48 22.62 4.69
C SER B 499 40.18 22.32 3.91
N TRP B 500 39.32 23.31 3.75
CA TRP B 500 37.96 23.10 3.22
C TRP B 500 37.90 22.78 1.77
N GLY B 501 38.94 23.17 1.04
CA GLY B 501 39.02 22.83 -0.38
C GLY B 501 39.47 21.41 -0.67
N THR B 502 39.74 20.63 0.37
CA THR B 502 40.28 19.27 0.23
C THR B 502 39.30 18.16 0.65
N GLY B 503 38.60 17.57 -0.32
CA GLY B 503 37.75 16.44 -0.01
C GLY B 503 36.44 16.82 0.67
N ASP B 504 35.82 15.85 1.35
CA ASP B 504 34.53 16.07 2.00
C ASP B 504 34.66 16.77 3.39
N SER B 505 33.61 17.49 3.76
CA SER B 505 33.53 18.20 5.08
C SER B 505 32.40 17.74 5.97
N HIS B 506 32.68 17.63 7.27
CA HIS B 506 31.67 17.68 8.32
C HIS B 506 31.73 19.10 8.97
N ASN B 507 30.98 20.04 8.42
CA ASN B 507 31.07 21.42 8.86
C ASN B 507 30.19 21.64 10.07
N TRP B 508 30.78 21.45 11.26
CA TRP B 508 30.03 21.62 12.49
C TRP B 508 30.26 23.02 13.08
N GLY B 509 30.68 23.95 12.22
CA GLY B 509 30.75 25.39 12.56
C GLY B 509 29.39 25.90 13.00
N VAL B 510 28.39 25.58 12.21
CA VAL B 510 27.00 25.72 12.65
C VAL B 510 26.66 24.61 13.67
N TRP B 511 25.98 25.00 14.74
CA TRP B 511 25.70 24.20 15.90
C TRP B 511 26.92 24.26 16.86
N TYR B 512 27.89 23.36 16.70
CA TYR B 512 29.03 23.32 17.63
C TYR B 512 29.89 24.59 17.67
N GLY B 513 30.04 25.26 16.55
CA GLY B 513 30.91 26.43 16.45
C GLY B 513 30.07 27.68 16.69
N LYS B 514 28.77 27.49 16.96
CA LYS B 514 27.79 28.62 17.08
C LYS B 514 27.72 29.62 15.95
N LYS B 515 28.29 29.30 14.79
CA LYS B 515 28.24 30.15 13.60
C LYS B 515 26.79 30.36 13.12
N PRO B 516 26.53 31.54 12.59
CA PRO B 516 25.19 31.84 12.10
C PRO B 516 24.99 31.08 10.79
N PHE B 517 23.74 30.81 10.46
CA PHE B 517 23.43 30.07 9.23
C PHE B 517 24.02 30.70 7.99
N GLU B 518 24.15 32.03 8.01
CA GLU B 518 24.77 32.73 6.90
C GLU B 518 26.20 32.31 6.63
N SER B 519 26.93 31.82 7.63
CA SER B 519 28.30 31.36 7.36
C SER B 519 28.33 30.24 6.27
N LEU B 520 27.21 29.51 6.11
CA LEU B 520 27.14 28.43 5.10
C LEU B 520 27.26 28.96 3.66
N ASP B 521 27.00 30.25 3.48
CA ASP B 521 27.18 30.91 2.18
C ASP B 521 28.66 31.12 1.85
N THR B 522 29.49 31.29 2.88
CA THR B 522 30.91 31.61 2.67
C THR B 522 31.83 30.46 2.97
N ASP B 523 31.42 29.59 3.89
CA ASP B 523 32.30 28.54 4.35
C ASP B 523 32.04 27.25 3.55
N LEU B 524 32.48 27.20 2.27
CA LEU B 524 31.98 26.16 1.34
C LEU B 524 32.85 24.91 1.33
N PRO B 525 32.26 23.71 1.17
CA PRO B 525 33.07 22.51 1.12
C PRO B 525 33.11 21.98 -0.32
N ARG B 526 33.98 21.02 -0.63
CA ARG B 526 33.91 20.33 -1.96
C ARG B 526 32.75 19.34 -2.03
N PHE B 527 32.32 18.90 -0.85
CA PHE B 527 31.18 17.98 -0.69
C PHE B 527 30.84 18.05 0.78
N MET B 528 29.60 18.33 1.13
CA MET B 528 29.23 18.38 2.54
C MET B 528 28.72 17.00 2.98
N SER B 529 29.52 16.23 3.75
CA SER B 529 29.03 14.90 4.13
C SER B 529 28.32 14.90 5.48
N GLU B 530 28.49 15.99 6.24
CA GLU B 530 27.62 16.27 7.41
C GLU B 530 27.53 17.78 7.69
N PHE B 531 26.35 18.23 8.06
CA PHE B 531 26.16 19.54 8.78
C PHE B 531 24.76 19.49 9.33
N GLY B 532 24.48 20.24 10.40
CA GLY B 532 23.21 19.99 11.08
C GLY B 532 22.77 20.99 12.15
N PHE B 533 21.53 20.86 12.60
CA PHE B 533 20.96 21.80 13.57
C PHE B 533 19.86 21.12 14.26
N GLN B 534 19.81 21.21 15.60
CA GLN B 534 18.82 20.43 16.35
C GLN B 534 17.44 21.11 16.44
N SER B 535 16.43 20.31 16.73
CA SER B 535 15.13 20.85 17.16
C SER B 535 14.41 19.85 18.01
N PHE B 536 13.56 20.40 18.89
CA PHE B 536 12.60 19.59 19.62
C PHE B 536 11.63 19.07 18.59
N PRO B 537 11.18 17.80 18.77
CA PRO B 537 10.14 17.34 17.90
C PRO B 537 8.79 17.98 18.27
N GLU B 538 7.78 17.82 17.41
CA GLU B 538 6.48 18.46 17.66
C GLU B 538 5.77 17.91 18.90
N MET B 539 4.72 18.57 19.34
CA MET B 539 4.13 18.30 20.68
C MET B 539 3.57 16.89 20.83
N LYS B 540 2.97 16.34 19.77
CA LYS B 540 2.43 14.99 19.84
C LYS B 540 3.54 13.98 20.10
N THR B 541 4.75 14.28 19.65
CA THR B 541 5.90 13.41 20.01
C THR B 541 6.40 13.70 21.41
N ILE B 542 6.47 14.98 21.76
CA ILE B 542 6.82 15.31 23.13
C ILE B 542 5.80 14.66 24.12
N ALA B 543 4.53 14.64 23.75
CA ALA B 543 3.48 14.10 24.64
C ALA B 543 3.72 12.59 24.83
N ALA B 544 4.39 11.97 23.87
CA ALA B 544 4.70 10.53 23.95
C ALA B 544 5.76 10.23 25.02
N PHE B 545 6.60 11.19 25.38
CA PHE B 545 7.60 10.93 26.41
C PHE B 545 7.51 11.75 27.68
N ALA B 546 6.58 12.70 27.75
CA ALA B 546 6.52 13.67 28.88
C ALA B 546 5.09 14.02 29.28
N ALA B 547 4.85 14.19 30.57
CA ALA B 547 3.54 14.64 31.08
C ALA B 547 3.50 16.17 30.95
N PRO B 548 2.29 16.78 30.78
CA PRO B 548 2.24 18.24 30.57
C PRO B 548 2.88 19.01 31.72
N GLU B 549 2.83 18.45 32.91
CA GLU B 549 3.52 19.01 34.06
C GLU B 549 4.98 19.28 33.78
N ASP B 550 5.53 18.60 32.74
CA ASP B 550 6.97 18.63 32.45
C ASP B 550 7.37 19.35 31.16
N TYR B 551 6.40 20.03 30.53
CA TYR B 551 6.66 20.85 29.37
C TYR B 551 7.36 22.14 29.69
N GLN B 552 8.64 22.06 30.04
CA GLN B 552 9.51 23.23 30.07
C GLN B 552 10.76 22.74 29.38
N ILE B 553 11.56 23.64 28.80
CA ILE B 553 12.68 23.17 27.99
C ILE B 553 13.73 22.47 28.85
N GLU B 554 13.44 22.39 30.16
CA GLU B 554 14.33 21.78 31.16
C GLU B 554 13.66 21.10 32.33
N SER B 555 12.44 20.60 32.19
CA SER B 555 12.01 19.74 33.27
C SER B 555 13.12 18.65 33.35
N GLU B 556 13.13 17.80 34.38
CA GLU B 556 14.16 16.77 34.30
C GLU B 556 13.82 15.76 33.17
N VAL B 557 12.53 15.46 32.98
CA VAL B 557 12.05 14.61 31.87
C VAL B 557 12.49 15.15 30.50
N MET B 558 12.33 16.44 30.28
CA MET B 558 12.84 17.06 29.04
C MET B 558 14.33 16.88 28.84
N ASN B 559 15.11 17.11 29.90
CA ASN B 559 16.57 16.93 29.89
C ASN B 559 17.03 15.47 29.67
N ALA B 560 16.22 14.51 30.12
CA ALA B 560 16.48 13.10 29.88
C ALA B 560 16.43 12.76 28.35
N HIS B 561 15.88 13.67 27.53
CA HIS B 561 15.63 13.43 26.09
C HIS B 561 16.35 14.44 25.22
N GLN B 562 17.47 14.94 25.72
CA GLN B 562 18.42 15.75 24.99
C GLN B 562 19.79 15.25 25.42
N LYS B 563 20.47 14.56 24.53
N LYS B 563 20.69 14.98 24.43
CA LYS B 563 21.68 13.89 24.89
CA LYS B 563 22.05 14.33 24.59
C LYS B 563 22.78 14.82 24.48
C LYS B 563 23.39 14.94 23.97
N SER B 564 22.37 16.06 24.23
N SER B 564 23.38 16.13 23.39
CA SER B 564 23.31 17.15 24.00
CA SER B 564 24.62 16.72 22.84
C SER B 564 23.22 18.15 25.14
C SER B 564 25.49 17.39 23.90
N SER B 565 24.22 18.14 25.99
N SER B 565 26.80 17.41 23.67
CA SER B 565 24.26 18.99 27.17
CA SER B 565 27.69 18.15 24.54
C SER B 565 24.12 20.41 26.73
C SER B 565 27.35 19.63 24.57
N ILE B 566 24.71 20.73 25.58
N ILE B 566 26.61 20.12 23.59
CA ILE B 566 24.72 22.09 25.07
CA ILE B 566 26.04 21.48 23.75
C ILE B 566 23.40 22.48 24.33
C ILE B 566 24.54 21.35 23.64
N GLY B 567 22.64 21.46 23.94
N GLY B 567 23.85 21.80 24.68
CA GLY B 567 21.54 21.64 22.99
CA GLY B 567 22.44 21.46 24.92
C GLY B 567 20.49 22.71 23.26
C GLY B 567 21.32 22.27 24.28
N ASN B 568 19.75 22.56 24.36
N ASN B 568 20.18 22.26 24.94
CA ASN B 568 18.58 23.41 24.60
CA ASN B 568 19.00 22.98 24.51
C ASN B 568 18.95 24.84 24.59
C ASN B 568 19.12 24.53 24.49
N SER B 569 20.01 25.11 25.31
CA SER B 569 20.29 26.53 25.45
C SER B 569 20.79 27.12 24.13
N LEU B 570 21.41 26.28 23.30
CA LEU B 570 21.91 26.71 22.01
C LEU B 570 20.78 27.01 21.02
N ILE B 571 19.70 26.25 21.11
CA ILE B 571 18.57 26.50 20.22
C ILE B 571 17.99 27.91 20.54
N ARG B 572 17.87 28.26 21.84
CA ARG B 572 17.39 29.60 22.19
C ARG B 572 18.32 30.69 21.67
N THR B 573 19.63 30.45 21.75
CA THR B 573 20.62 31.38 21.21
C THR B 573 20.46 31.67 19.72
N TYR B 574 20.34 30.61 18.93
CA TYR B 574 20.10 30.80 17.49
C TYR B 574 18.71 31.41 17.26
N MET B 575 17.73 31.00 18.06
CA MET B 575 16.36 31.45 17.81
C MET B 575 16.30 32.98 17.85
N GLU B 576 16.95 33.55 18.88
CA GLU B 576 17.00 35.02 19.12
C GLU B 576 17.60 35.76 17.95
N ARG B 577 18.50 35.13 17.17
CA ARG B 577 19.07 35.84 16.02
C ARG B 577 18.07 36.10 14.89
N ASP B 578 16.99 35.29 14.84
CA ASP B 578 16.09 35.38 13.68
C ASP B 578 14.60 35.49 14.01
N TYR B 579 14.22 35.24 15.26
CA TYR B 579 12.81 35.15 15.64
C TYR B 579 12.67 35.76 17.00
N ILE B 580 11.46 36.22 17.30
CA ILE B 580 11.13 36.67 18.64
C ILE B 580 10.87 35.39 19.42
N ILE B 581 11.54 35.23 20.57
CA ILE B 581 11.41 34.06 21.43
C ILE B 581 10.05 33.97 22.10
N PRO B 582 9.27 32.90 21.80
CA PRO B 582 7.93 32.83 22.40
C PRO B 582 8.00 32.53 23.89
N GLU B 583 6.93 32.91 24.61
CA GLU B 583 6.82 32.62 26.06
C GLU B 583 6.45 31.17 26.35
N SER B 584 5.49 30.61 25.62
CA SER B 584 5.01 29.26 25.93
C SER B 584 5.95 28.17 25.34
N PHE B 585 6.08 27.06 26.06
CA PHE B 585 6.77 25.87 25.56
C PHE B 585 6.26 25.44 24.17
N GLU B 586 4.95 25.30 24.02
CA GLU B 586 4.39 24.91 22.73
C GLU B 586 4.78 25.80 21.57
N ASP B 587 4.85 27.13 21.79
CA ASP B 587 5.14 28.07 20.70
C ASP B 587 6.64 28.05 20.45
N PHE B 588 7.41 27.89 21.51
CA PHE B 588 8.84 27.69 21.41
C PHE B 588 9.18 26.44 20.54
N VAL B 589 8.52 25.33 20.82
CA VAL B 589 8.70 24.10 20.00
C VAL B 589 8.37 24.37 18.55
N TYR B 590 7.23 25.03 18.28
CA TYR B 590 6.85 25.36 16.91
C TYR B 590 7.83 26.29 16.19
N VAL B 591 8.31 27.33 16.88
CA VAL B 591 9.29 28.21 16.22
C VAL B 591 10.63 27.45 15.96
N GLY B 592 11.01 26.62 16.90
CA GLY B 592 12.29 25.92 16.82
C GLY B 592 12.24 24.93 15.62
N LEU B 593 11.08 24.36 15.30
CA LEU B 593 10.93 23.57 14.02
C LEU B 593 11.16 24.45 12.78
N VAL B 594 10.48 25.61 12.78
CA VAL B 594 10.64 26.55 11.69
C VAL B 594 12.12 26.98 11.54
N LEU B 595 12.73 27.30 12.67
CA LEU B 595 14.14 27.72 12.73
C LEU B 595 15.11 26.68 12.13
N GLN B 596 15.00 25.46 12.57
CA GLN B 596 15.85 24.37 12.02
C GLN B 596 15.62 24.24 10.50
N GLY B 597 14.37 24.29 10.06
CA GLY B 597 14.02 24.13 8.63
C GLY B 597 14.62 25.27 7.84
N GLN B 598 14.45 26.51 8.33
CA GLN B 598 14.90 27.68 7.54
C GLN B 598 16.39 27.82 7.52
N GLY B 599 17.04 27.61 8.64
CA GLY B 599 18.50 27.80 8.62
C GLY B 599 19.18 26.67 7.82
N MET B 600 18.71 25.44 7.99
CA MET B 600 19.35 24.32 7.22
C MET B 600 19.07 24.42 5.73
N ARG B 601 17.85 24.80 5.33
N ARG B 601 17.86 24.80 5.31
CA ARG B 601 17.59 24.99 3.90
CA ARG B 601 17.64 24.96 3.86
C ARG B 601 18.52 26.04 3.29
C ARG B 601 18.52 26.05 3.27
N HIS B 602 18.86 27.07 4.08
CA HIS B 602 19.84 28.09 3.66
C HIS B 602 21.17 27.39 3.30
N GLY B 603 21.61 26.43 4.10
CA GLY B 603 22.89 25.73 3.78
C GLY B 603 22.73 24.85 2.54
N LEU B 604 21.64 24.08 2.47
CA LEU B 604 21.41 23.19 1.34
C LEU B 604 21.43 23.98 0.01
N GLU B 605 20.70 25.11 -0.03
CA GLU B 605 20.75 26.03 -1.16
C GLU B 605 22.11 26.57 -1.47
N ALA B 606 22.89 26.98 -0.45
CA ALA B 606 24.27 27.47 -0.72
C ALA B 606 25.10 26.36 -1.36
N HIS B 607 24.90 25.13 -0.92
CA HIS B 607 25.73 24.05 -1.50
C HIS B 607 25.40 23.82 -2.97
N ARG B 608 24.12 23.65 -3.31
CA ARG B 608 23.69 23.55 -4.73
C ARG B 608 24.09 24.76 -5.54
N ARG B 609 23.98 25.96 -4.96
CA ARG B 609 24.30 27.20 -5.71
C ARG B 609 25.76 27.28 -6.10
N ASN B 610 26.59 26.64 -5.29
CA ASN B 610 28.03 26.62 -5.52
C ASN B 610 28.60 25.41 -6.25
N ARG B 611 27.75 24.73 -6.99
CA ARG B 611 28.22 23.68 -7.90
C ARG B 611 28.91 24.40 -9.09
N PRO B 612 30.05 23.88 -9.59
CA PRO B 612 30.78 22.63 -9.30
C PRO B 612 31.86 22.67 -8.21
N TYR B 613 32.12 23.82 -7.59
CA TYR B 613 33.05 23.82 -6.46
C TYR B 613 32.57 22.81 -5.36
N CYS B 614 31.30 22.88 -5.02
CA CYS B 614 30.65 21.92 -4.13
C CYS B 614 29.85 20.95 -4.98
N MET B 615 29.95 19.67 -4.65
CA MET B 615 29.34 18.60 -5.46
C MET B 615 28.35 17.71 -4.70
N GLY B 616 28.05 18.10 -3.46
CA GLY B 616 27.05 17.32 -2.74
C GLY B 616 26.74 17.81 -1.36
N THR B 617 25.60 17.41 -0.88
CA THR B 617 25.24 17.82 0.50
C THR B 617 24.39 16.72 1.13
N LEU B 618 24.87 16.19 2.25
CA LEU B 618 24.13 15.21 3.08
C LEU B 618 24.00 15.83 4.46
N TYR B 619 22.79 16.26 4.81
CA TYR B 619 22.67 16.84 6.14
C TYR B 619 22.70 15.73 7.23
N TRP B 620 23.08 16.17 8.43
CA TRP B 620 22.95 15.40 9.64
C TRP B 620 21.67 15.92 10.37
N GLN B 621 20.63 15.08 10.61
CA GLN B 621 20.58 13.64 10.20
C GLN B 621 19.17 13.43 9.68
N LEU B 622 18.88 12.28 9.07
CA LEU B 622 17.56 12.06 8.49
C LEU B 622 16.54 11.77 9.55
N ASN B 623 16.92 10.90 10.49
CA ASN B 623 15.91 10.19 11.28
C ASN B 623 16.30 10.00 12.75
N ASP B 624 15.40 9.43 13.52
CA ASP B 624 15.62 9.16 14.94
C ASP B 624 15.37 7.70 15.30
N SER B 625 16.07 7.26 16.35
CA SER B 625 15.92 5.96 16.94
C SER B 625 15.02 5.89 18.20
N TRP B 626 14.57 7.04 18.72
CA TRP B 626 13.64 7.06 19.87
C TRP B 626 13.13 8.51 20.01
N PRO B 627 12.11 8.75 20.87
CA PRO B 627 11.63 10.16 20.92
C PRO B 627 12.67 11.01 21.66
N VAL B 628 13.19 12.05 21.01
CA VAL B 628 14.36 12.74 21.55
C VAL B 628 14.44 14.07 20.85
N VAL B 629 15.17 15.02 21.44
CA VAL B 629 15.57 16.29 20.78
C VAL B 629 16.83 15.99 19.93
N SER B 630 16.74 16.19 18.62
CA SER B 630 17.93 15.87 17.77
C SER B 630 17.99 16.71 16.51
N TRP B 631 18.94 16.35 15.63
CA TRP B 631 19.20 16.99 14.34
C TRP B 631 18.34 16.47 13.19
N SER B 632 17.49 15.48 13.50
CA SER B 632 16.67 14.83 12.53
C SER B 632 15.69 15.74 11.78
N SER B 633 15.34 15.35 10.53
CA SER B 633 14.28 16.02 9.78
C SER B 633 12.96 15.26 9.93
N ILE B 634 13.05 14.01 10.46
CA ILE B 634 11.88 13.17 10.66
C ILE B 634 12.02 12.57 12.06
N ASP B 635 11.02 12.80 12.93
CA ASP B 635 11.12 12.30 14.28
C ASP B 635 10.82 10.79 14.30
N TYR B 636 10.96 10.18 15.47
CA TYR B 636 10.88 8.71 15.67
C TYR B 636 9.58 8.12 15.15
N TYR B 637 8.50 8.93 15.18
CA TYR B 637 7.18 8.48 14.86
C TYR B 637 6.89 8.69 13.41
N GLY B 638 7.86 9.24 12.70
CA GLY B 638 7.71 9.40 11.25
C GLY B 638 7.11 10.75 10.88
N ASN B 639 6.96 11.63 11.86
CA ASN B 639 6.41 12.95 11.52
C ASN B 639 7.49 13.78 10.85
N TRP B 640 7.18 14.40 9.74
CA TRP B 640 8.19 15.22 9.10
C TRP B 640 8.29 16.51 9.90
N LYS B 641 9.52 16.93 10.23
CA LYS B 641 9.70 18.26 10.84
C LYS B 641 9.67 19.25 9.70
N ALA B 642 9.65 20.56 10.00
CA ALA B 642 9.79 21.55 8.93
C ALA B 642 10.99 21.29 8.04
N LEU B 643 12.09 20.83 8.64
CA LEU B 643 13.27 20.53 7.84
C LEU B 643 13.01 19.58 6.68
N HIS B 644 12.15 18.59 6.90
CA HIS B 644 12.01 17.59 5.83
C HIS B 644 11.31 18.23 4.62
N TYR B 645 10.30 19.06 4.89
CA TYR B 645 9.63 19.84 3.78
C TYR B 645 10.60 20.76 3.10
N GLN B 646 11.44 21.42 3.93
CA GLN B 646 12.40 22.40 3.37
C GLN B 646 13.47 21.73 2.53
N ALA B 647 13.87 20.53 2.94
CA ALA B 647 14.87 19.77 2.16
C ALA B 647 14.25 19.36 0.82
N LYS B 648 12.97 18.96 0.86
CA LYS B 648 12.25 18.54 -0.38
C LYS B 648 12.28 19.72 -1.37
N ARG B 649 11.97 20.90 -0.84
CA ARG B 649 12.00 22.08 -1.67
C ARG B 649 13.40 22.47 -2.13
N ALA B 650 14.38 22.45 -1.22
CA ALA B 650 15.77 22.84 -1.59
C ALA B 650 16.41 21.87 -2.56
N PHE B 651 15.86 20.65 -2.61
CA PHE B 651 16.36 19.59 -3.48
C PHE B 651 15.57 19.41 -4.80
N ALA B 652 14.58 20.29 -5.01
CA ALA B 652 13.76 20.17 -6.21
C ALA B 652 14.65 20.26 -7.44
N PRO B 653 14.38 19.38 -8.46
CA PRO B 653 15.19 19.33 -9.67
C PRO B 653 15.53 20.71 -10.25
N VAL B 654 14.55 21.60 -10.37
CA VAL B 654 14.86 23.02 -10.78
C VAL B 654 14.47 23.91 -9.62
N LEU B 655 15.42 24.77 -9.23
CA LEU B 655 15.26 25.61 -8.04
C LEU B 655 15.58 27.04 -8.47
N ILE B 656 14.67 27.98 -8.24
CA ILE B 656 15.09 29.41 -8.29
C ILE B 656 15.59 29.78 -6.86
N ASN B 657 16.79 30.34 -6.76
CA ASN B 657 17.41 30.58 -5.47
C ASN B 657 17.81 32.06 -5.40
N PRO B 658 16.93 32.91 -4.83
CA PRO B 658 17.29 34.33 -4.55
C PRO B 658 18.19 34.32 -3.33
N ILE B 659 19.32 34.97 -3.41
CA ILE B 659 20.27 35.02 -2.30
C ILE B 659 20.64 36.49 -2.07
N GLN B 660 20.46 36.96 -0.84
CA GLN B 660 20.69 38.38 -0.57
C GLN B 660 21.88 38.58 0.33
N GLN B 661 22.83 39.42 -0.08
CA GLN B 661 24.01 39.72 0.76
C GLN B 661 24.46 41.15 0.47
N ASN B 662 25.04 41.81 1.47
CA ASN B 662 25.56 43.18 1.34
C ASN B 662 24.54 44.10 0.67
N ASP B 663 23.29 44.02 1.12
CA ASP B 663 22.21 44.87 0.62
C ASP B 663 21.99 44.80 -0.88
N SER B 664 22.17 43.61 -1.45
CA SER B 664 21.96 43.35 -2.85
C SER B 664 21.38 41.93 -3.04
N LEU B 665 20.53 41.76 -4.04
CA LEU B 665 19.90 40.49 -4.33
C LEU B 665 20.46 39.91 -5.61
N SER B 666 20.84 38.63 -5.60
CA SER B 666 21.12 37.91 -6.84
C SER B 666 20.15 36.77 -6.90
N VAL B 667 19.79 36.36 -8.11
CA VAL B 667 18.88 35.25 -8.29
C VAL B 667 19.61 34.22 -9.16
N TYR B 668 19.72 32.99 -8.64
CA TYR B 668 20.34 31.91 -9.38
C TYR B 668 19.29 30.92 -9.79
N LEU B 669 19.50 30.31 -10.95
CA LEU B 669 18.63 29.25 -11.40
C LEU B 669 19.51 27.99 -11.35
N ILE B 670 19.00 26.94 -10.69
CA ILE B 670 19.84 25.73 -10.38
C ILE B 670 19.07 24.57 -10.95
N SER B 671 19.70 23.73 -11.78
CA SER B 671 19.01 22.60 -12.37
C SER B 671 19.85 21.34 -12.28
N ASP B 672 19.23 20.25 -11.84
CA ASP B 672 19.83 18.93 -11.89
C ASP B 672 19.21 18.10 -12.99
N ARG B 673 18.55 18.74 -13.94
CA ARG B 673 17.98 18.03 -15.09
C ARG B 673 19.09 17.63 -16.03
N LEU B 674 18.86 16.54 -16.76
CA LEU B 674 19.83 16.06 -17.76
C LEU B 674 19.76 16.88 -19.07
N ASP B 675 18.63 17.56 -19.26
CA ASP B 675 18.37 18.37 -20.45
C ASP B 675 18.48 19.89 -20.18
N THR B 676 19.04 20.64 -21.14
CA THR B 676 19.10 22.10 -21.03
C THR B 676 17.70 22.71 -21.23
N MET B 677 17.37 23.80 -20.56
CA MET B 677 16.07 24.46 -20.78
C MET B 677 16.37 25.78 -21.49
N GLU B 678 15.62 26.07 -22.54
CA GLU B 678 15.91 27.21 -23.42
C GLU B 678 14.76 28.21 -23.53
N GLN B 679 15.11 29.46 -23.83
CA GLN B 679 14.13 30.52 -23.97
C GLN B 679 13.22 30.57 -22.78
N MET B 680 13.79 30.61 -21.57
CA MET B 680 12.93 30.70 -20.38
C MET B 680 12.79 32.16 -19.97
N THR B 681 11.74 32.45 -19.21
CA THR B 681 11.57 33.77 -18.63
C THR B 681 11.51 33.73 -17.10
N LEU B 682 12.32 34.59 -16.45
CA LEU B 682 12.21 34.77 -14.99
C LEU B 682 11.34 36.01 -14.76
N GLU B 683 10.22 35.85 -14.04
CA GLU B 683 9.37 36.96 -13.69
C GLU B 683 9.32 37.14 -12.19
N MET B 684 9.54 38.37 -11.71
CA MET B 684 9.54 38.68 -10.28
C MET B 684 8.63 39.86 -9.96
N LYS B 685 7.99 39.84 -8.80
CA LYS B 685 7.32 41.06 -8.32
C LYS B 685 7.30 41.18 -6.83
N VAL B 686 7.31 42.42 -6.35
CA VAL B 686 7.23 42.72 -4.91
C VAL B 686 5.77 42.85 -4.52
N VAL B 687 5.39 42.15 -3.46
CA VAL B 687 4.00 42.10 -3.03
C VAL B 687 3.99 42.49 -1.55
N ASP B 688 3.07 43.37 -1.15
CA ASP B 688 3.09 43.74 0.24
C ASP B 688 2.30 42.69 0.98
N PHE B 689 2.31 42.74 2.30
CA PHE B 689 1.67 41.69 3.10
C PHE B 689 0.12 41.63 3.02
N ASP B 690 -0.51 42.54 2.26
CA ASP B 690 -1.96 42.49 2.00
C ASP B 690 -2.24 42.03 0.61
N GLY B 691 -1.21 41.86 -0.20
CA GLY B 691 -1.38 41.28 -1.51
C GLY B 691 -1.27 42.25 -2.66
N LYS B 692 -0.93 43.50 -2.34
CA LYS B 692 -0.80 44.55 -3.34
C LYS B 692 0.62 44.58 -3.91
N THR B 693 0.71 44.58 -5.24
CA THR B 693 1.99 44.68 -5.91
C THR B 693 2.55 46.07 -5.68
N LEU B 694 3.83 46.14 -5.30
CA LEU B 694 4.58 47.40 -5.23
C LEU B 694 5.47 47.49 -6.46
N GLY B 695 5.26 48.51 -7.28
CA GLY B 695 6.07 48.68 -8.50
C GLY B 695 5.56 47.83 -9.66
N LYS B 696 6.39 47.65 -10.69
CA LYS B 696 6.01 46.82 -11.84
C LYS B 696 6.65 45.41 -11.74
N LYS B 697 6.12 44.43 -12.48
CA LYS B 697 6.80 43.13 -12.66
C LYS B 697 8.13 43.39 -13.33
N ILE B 698 9.14 42.61 -12.95
CA ILE B 698 10.44 42.59 -13.57
C ILE B 698 10.51 41.30 -14.38
N GLN B 699 11.01 41.39 -15.60
CA GLN B 699 11.06 40.25 -16.52
C GLN B 699 12.49 40.09 -17.02
N VAL B 700 12.99 38.85 -17.01
CA VAL B 700 14.28 38.55 -17.62
C VAL B 700 13.99 37.47 -18.63
N HIS B 701 14.09 37.81 -19.93
CA HIS B 701 13.69 36.90 -21.00
C HIS B 701 14.92 36.26 -21.60
N SER B 702 14.72 35.29 -22.51
CA SER B 702 15.80 34.69 -23.31
C SER B 702 16.84 33.97 -22.43
N LEU B 703 16.35 33.35 -21.35
CA LEU B 703 17.23 32.63 -20.43
C LEU B 703 17.41 31.16 -20.81
N GLU B 704 18.66 30.70 -20.72
CA GLU B 704 18.97 29.28 -20.85
C GLU B 704 19.40 28.73 -19.46
N VAL B 705 18.84 27.55 -19.11
CA VAL B 705 19.24 26.82 -17.91
C VAL B 705 19.88 25.50 -18.33
N PRO B 706 21.21 25.49 -18.45
CA PRO B 706 21.96 24.28 -18.85
C PRO B 706 21.77 23.14 -17.85
N ALA B 707 21.80 21.93 -18.36
CA ALA B 707 21.71 20.72 -17.55
C ALA B 707 22.77 20.76 -16.45
N ASN B 708 22.37 20.38 -15.23
CA ASN B 708 23.35 20.19 -14.15
C ASN B 708 24.23 21.41 -13.89
N THR B 709 23.62 22.61 -13.75
CA THR B 709 24.37 23.84 -13.51
C THR B 709 23.63 24.73 -12.56
N SER B 710 24.37 25.68 -11.97
CA SER B 710 23.77 26.74 -11.16
C SER B 710 24.30 28.04 -11.81
N LYS B 711 23.42 28.94 -12.22
CA LYS B 711 23.89 30.15 -12.87
C LYS B 711 23.15 31.36 -12.35
N CYS B 712 23.88 32.45 -12.19
CA CYS B 712 23.30 33.75 -11.84
C CYS B 712 22.69 34.42 -13.07
N VAL B 713 21.43 34.85 -12.98
CA VAL B 713 20.72 35.42 -14.14
C VAL B 713 20.22 36.84 -13.83
N TYR B 714 20.31 37.27 -12.57
CA TYR B 714 19.79 38.58 -12.15
C TYR B 714 20.51 39.07 -10.88
N ARG B 715 20.90 40.36 -10.90
CA ARG B 715 21.55 41.03 -9.78
C ARG B 715 21.02 42.48 -9.69
N ALA B 716 20.58 42.90 -8.49
CA ALA B 716 20.10 44.30 -8.25
C ALA B 716 20.36 44.71 -6.80
N LYS B 717 20.88 45.92 -6.59
CA LYS B 717 21.00 46.53 -5.25
C LYS B 717 19.63 46.81 -4.65
N LEU B 718 19.50 46.70 -3.33
CA LEU B 718 18.26 47.07 -2.69
C LEU B 718 18.09 48.61 -2.65
N ASP B 719 19.21 49.32 -2.59
CA ASP B 719 19.20 50.80 -2.49
C ASP B 719 18.62 51.48 -3.73
N GLY B 720 17.50 52.20 -3.53
CA GLY B 720 16.79 52.87 -4.62
C GLY B 720 15.83 51.94 -5.33
N TRP B 721 15.65 50.74 -4.79
CA TRP B 721 14.66 49.84 -5.33
C TRP B 721 13.63 49.68 -4.24
N LEU B 722 14.11 49.41 -3.03
CA LEU B 722 13.23 49.12 -1.93
C LEU B 722 13.70 49.88 -0.71
N THR B 723 12.77 50.49 0.01
CA THR B 723 13.12 51.20 1.23
C THR B 723 13.26 50.20 2.39
N PRO B 724 14.00 50.58 3.46
CA PRO B 724 14.04 49.80 4.69
C PRO B 724 12.67 49.43 5.24
N GLU B 725 11.69 50.36 5.15
CA GLU B 725 10.28 50.06 5.47
C GLU B 725 9.69 48.99 4.52
N ASP B 726 9.83 49.18 3.20
CA ASP B 726 9.39 48.16 2.24
C ASP B 726 9.97 46.76 2.59
N CYS B 727 11.25 46.67 2.93
CA CYS B 727 11.90 45.39 3.28
C CYS B 727 11.25 44.66 4.45
N ARG B 728 10.61 45.41 5.36
CA ARG B 728 9.96 44.80 6.50
C ARG B 728 8.49 44.48 6.23
N ARG B 729 7.95 44.86 5.08
CA ARG B 729 6.50 44.79 4.91
C ARG B 729 6.09 44.19 3.58
N SER B 730 7.05 43.58 2.87
CA SER B 730 6.77 42.92 1.62
C SER B 730 7.72 41.72 1.35
N PHE B 731 7.48 41.03 0.25
CA PHE B 731 8.30 39.89 -0.17
C PHE B 731 8.37 39.89 -1.69
N LEU B 732 9.28 39.09 -2.22
CA LEU B 732 9.43 38.94 -3.67
C LEU B 732 8.89 37.59 -4.06
N LYS B 733 8.09 37.58 -5.12
CA LYS B 733 7.56 36.38 -5.70
C LYS B 733 8.35 36.20 -6.96
N LEU B 734 8.77 34.96 -7.23
CA LEU B 734 9.60 34.70 -8.37
C LEU B 734 8.99 33.49 -9.09
N ILE B 735 8.84 33.58 -10.41
CA ILE B 735 8.43 32.36 -11.14
C ILE B 735 9.34 32.17 -12.31
N LEU B 736 9.51 30.92 -12.74
CA LEU B 736 10.25 30.67 -13.96
C LEU B 736 9.30 29.98 -14.92
N LYS B 737 9.27 30.48 -16.17
CA LYS B 737 8.32 30.02 -17.19
C LYS B 737 9.05 29.63 -18.47
N ASP B 738 8.53 28.62 -19.17
CA ASP B 738 9.06 28.24 -20.51
C ASP B 738 8.55 29.22 -21.59
N LYS B 739 9.02 29.07 -22.82
CA LYS B 739 8.55 29.92 -23.95
C LYS B 739 7.02 29.97 -24.10
N SER B 740 6.34 28.85 -23.83
CA SER B 740 4.87 28.83 -23.92
C SER B 740 4.20 29.58 -22.78
N GLY B 741 4.97 29.99 -21.76
CA GLY B 741 4.40 30.58 -20.52
C GLY B 741 3.99 29.58 -19.43
N HIS B 742 4.48 28.36 -19.52
CA HIS B 742 4.16 27.34 -18.51
C HIS B 742 5.15 27.48 -17.33
N GLN B 743 4.63 27.53 -16.11
CA GLN B 743 5.48 27.67 -14.92
C GLN B 743 6.24 26.39 -14.55
N VAL B 744 7.56 26.49 -14.49
CA VAL B 744 8.45 25.37 -14.21
C VAL B 744 8.91 25.39 -12.71
N ALA B 745 8.85 26.56 -12.07
CA ALA B 745 9.31 26.72 -10.68
C ALA B 745 8.85 28.06 -10.11
N GLU B 746 8.75 28.13 -8.79
CA GLU B 746 8.46 29.37 -8.14
C GLU B 746 9.21 29.44 -6.81
N SER B 747 9.44 30.67 -6.32
CA SER B 747 10.09 30.91 -5.03
CA SER B 747 10.06 30.88 -5.01
C SER B 747 9.49 32.15 -4.39
N VAL B 748 9.72 32.30 -3.08
CA VAL B 748 9.38 33.50 -2.35
C VAL B 748 10.65 33.92 -1.58
N HIS B 749 10.95 35.23 -1.56
CA HIS B 749 12.10 35.72 -0.85
C HIS B 749 11.66 36.86 0.11
N PHE B 750 12.09 36.77 1.37
CA PHE B 750 11.91 37.85 2.35
C PHE B 750 13.21 38.63 2.45
N PHE B 751 13.08 39.96 2.64
CA PHE B 751 14.26 40.86 2.58
C PHE B 751 14.88 41.12 3.97
N ARG B 752 14.21 40.63 5.00
CA ARG B 752 14.60 40.84 6.38
C ARG B 752 14.35 39.52 7.16
N LYS B 753 15.05 39.38 8.28
CA LYS B 753 14.84 38.32 9.25
C LYS B 753 13.43 38.32 9.76
N THR B 754 12.90 37.13 10.04
CA THR B 754 11.54 37.04 10.45
C THR B 754 11.18 37.89 11.67
N LYS B 755 12.06 37.95 12.70
CA LYS B 755 11.85 38.87 13.84
C LYS B 755 11.69 40.36 13.46
N ASP B 756 12.20 40.74 12.30
CA ASP B 756 12.22 42.12 11.80
C ASP B 756 11.07 42.45 10.83
N LEU B 757 10.26 41.43 10.49
CA LEU B 757 9.09 41.63 9.60
C LEU B 757 7.93 42.20 10.40
N GLN B 758 7.14 43.07 9.76
CA GLN B 758 5.96 43.59 10.41
C GLN B 758 4.83 42.72 9.97
N LEU B 759 4.67 41.60 10.67
CA LEU B 759 3.67 40.60 10.32
C LEU B 759 2.26 41.05 10.74
N PRO B 760 1.27 40.90 9.83
CA PRO B 760 -0.09 41.40 10.18
C PRO B 760 -0.86 40.42 11.05
N PRO B 761 -1.89 40.91 11.77
CA PRO B 761 -2.73 40.06 12.64
C PRO B 761 -3.74 39.32 11.75
N THR B 762 -3.19 38.40 10.95
CA THR B 762 -3.90 37.83 9.83
C THR B 762 -5.00 36.93 10.32
N SER B 763 -6.03 36.79 9.51
CA SER B 763 -7.11 35.87 9.82
C SER B 763 -6.97 34.68 8.85
N VAL B 764 -6.70 33.50 9.41
CA VAL B 764 -6.58 32.30 8.59
C VAL B 764 -7.82 31.43 8.69
N SER B 765 -8.51 31.24 7.59
CA SER B 765 -9.66 30.37 7.62
C SER B 765 -9.42 29.13 6.77
N TYR B 766 -10.16 28.07 7.07
CA TYR B 766 -10.05 26.83 6.29
C TYR B 766 -11.37 26.05 6.25
N GLN B 767 -11.64 25.45 5.10
CA GLN B 767 -12.71 24.46 4.93
C GLN B 767 -12.07 23.05 4.85
N MET B 768 -12.78 22.06 5.41
CA MET B 768 -12.28 20.70 5.57
C MET B 768 -13.30 19.73 4.96
N LYS B 769 -12.86 19.02 3.91
CA LYS B 769 -13.60 17.91 3.24
C LYS B 769 -12.92 16.63 3.71
N GLN B 770 -13.55 15.95 4.66
CA GLN B 770 -13.01 14.72 5.21
C GLN B 770 -13.58 13.41 4.57
N THR B 771 -12.71 12.51 4.14
CA THR B 771 -13.13 11.20 3.63
C THR B 771 -12.43 10.07 4.39
N ASP B 772 -12.54 8.84 3.91
CA ASP B 772 -11.82 7.70 4.47
C ASP B 772 -10.35 7.80 4.21
N GLY B 773 -9.57 7.85 5.28
CA GLY B 773 -8.11 7.95 5.14
C GLY B 773 -7.52 9.25 4.56
N LYS B 774 -8.35 10.27 4.35
CA LYS B 774 -7.93 11.49 3.69
C LYS B 774 -8.78 12.67 4.16
N CYS B 775 -8.09 13.75 4.54
CA CYS B 775 -8.72 15.03 4.90
CA CYS B 775 -8.75 14.98 4.88
C CYS B 775 -8.13 16.04 3.96
N GLU B 776 -8.99 16.79 3.24
CA GLU B 776 -8.54 17.86 2.34
C GLU B 776 -8.84 19.18 3.05
N LEU B 777 -7.86 20.08 3.05
CA LEU B 777 -8.07 21.41 3.63
C LEU B 777 -7.88 22.40 2.54
N THR B 778 -8.68 23.47 2.58
CA THR B 778 -8.38 24.66 1.79
C THR B 778 -8.15 25.80 2.77
N LEU B 779 -7.02 26.47 2.61
CA LEU B 779 -6.63 27.53 3.51
C LEU B 779 -6.68 28.81 2.77
N PHE B 780 -7.11 29.85 3.46
CA PHE B 780 -7.11 31.15 2.82
C PHE B 780 -6.82 32.21 3.86
N SER B 781 -6.15 33.26 3.43
CA SER B 781 -5.98 34.45 4.25
C SER B 781 -5.84 35.64 3.31
N SER B 782 -6.53 36.74 3.61
CA SER B 782 -6.32 37.99 2.89
C SER B 782 -4.95 38.62 3.15
N MET B 783 -4.27 38.18 4.21
CA MET B 783 -2.96 38.71 4.56
C MET B 783 -1.92 37.59 4.72
N LEU B 784 -0.63 37.92 4.54
CA LEU B 784 0.45 36.93 4.76
C LEU B 784 0.31 36.23 6.11
N ALA B 785 0.34 34.88 6.15
CA ALA B 785 0.62 34.14 7.37
C ALA B 785 1.95 33.39 7.20
N LYS B 786 2.85 33.58 8.18
CA LYS B 786 4.25 33.18 8.04
C LYS B 786 4.45 31.76 8.63
N ASP B 787 5.05 30.87 7.85
CA ASP B 787 5.48 29.58 8.32
C ASP B 787 4.37 28.77 8.93
N ILE B 788 3.28 28.61 8.19
CA ILE B 788 2.12 27.95 8.73
C ILE B 788 2.43 26.52 9.10
N PHE B 789 2.02 26.08 10.27
CA PHE B 789 2.13 24.70 10.72
C PHE B 789 0.72 24.20 10.99
N ILE B 790 0.29 23.23 10.17
CA ILE B 790 -0.96 22.51 10.40
C ILE B 790 -0.67 21.33 11.31
N GLU B 791 -1.14 21.45 12.55
CA GLU B 791 -0.82 20.47 13.54
C GLU B 791 -2.07 19.62 13.79
N THR B 792 -1.89 18.29 13.74
CA THR B 792 -2.96 17.34 14.11
C THR B 792 -2.42 16.41 15.20
N PRO B 793 -3.32 15.74 15.95
CA PRO B 793 -2.80 14.91 17.01
C PRO B 793 -2.47 13.46 16.56
N LEU B 794 -2.73 13.11 15.31
CA LEU B 794 -2.52 11.75 14.84
C LEU B 794 -1.03 11.51 14.55
N GLN B 795 -0.41 10.61 15.30
CA GLN B 795 0.96 10.21 14.99
C GLN B 795 1.13 9.74 13.55
N GLY B 796 2.16 10.25 12.90
CA GLY B 796 2.56 9.80 11.58
C GLY B 796 1.68 10.25 10.44
N ALA B 797 0.75 11.19 10.69
CA ALA B 797 -0.07 11.67 9.58
C ALA B 797 0.83 12.27 8.56
N ARG B 798 0.44 12.13 7.31
CA ARG B 798 1.19 12.61 6.18
C ARG B 798 0.50 13.79 5.52
N TYR B 799 1.27 14.81 5.16
CA TYR B 799 0.65 16.00 4.57
C TYR B 799 1.16 16.21 3.17
N SER B 800 0.30 16.67 2.26
CA SER B 800 0.80 17.06 0.95
C SER B 800 1.79 18.22 1.10
N ASP B 801 1.58 19.09 2.10
CA ASP B 801 2.57 20.18 2.37
C ASP B 801 2.35 20.68 3.80
N ASN B 802 3.37 21.33 4.35
CA ASN B 802 3.26 21.88 5.71
C ASN B 802 4.44 22.83 5.90
N PHE B 803 4.37 23.70 6.91
CA PHE B 803 5.52 24.62 7.15
C PHE B 803 5.83 25.47 5.92
N PHE B 804 4.76 26.09 5.34
CA PHE B 804 4.84 26.95 4.20
C PHE B 804 4.21 28.32 4.55
N ASP B 805 4.61 29.35 3.84
CA ASP B 805 3.99 30.67 4.00
C ASP B 805 2.65 30.72 3.24
N LEU B 806 1.64 31.27 3.88
CA LEU B 806 0.34 31.42 3.19
C LEU B 806 0.26 32.84 2.65
N LEU B 807 0.27 32.99 1.31
CA LEU B 807 0.47 34.29 0.70
C LEU B 807 -0.86 35.03 0.73
N PRO B 808 -0.84 36.37 0.77
CA PRO B 808 -2.12 37.11 0.82
C PRO B 808 -2.99 36.80 -0.39
N GLY B 809 -4.21 36.31 -0.11
CA GLY B 809 -5.20 36.07 -1.15
C GLY B 809 -4.93 34.90 -2.09
N GLU B 810 -3.98 34.04 -1.75
CA GLU B 810 -3.75 32.82 -2.56
C GLU B 810 -4.14 31.57 -1.77
N ARG B 811 -5.25 30.94 -2.20
CA ARG B 811 -5.82 29.72 -1.59
C ARG B 811 -4.83 28.56 -1.67
N LYS B 812 -4.84 27.70 -0.65
CA LYS B 812 -3.87 26.60 -0.55
C LYS B 812 -4.58 25.32 -0.17
N LYS B 813 -4.54 24.32 -1.04
CA LYS B 813 -5.15 23.02 -0.68
C LYS B 813 -4.08 22.11 -0.03
N VAL B 814 -4.40 21.54 1.13
CA VAL B 814 -3.53 20.59 1.81
C VAL B 814 -4.27 19.29 2.02
N ILE B 815 -3.67 18.18 1.60
CA ILE B 815 -4.26 16.88 1.92
C ILE B 815 -3.48 16.19 3.06
N ILE B 816 -4.19 15.62 4.00
CA ILE B 816 -3.63 14.92 5.15
C ILE B 816 -4.17 13.48 5.09
N THR B 817 -3.25 12.51 5.00
CA THR B 817 -3.65 11.11 4.97
C THR B 817 -3.20 10.44 6.25
N SER B 818 -4.03 9.54 6.76
CA SER B 818 -3.67 8.63 7.80
C SER B 818 -4.70 7.51 7.77
N PRO B 819 -4.23 6.26 8.01
CA PRO B 819 -5.22 5.19 8.04
C PRO B 819 -6.17 5.37 9.23
N ARG B 820 -5.81 6.22 10.22
CA ARG B 820 -6.71 6.55 11.35
C ARG B 820 -7.72 7.71 11.07
N ILE B 821 -7.74 8.23 9.85
CA ILE B 821 -8.81 9.16 9.46
C ILE B 821 -9.97 8.33 8.87
N LYS B 822 -11.09 8.41 9.60
CA LYS B 822 -12.36 7.77 9.25
C LYS B 822 -13.46 8.83 9.05
N LYS B 823 -13.79 9.08 7.77
CA LYS B 823 -14.93 9.91 7.36
C LYS B 823 -16.08 9.81 8.37
N GLY B 824 -16.66 10.95 8.72
CA GLY B 824 -17.67 11.01 9.78
C GLY B 824 -17.03 11.04 11.15
N GLU B 826 -14.37 14.09 12.88
CA GLU B 826 -13.65 15.27 12.39
C GLU B 826 -12.25 15.29 13.02
N LEU B 827 -11.23 15.35 12.17
CA LEU B 827 -9.83 15.46 12.64
C LEU B 827 -9.59 16.86 13.32
N PRO B 828 -9.15 16.89 14.60
CA PRO B 828 -8.74 18.16 15.18
C PRO B 828 -7.52 18.74 14.42
N VAL B 829 -7.57 20.03 14.11
CA VAL B 829 -6.55 20.78 13.39
C VAL B 829 -6.25 22.04 14.23
N ASN B 830 -4.97 22.44 14.27
CA ASN B 830 -4.53 23.62 15.00
C ASN B 830 -3.54 24.29 14.06
N ILE B 831 -3.87 25.46 13.55
CA ILE B 831 -2.99 26.08 12.56
C ILE B 831 -2.19 27.11 13.30
N LYS B 832 -0.86 26.97 13.27
CA LYS B 832 0.00 27.95 13.95
C LYS B 832 0.71 28.78 12.89
N HIS B 833 1.02 30.04 13.20
CA HIS B 833 1.88 30.83 12.32
C HIS B 833 2.62 31.85 13.17
N ILE B 834 3.64 32.47 12.61
CA ILE B 834 4.65 33.10 13.45
C ILE B 834 4.04 34.29 14.27
N ARG B 835 3.24 35.11 13.62
CA ARG B 835 2.66 36.31 14.33
C ARG B 835 2.00 35.92 15.64
N GLU B 836 1.42 34.71 15.70
CA GLU B 836 0.70 34.29 16.89
C GLU B 836 1.59 33.98 18.04
N THR B 837 2.89 33.97 17.82
CA THR B 837 3.75 33.47 18.87
C THR B 837 4.31 34.55 19.79
N TYR B 838 3.93 35.81 19.54
CA TYR B 838 4.42 36.86 20.42
C TYR B 838 3.33 37.96 20.66
N LYS B 839 3.55 38.70 21.73
CA LYS B 839 2.68 39.78 22.22
C LYS B 839 3.52 41.04 22.04
N GLU B 840 3.03 42.02 21.29
CA GLU B 840 3.75 43.26 21.44
C GLU B 840 3.16 44.22 22.43
N HIS B 841 4.06 45.08 22.92
CA HIS B 841 3.75 46.11 23.89
C HIS B 841 3.74 47.53 23.28
N HIS B 842 3.16 48.48 24.03
CA HIS B 842 2.95 49.86 23.50
C HIS B 842 4.12 50.58 22.78
O6B NHV C . -33.98 -11.59 -3.67
C6B NHV C . -32.56 -11.53 -3.63
C5B NHV C . -31.98 -11.36 -5.04
C4B NHV C . -32.24 -9.96 -5.63
O4B NHV C . -31.87 -8.96 -4.66
C3B NHV C . -31.51 -9.70 -6.97
O3B NHV C . -32.32 -8.84 -7.80
O2B NHV C . -31.05 -10.99 -9.14
N1B NHV C . -32.55 -12.25 -6.08
C8B NHV C . -33.52 -13.18 -6.01
C7B NHV C . -33.77 -13.54 -7.33
N2B NHV C . -32.89 -12.90 -8.14
C1B NHV C . -32.20 -12.06 -7.33
C7 NHV C . -34.76 -14.57 -7.75
N1 NHV C . -35.96 -13.97 -8.33
C1 NHV C . -36.95 -13.33 -7.62
C6 NHV C . -37.08 -13.49 -6.23
C5 NHV C . -38.12 -12.82 -5.54
C4 NHV C . -39.03 -11.98 -6.21
C3 NHV C . -38.92 -11.83 -7.60
C2 NHV C . -37.89 -12.51 -8.29
C20 NHV C . -31.17 -11.01 -7.70
C1 EDO D . -19.53 -3.70 2.28
O1 EDO D . -20.63 -4.63 2.19
C2 EDO D . -19.45 -2.75 1.08
O2 EDO D . -20.62 -2.77 0.23
C1 EDO E . -29.82 -25.36 -10.79
O1 EDO E . -28.96 -25.19 -9.67
C2 EDO E . -31.14 -25.50 -10.02
O2 EDO E . -31.64 -24.24 -9.59
C1 EDO F . -6.61 -4.91 -22.55
O1 EDO F . -6.40 -4.71 -21.13
C2 EDO F . -7.65 -5.97 -22.90
O2 EDO F . -8.94 -5.47 -22.53
C1 EDO G . -11.31 -8.58 -25.23
O1 EDO G . -11.45 -9.50 -24.10
C2 EDO G . -10.61 -9.27 -26.43
O2 EDO G . -9.38 -9.87 -25.99
C1 EDO H . -35.16 -17.90 -17.63
O1 EDO H . -35.56 -18.43 -16.30
C2 EDO H . -36.30 -17.89 -18.63
O2 EDO H . -36.34 -19.01 -19.57
C1 EDO I . -34.36 -15.31 19.01
O1 EDO I . -35.09 -16.51 19.30
C2 EDO I . -34.80 -14.18 19.92
O2 EDO I . -35.98 -13.63 19.35
C1 EDO J . -27.40 -17.56 -24.98
O1 EDO J . -27.38 -18.66 -25.88
C2 EDO J . -28.82 -16.97 -25.10
O2 EDO J . -29.03 -16.66 -26.48
C1 EDO K . -20.65 -31.01 8.32
O1 EDO K . -19.23 -31.18 8.38
C2 EDO K . -20.95 -29.67 7.67
O2 EDO K . -20.82 -28.62 8.64
C1 EDO L . -22.47 -36.75 -4.56
O1 EDO L . -23.37 -36.48 -5.65
C2 EDO L . -21.02 -36.71 -5.02
O2 EDO L . -20.77 -35.54 -5.82
C1 EDO M . -19.24 8.09 -26.33
O1 EDO M . -18.01 7.74 -25.65
C2 EDO M . -20.11 9.01 -25.50
O2 EDO M . -19.48 10.31 -25.32
C1 EDO N . -5.91 -9.86 9.53
O1 EDO N . -5.49 -9.67 8.17
C2 EDO N . -4.68 -10.36 10.25
O2 EDO N . -4.11 -11.40 9.44
C1 EDO O . -33.20 28.74 -5.45
O1 EDO O . -33.97 28.25 -4.35
C2 EDO O . -34.16 29.52 -6.34
O2 EDO O . -35.27 28.67 -6.71
C1 EDO P . -36.38 -9.89 -6.68
O1 EDO P . -35.65 -8.89 -5.97
C2 EDO P . -35.92 -9.85 -8.12
O2 EDO P . -34.68 -10.50 -8.46
C1 EDO Q . -25.83 -28.46 5.21
O1 EDO Q . -27.19 -28.52 5.71
C2 EDO Q . -24.95 -27.61 6.15
O2 EDO Q . -25.71 -26.48 6.60
C1 EDO R . -40.20 20.16 -12.90
O1 EDO R . -38.92 20.49 -12.35
C2 EDO R . -40.55 18.79 -12.35
O2 EDO R . -40.50 18.86 -10.91
C1 EDO S . -7.06 0.51 -17.88
O1 EDO S . -6.31 1.77 -17.66
C2 EDO S . -8.08 0.49 -19.02
O2 EDO S . -8.97 1.68 -19.09
C1 EDO T . -15.52 8.98 -9.30
O1 EDO T . -15.44 8.24 -10.50
C2 EDO T . -14.14 9.63 -9.17
O2 EDO T . -13.99 10.17 -7.85
C1 EDO U . -31.01 24.88 1.51
O1 EDO U . -32.14 25.34 0.71
C2 EDO U . -31.23 23.42 1.84
O2 EDO U . -32.58 23.24 2.34
C1 EDO V . -41.93 17.76 -15.48
O1 EDO V . -40.60 18.36 -15.46
C2 EDO V . -41.89 16.57 -16.43
O2 EDO V . -41.88 16.91 -17.83
C1 EDO W . -39.57 -20.24 -10.67
O1 EDO W . -40.33 -21.11 -9.81
C2 EDO W . -40.42 -19.12 -11.27
O2 EDO W . -39.60 -17.97 -11.63
BR BR X . -13.82 24.98 -27.19
BR BR Y . -9.97 10.86 -40.34
BR BR Z . -15.24 19.46 -26.85
BR BR AA . -26.22 -39.43 5.65
C1 EDO BA . -8.61 -20.02 -9.94
O1 EDO BA . -8.36 -18.72 -10.48
C2 EDO BA . -9.09 -20.90 -11.09
O2 EDO BA . -10.39 -21.48 -10.77
C1 EDO CA . -14.59 6.89 -5.66
O1 EDO CA . -13.23 6.51 -5.83
C2 EDO CA . -14.55 8.16 -4.81
O2 EDO CA . -15.87 8.46 -4.34
C1 EDO DA . -26.13 -21.30 -27.66
O1 EDO DA . -25.07 -20.76 -28.44
C2 EDO DA . -26.17 -22.76 -28.06
O2 EDO DA . -26.61 -22.79 -29.41
C1 EDO EA . -9.15 4.53 -35.37
O1 EDO EA . -9.86 3.65 -36.25
C2 EDO EA . -10.02 5.69 -34.87
O2 EDO EA . -11.38 5.30 -34.60
C1 EDO FA . -5.05 -37.25 10.29
O1 EDO FA . -4.50 -37.43 11.60
C2 EDO FA . -5.52 -35.80 10.14
O2 EDO FA . -5.01 -34.99 11.21
BR BR GA . -28.73 -11.58 -28.37
O6B NHV HA . 26.70 15.64 17.29
C6B NHV HA . 25.88 15.24 16.18
C5B NHV HA . 26.66 14.35 15.21
C4B NHV HA . 26.85 12.90 15.74
O4B NHV HA . 25.56 12.41 16.17
C3B NHV HA . 27.55 11.97 14.69
O3B NHV HA . 28.50 11.16 15.39
O2B NHV HA . 29.31 12.09 12.80
N1B NHV HA . 28.00 14.86 14.81
C8B NHV HA . 28.74 15.87 15.29
C7B NHV HA . 30.00 15.73 14.74
N2B NHV HA . 29.99 14.64 13.92
C1B NHV HA . 28.78 14.06 14.08
C7 NHV HA . 31.13 16.71 14.93
N1 NHV HA . 32.12 16.19 15.86
C1 NHV HA . 31.92 16.21 17.25
C6 NHV HA . 30.87 16.95 17.83
C5 NHV HA . 30.69 16.96 19.22
C4 NHV HA . 31.55 16.23 20.05
C3 NHV HA . 32.58 15.49 19.49
C2 NHV HA . 32.76 15.50 18.10
C20 NHV HA . 28.26 12.73 13.54
C1 EDO IA . 33.43 23.47 5.05
O1 EDO IA . 32.05 23.75 4.79
C2 EDO IA . 33.65 24.19 6.37
O2 EDO IA . 33.23 23.34 7.45
C1 EDO JA . 42.18 10.07 1.52
O1 EDO JA . 43.13 9.00 1.32
C2 EDO JA . 41.41 10.29 0.21
O2 EDO JA . 42.25 10.95 -0.72
C1 EDO KA . 30.60 -13.21 31.52
O1 EDO KA . 30.99 -14.02 30.40
C2 EDO KA . 29.17 -13.53 31.91
O2 EDO KA . 28.81 -14.74 31.25
C1 EDO LA . 32.94 -24.46 19.47
O1 EDO LA . 34.02 -23.91 20.22
C2 EDO LA . 32.94 -23.93 18.06
O2 EDO LA . 33.50 -24.95 17.23
C1 EDO MA . 19.02 -21.38 33.45
O1 EDO MA . 20.10 -20.67 34.07
C2 EDO MA . 17.99 -20.39 32.93
O2 EDO MA . 17.73 -19.46 33.99
C1 EDO NA . 7.56 3.50 15.92
O1 EDO NA . 6.27 3.74 16.50
C2 EDO NA . 7.85 4.53 14.85
O2 EDO NA . 7.03 4.27 13.70
C1 EDO OA . 30.11 -1.49 -8.77
O1 EDO OA . 29.75 -0.11 -8.65
C2 EDO OA . 30.84 -1.71 -10.12
O2 EDO OA . 30.14 -1.14 -11.26
C1 EDO PA . 12.76 6.71 11.36
O1 EDO PA . 13.91 6.43 12.18
C2 EDO PA . 11.98 7.88 11.93
O2 EDO PA . 12.82 9.06 12.15
C1 EDO QA . 30.97 12.74 17.51
O1 EDO QA . 30.46 12.77 16.15
C2 EDO QA . 30.12 13.44 18.56
O2 EDO QA . 28.94 12.74 18.90
C1 EDO RA . 14.39 33.93 4.40
O1 EDO RA . 14.65 32.78 5.23
C2 EDO RA . 14.36 33.49 2.95
O2 EDO RA . 13.47 34.35 2.21
C1 EDO SA . 33.16 19.08 16.69
O1 EDO SA . 34.15 18.29 15.97
C2 EDO SA . 33.75 19.82 17.89
O2 EDO SA . 34.43 18.87 18.73
C1 EDO TA . 23.30 21.92 -8.15
O1 EDO TA . 22.35 20.81 -7.95
C2 EDO TA . 23.04 22.56 -9.52
O2 EDO TA . 23.18 21.56 -10.54
C1 EDO UA . 25.96 -3.47 -9.33
O1 EDO UA . 26.35 -3.90 -7.99
C2 EDO UA . 24.84 -4.33 -9.89
O2 EDO UA . 23.54 -4.16 -9.23
C1 EDO VA . 17.36 38.51 4.39
O1 EDO VA . 17.55 38.32 5.81
C2 EDO VA . 17.51 37.20 3.63
O2 EDO VA . 16.33 36.39 3.78
C1 EDO WA . 12.57 -15.09 32.53
O1 EDO WA . 13.56 -15.76 33.33
C2 EDO WA . 12.61 -13.70 33.14
O2 EDO WA . 12.34 -12.85 32.08
C1 EDO XA . 19.49 14.28 -9.09
O1 EDO XA . 19.53 12.86 -9.12
C2 EDO XA . 20.84 14.77 -9.60
O2 EDO XA . 21.50 15.77 -8.76
C1 EDO YA . -0.16 12.73 2.08
O1 EDO YA . 0.67 11.88 1.26
C2 EDO YA . -1.17 13.45 1.20
O2 EDO YA . -0.46 14.02 0.09
C1 EDO ZA . 38.06 20.16 15.73
O1 EDO ZA . 37.41 19.05 15.07
C2 EDO ZA . 37.07 21.15 16.34
O2 EDO ZA . 37.29 22.47 15.79
C1 EDO AB . 34.66 -13.49 29.80
O1 EDO AB . 36.07 -13.40 29.56
C2 EDO AB . 34.34 -12.41 30.80
O2 EDO AB . 33.34 -12.84 31.70
C1 EDO BB . 21.31 -7.48 -5.01
O1 EDO BB . 21.76 -8.47 -4.00
C2 EDO BB . 19.80 -7.32 -5.13
O2 EDO BB . 18.99 -8.52 -5.26
C1 EDO CB . 25.37 36.28 14.10
O1 EDO CB . 25.97 35.55 15.18
C2 EDO CB . 23.91 36.62 14.34
O2 EDO CB . 23.15 36.59 13.09
BR BR DB . 25.77 -31.10 6.70
BR BR EB . 21.54 42.04 3.17
BR BR FB . 43.34 3.95 2.31
CL CL GB . 27.78 -25.86 5.51
CL CL HB . 19.04 35.33 1.27
C1 EDO IB . 34.27 19.04 -11.13
O1 EDO IB . 34.90 19.35 -9.87
C2 EDO IB . 32.81 18.69 -10.82
O2 EDO IB . 32.02 18.66 -12.01
CL CL JB . 32.15 -0.97 -15.43
C1 EDO KB . 4.44 13.64 5.23
O1 EDO KB . 4.03 14.76 6.03
C2 EDO KB . 4.75 14.10 3.82
O2 EDO KB . 3.66 13.74 3.01
C1 EDO LB . 20.92 4.72 21.10
O1 EDO LB . 22.05 5.55 21.31
C2 EDO LB . 19.88 5.55 20.40
O2 EDO LB . 18.75 4.75 20.35
CL CL MB . 21.81 8.30 -15.40
C1 EDO NB . 36.03 23.67 -9.49
O1 EDO NB . 35.03 22.76 -9.97
C2 EDO NB . 37.25 23.41 -10.37
O2 EDO NB . 38.31 22.87 -9.58
C1 EDO OB . 9.41 5.84 10.01
O1 EDO OB . 9.52 4.80 9.00
C2 EDO OB . 9.32 7.21 9.36
O2 EDO OB . 10.30 7.42 8.33
C1 EDO PB . 44.10 13.57 -4.70
O1 EDO PB . 45.44 13.06 -4.78
C2 EDO PB . 43.35 12.71 -3.72
O2 EDO PB . 43.67 11.39 -4.15
CL CL QB . 22.44 -11.50 -0.52
#